data_4BGI
#
_entry.id   4BGI
#
_cell.length_a   100.442
_cell.length_b   82.450
_cell.length_c   189.645
_cell.angle_alpha   90.00
_cell.angle_beta   95.63
_cell.angle_gamma   90.00
#
_symmetry.space_group_name_H-M   'C 1 2 1'
#
loop_
_entity.id
_entity.type
_entity.pdbx_description
1 polymer 'Enoyl-[acyl-carrier-protein] reductase [NADH]'
2 non-polymer 3-hydroxy-N-[(2R,5R,6S,9S,10S,11R)-10-hydroxy-5,11-dimethyl-3,7,12-trioxo-2-(propan-2-yl)-9-(pyridin-3-ylmethyl)-1,4-dioxa-8-azacyclododecan-6-yl]pyridine-2-carboxamide
3 non-polymer NICOTINAMIDE-ADENINE-DINUCLEOTIDE
4 water water
#
_entity_poly.entity_id   1
_entity_poly.type   'polypeptide(L)'
_entity_poly.pdbx_seq_one_letter_code
;MDIEFTGLLDGKRILVSGIITDSSIAFHIARVAQEQGAQLVLTGFDRLRLIQRITDRLPAKAPLLELDVQNEEHLASLAG
RVTEAIGAGNKLDGVVHAIGFMPQTGMGINPFFDAPYADVSKGIHISAYSYASMAKALLPIMNPGGSIVGMDFDPSRAMP
AYNWMTVAKSALESVNRFVAREAGKYGVRSNLVAAGPIRTLAMSAIVGGALGEEAGAQIQLLEEGWDQRAPIGWNMKDAT
PVAKTVCALLSDWLPATTGDIIYADGGAHTQLLGSHHHHHH
;
_entity_poly.pdbx_strand_id   A,B,C,D,E,F
#
loop_
_chem_comp.id
_chem_comp.type
_chem_comp.name
_chem_comp.formula
I4I non-polymer 3-hydroxy-N-[(2R,5R,6S,9S,10S,11R)-10-hydroxy-5,11-dimethyl-3,7,12-trioxo-2-(propan-2-yl)-9-(pyridin-3-ylmethyl)-1,4-dioxa-8-azacyclododecan-6-yl]pyridine-2-carboxamide 'C26 H32 N4 O8'
NAD non-polymer NICOTINAMIDE-ADENINE-DINUCLEOTIDE 'C21 H27 N7 O14 P2'
#
# COMPACT_ATOMS: atom_id res chain seq x y z
N GLY A 7 -21.29 -4.63 -2.01
CA GLY A 7 -22.49 -4.76 -1.20
C GLY A 7 -22.43 -5.91 -0.22
N LEU A 8 -23.21 -5.80 0.88
CA LEU A 8 -23.31 -6.79 1.97
C LEU A 8 -23.79 -8.14 1.46
N LEU A 9 -24.72 -8.13 0.49
CA LEU A 9 -25.33 -9.34 -0.08
C LEU A 9 -24.94 -9.53 -1.56
N ASP A 10 -23.74 -9.03 -1.96
CA ASP A 10 -23.24 -9.10 -3.34
C ASP A 10 -23.12 -10.52 -3.89
N GLY A 11 -23.82 -10.75 -5.00
CA GLY A 11 -23.82 -12.03 -5.69
C GLY A 11 -24.63 -13.14 -5.04
N LYS A 12 -25.45 -12.81 -4.04
CA LYS A 12 -26.29 -13.79 -3.35
C LYS A 12 -27.69 -13.91 -3.97
N ARG A 13 -28.16 -15.15 -4.19
CA ARG A 13 -29.51 -15.42 -4.70
C ARG A 13 -30.42 -15.65 -3.51
N ILE A 14 -31.40 -14.76 -3.33
CA ILE A 14 -32.25 -14.84 -2.14
C ILE A 14 -33.73 -14.91 -2.50
N LEU A 15 -34.44 -15.92 -1.96
CA LEU A 15 -35.88 -16.08 -2.12
C LEU A 15 -36.55 -15.30 -0.97
N VAL A 16 -37.49 -14.39 -1.29
CA VAL A 16 -38.22 -13.57 -0.33
C VAL A 16 -39.72 -13.81 -0.47
N SER A 17 -40.34 -14.34 0.58
CA SER A 17 -41.78 -14.59 0.63
C SER A 17 -42.51 -13.48 1.41
N GLY A 18 -43.82 -13.44 1.25
CA GLY A 18 -44.70 -12.54 1.99
C GLY A 18 -44.84 -11.09 1.58
N ILE A 19 -44.41 -10.70 0.37
CA ILE A 19 -44.61 -9.30 -0.05
C ILE A 19 -46.07 -9.21 -0.53
N ILE A 20 -46.87 -8.38 0.16
CA ILE A 20 -48.29 -8.16 -0.12
C ILE A 20 -48.57 -6.66 -0.35
N THR A 21 -47.81 -5.76 0.34
CA THR A 21 -47.88 -4.29 0.24
C THR A 21 -46.45 -3.69 0.18
N ASP A 22 -46.31 -2.44 -0.31
CA ASP A 22 -45.02 -1.76 -0.47
C ASP A 22 -44.50 -1.01 0.79
N SER A 23 -45.00 -1.40 1.96
CA SER A 23 -44.67 -0.82 3.26
C SER A 23 -44.23 -1.90 4.27
N SER A 24 -44.57 -3.19 3.98
CA SER A 24 -44.33 -4.41 4.75
C SER A 24 -42.87 -4.64 5.08
N ILE A 25 -42.61 -5.50 6.08
CA ILE A 25 -41.23 -5.82 6.44
C ILE A 25 -40.59 -6.58 5.27
N ALA A 26 -41.31 -7.56 4.68
CA ALA A 26 -40.85 -8.36 3.53
C ALA A 26 -40.50 -7.45 2.34
N PHE A 27 -41.23 -6.34 2.14
CA PHE A 27 -40.93 -5.39 1.03
C PHE A 27 -39.61 -4.69 1.32
N HIS A 28 -39.41 -4.21 2.56
CA HIS A 28 -38.19 -3.53 2.98
C HIS A 28 -36.99 -4.46 3.01
N ILE A 29 -37.18 -5.76 3.37
CA ILE A 29 -36.11 -6.77 3.34
C ILE A 29 -35.63 -6.88 1.89
N ALA A 30 -36.57 -7.07 0.94
CA ALA A 30 -36.30 -7.18 -0.50
C ALA A 30 -35.62 -5.92 -1.05
N ARG A 31 -36.13 -4.74 -0.67
CA ARG A 31 -35.59 -3.43 -1.07
C ARG A 31 -34.14 -3.29 -0.60
N VAL A 32 -33.89 -3.48 0.71
CA VAL A 32 -32.54 -3.40 1.31
C VAL A 32 -31.61 -4.45 0.68
N ALA A 33 -32.08 -5.71 0.52
CA ALA A 33 -31.28 -6.79 -0.08
C ALA A 33 -30.81 -6.47 -1.52
N GLN A 34 -31.70 -5.91 -2.37
CA GLN A 34 -31.36 -5.52 -3.75
C GLN A 34 -30.35 -4.38 -3.78
N GLU A 35 -30.48 -3.40 -2.85
CA GLU A 35 -29.56 -2.28 -2.68
C GLU A 35 -28.16 -2.80 -2.32
N GLN A 36 -28.11 -3.92 -1.58
CA GLN A 36 -26.87 -4.58 -1.17
C GLN A 36 -26.33 -5.60 -2.18
N GLY A 37 -26.88 -5.61 -3.39
CA GLY A 37 -26.41 -6.46 -4.47
C GLY A 37 -26.94 -7.87 -4.57
N ALA A 38 -28.06 -8.16 -3.89
CA ALA A 38 -28.65 -9.50 -3.95
C ALA A 38 -29.55 -9.67 -5.19
N GLN A 39 -29.53 -10.88 -5.77
CA GLN A 39 -30.39 -11.27 -6.89
C GLN A 39 -31.59 -11.97 -6.24
N LEU A 40 -32.81 -11.42 -6.41
CA LEU A 40 -33.98 -11.98 -5.74
C LEU A 40 -34.94 -12.82 -6.58
N VAL A 41 -35.65 -13.72 -5.89
CA VAL A 41 -36.76 -14.56 -6.35
C VAL A 41 -37.86 -14.22 -5.35
N LEU A 42 -39.05 -13.87 -5.83
CA LEU A 42 -40.14 -13.49 -4.95
C LEU A 42 -41.26 -14.50 -4.96
N THR A 43 -41.98 -14.58 -3.84
CA THR A 43 -43.10 -15.50 -3.67
C THR A 43 -44.38 -14.71 -3.35
N GLY A 44 -45.48 -15.13 -3.97
CA GLY A 44 -46.81 -14.54 -3.78
C GLY A 44 -47.89 -15.58 -3.57
N PHE A 45 -48.96 -15.21 -2.84
CA PHE A 45 -50.07 -16.10 -2.58
C PHE A 45 -51.42 -15.47 -2.99
N ASP A 46 -52.26 -16.26 -3.70
CA ASP A 46 -53.64 -16.00 -4.16
C ASP A 46 -53.76 -14.90 -5.25
N ARG A 47 -53.32 -13.66 -4.97
CA ARG A 47 -53.44 -12.54 -5.92
C ARG A 47 -52.08 -12.08 -6.51
N LEU A 48 -51.53 -12.86 -7.46
CA LEU A 48 -50.23 -12.59 -8.11
C LEU A 48 -50.19 -11.26 -8.86
N ARG A 49 -51.23 -10.97 -9.69
CA ARG A 49 -51.35 -9.74 -10.50
C ARG A 49 -51.18 -8.46 -9.69
N LEU A 50 -51.79 -8.42 -8.50
CA LEU A 50 -51.70 -7.27 -7.59
C LEU A 50 -50.28 -7.11 -7.00
N ILE A 51 -49.68 -8.23 -6.56
CA ILE A 51 -48.33 -8.30 -5.98
C ILE A 51 -47.27 -7.96 -7.05
N GLN A 52 -47.53 -8.30 -8.33
CA GLN A 52 -46.61 -7.98 -9.42
C GLN A 52 -46.39 -6.47 -9.58
N ARG A 53 -47.44 -5.68 -9.37
CA ARG A 53 -47.43 -4.21 -9.40
C ARG A 53 -46.57 -3.67 -8.24
N ILE A 54 -46.79 -4.21 -7.02
CA ILE A 54 -46.09 -3.84 -5.79
C ILE A 54 -44.59 -4.15 -5.90
N THR A 55 -44.26 -5.30 -6.47
CA THR A 55 -42.88 -5.72 -6.62
C THR A 55 -42.15 -4.94 -7.74
N ASP A 56 -42.90 -4.19 -8.59
CA ASP A 56 -42.33 -3.33 -9.65
C ASP A 56 -41.69 -2.09 -9.03
N ARG A 57 -42.11 -1.74 -7.78
CA ARG A 57 -41.62 -0.61 -6.98
C ARG A 57 -40.24 -0.90 -6.37
N LEU A 58 -39.80 -2.18 -6.41
CA LEU A 58 -38.49 -2.65 -5.93
C LEU A 58 -37.37 -2.07 -6.82
N PRO A 59 -36.18 -1.69 -6.25
CA PRO A 59 -35.11 -1.12 -7.11
C PRO A 59 -34.75 -1.91 -8.37
N ALA A 60 -34.88 -3.25 -8.33
CA ALA A 60 -34.54 -4.10 -9.46
C ALA A 60 -35.62 -5.15 -9.74
N LYS A 61 -35.63 -5.65 -10.97
CA LYS A 61 -36.55 -6.68 -11.44
C LYS A 61 -36.20 -8.02 -10.79
N ALA A 62 -37.22 -8.83 -10.48
CA ALA A 62 -37.07 -10.14 -9.84
C ALA A 62 -38.25 -11.03 -10.20
N PRO A 63 -38.00 -12.31 -10.58
CA PRO A 63 -39.15 -13.20 -10.90
C PRO A 63 -40.07 -13.47 -9.71
N LEU A 64 -41.40 -13.44 -9.97
CA LEU A 64 -42.42 -13.70 -8.96
C LEU A 64 -43.00 -15.09 -9.17
N LEU A 65 -42.99 -15.92 -8.11
CA LEU A 65 -43.44 -17.31 -8.13
C LEU A 65 -44.65 -17.47 -7.23
N GLU A 66 -45.56 -18.38 -7.62
CA GLU A 66 -46.79 -18.63 -6.84
C GLU A 66 -46.51 -19.64 -5.75
N LEU A 67 -46.89 -19.30 -4.51
CA LEU A 67 -46.71 -20.20 -3.39
C LEU A 67 -47.75 -20.02 -2.31
N ASP A 68 -48.68 -20.96 -2.28
CA ASP A 68 -49.70 -21.10 -1.25
C ASP A 68 -49.05 -22.17 -0.36
N VAL A 69 -48.67 -21.76 0.83
CA VAL A 69 -47.94 -22.58 1.79
C VAL A 69 -48.79 -23.77 2.33
N GLN A 70 -50.12 -23.73 2.19
CA GLN A 70 -51.00 -24.83 2.58
C GLN A 70 -51.20 -25.81 1.42
N ASN A 71 -50.74 -25.45 0.21
CA ASN A 71 -50.85 -26.24 -1.02
C ASN A 71 -49.63 -27.14 -1.19
N GLU A 72 -49.82 -28.45 -1.05
CA GLU A 72 -48.74 -29.45 -1.19
C GLU A 72 -48.12 -29.50 -2.58
N GLU A 73 -48.94 -29.32 -3.62
CA GLU A 73 -48.47 -29.29 -5.01
C GLU A 73 -47.50 -28.10 -5.24
N HIS A 74 -47.83 -26.89 -4.70
CA HIS A 74 -46.98 -25.70 -4.79
C HIS A 74 -45.62 -25.92 -4.13
N LEU A 75 -45.60 -26.64 -2.99
CA LEU A 75 -44.40 -26.95 -2.22
C LEU A 75 -43.54 -28.00 -2.92
N ALA A 76 -44.16 -29.07 -3.45
CA ALA A 76 -43.45 -30.14 -4.15
C ALA A 76 -42.81 -29.65 -5.45
N SER A 77 -43.34 -28.56 -6.03
CA SER A 77 -42.84 -27.98 -7.28
C SER A 77 -41.96 -26.75 -7.10
N LEU A 78 -41.90 -26.19 -5.87
CA LEU A 78 -41.13 -24.97 -5.55
C LEU A 78 -39.66 -24.96 -6.02
N ALA A 79 -38.87 -25.99 -5.66
CA ALA A 79 -37.45 -26.00 -6.04
C ALA A 79 -37.27 -25.91 -7.55
N GLY A 80 -38.06 -26.69 -8.30
CA GLY A 80 -38.06 -26.73 -9.76
C GLY A 80 -38.32 -25.37 -10.38
N ARG A 81 -39.32 -24.68 -9.85
CA ARG A 81 -39.70 -23.36 -10.32
C ARG A 81 -38.66 -22.28 -9.99
N VAL A 82 -38.02 -22.37 -8.81
CA VAL A 82 -36.93 -21.45 -8.41
C VAL A 82 -35.71 -21.67 -9.31
N THR A 83 -35.28 -22.93 -9.47
CA THR A 83 -34.10 -23.30 -10.26
C THR A 83 -34.26 -22.90 -11.73
N GLU A 84 -35.49 -22.87 -12.24
CA GLU A 84 -35.66 -22.45 -13.62
C GLU A 84 -35.57 -20.91 -13.75
N ALA A 85 -35.98 -20.15 -12.68
CA ALA A 85 -35.92 -18.68 -12.60
C ALA A 85 -34.51 -18.15 -12.34
N ILE A 86 -33.67 -18.99 -11.73
CA ILE A 86 -32.34 -18.66 -11.27
C ILE A 86 -31.22 -19.22 -12.17
N GLY A 87 -31.45 -20.39 -12.75
CA GLY A 87 -30.48 -21.04 -13.60
C GLY A 87 -30.20 -22.45 -13.15
N ALA A 88 -30.26 -23.39 -14.11
CA ALA A 88 -30.07 -24.85 -13.96
C ALA A 88 -28.95 -25.27 -12.98
N GLY A 89 -27.80 -24.57 -13.04
CA GLY A 89 -26.65 -24.86 -12.19
C GLY A 89 -26.49 -23.98 -10.96
N ASN A 90 -27.36 -22.98 -10.81
CA ASN A 90 -27.32 -22.04 -9.68
C ASN A 90 -28.19 -22.49 -8.52
N LYS A 91 -27.74 -22.15 -7.31
CA LYS A 91 -28.44 -22.47 -6.07
C LYS A 91 -28.71 -21.20 -5.25
N LEU A 92 -29.63 -21.30 -4.30
CA LEU A 92 -30.04 -20.20 -3.41
C LEU A 92 -29.01 -20.01 -2.31
N ASP A 93 -28.80 -18.77 -1.90
CA ASP A 93 -27.91 -18.42 -0.78
C ASP A 93 -28.72 -18.01 0.46
N GLY A 94 -29.96 -17.57 0.26
CA GLY A 94 -30.81 -17.12 1.35
C GLY A 94 -32.29 -17.34 1.11
N VAL A 95 -33.04 -17.56 2.20
CA VAL A 95 -34.48 -17.76 2.19
C VAL A 95 -35.10 -16.89 3.27
N VAL A 96 -36.07 -16.03 2.89
CA VAL A 96 -36.79 -15.18 3.84
C VAL A 96 -38.25 -15.65 3.94
N HIS A 97 -38.64 -16.20 5.11
CA HIS A 97 -39.98 -16.60 5.47
C HIS A 97 -40.60 -15.42 6.20
N ALA A 98 -41.50 -14.70 5.52
CA ALA A 98 -42.14 -13.52 6.12
C ALA A 98 -43.65 -13.72 5.93
N ILE A 99 -44.12 -14.88 6.37
CA ILE A 99 -45.49 -15.32 6.27
C ILE A 99 -46.01 -15.52 7.72
N GLY A 100 -47.16 -14.93 8.00
CA GLY A 100 -47.79 -15.02 9.30
C GLY A 100 -49.28 -14.75 9.19
N PHE A 101 -50.08 -15.63 9.81
CA PHE A 101 -51.52 -15.50 9.78
C PHE A 101 -52.17 -16.12 10.99
N MET A 102 -53.22 -15.47 11.47
CA MET A 102 -54.06 -15.97 12.55
C MET A 102 -55.48 -15.37 12.35
N PRO A 103 -56.52 -16.19 12.18
CA PRO A 103 -57.89 -15.63 12.08
C PRO A 103 -58.21 -14.75 13.30
N GLN A 104 -59.08 -13.76 13.13
CA GLN A 104 -59.49 -12.81 14.18
C GLN A 104 -60.13 -13.49 15.39
N THR A 105 -60.56 -14.76 15.28
CA THR A 105 -61.04 -15.53 16.44
C THR A 105 -59.87 -15.85 17.40
N GLY A 106 -58.65 -15.93 16.86
CA GLY A 106 -57.44 -16.27 17.62
C GLY A 106 -56.60 -15.10 18.08
N MET A 107 -56.92 -13.87 17.60
CA MET A 107 -56.16 -12.66 17.96
C MET A 107 -56.97 -11.38 17.73
N GLY A 108 -56.94 -10.51 18.71
CA GLY A 108 -57.61 -9.22 18.68
C GLY A 108 -58.47 -9.00 19.91
N ILE A 109 -59.78 -8.88 19.69
CA ILE A 109 -60.77 -8.65 20.74
C ILE A 109 -61.39 -9.94 21.27
N ASN A 110 -61.53 -10.99 20.40
CA ASN A 110 -62.13 -12.27 20.77
C ASN A 110 -61.46 -12.89 22.02
N PRO A 111 -62.23 -13.31 23.06
CA PRO A 111 -61.58 -13.95 24.21
C PRO A 111 -60.75 -15.18 23.80
N PHE A 112 -59.65 -15.41 24.51
CA PHE A 112 -58.70 -16.52 24.26
C PHE A 112 -59.39 -17.92 24.21
N PHE A 113 -60.32 -18.15 25.13
CA PHE A 113 -61.09 -19.39 25.23
C PHE A 113 -62.12 -19.59 24.08
N ASP A 114 -62.46 -18.51 23.36
CA ASP A 114 -63.47 -18.57 22.30
C ASP A 114 -62.93 -18.87 20.90
N ALA A 115 -61.62 -19.03 20.75
CA ALA A 115 -61.05 -19.38 19.43
C ALA A 115 -61.23 -20.89 19.14
N PRO A 116 -61.94 -21.30 18.06
CA PRO A 116 -62.05 -22.74 17.76
C PRO A 116 -60.74 -23.31 17.23
N TYR A 117 -60.50 -24.61 17.45
CA TYR A 117 -59.26 -25.25 17.02
C TYR A 117 -58.99 -25.12 15.54
N ALA A 118 -60.01 -25.29 14.67
CA ALA A 118 -59.83 -25.16 13.21
C ALA A 118 -59.13 -23.85 12.81
N ASP A 119 -59.48 -22.74 13.50
CA ASP A 119 -58.90 -21.43 13.26
C ASP A 119 -57.46 -21.33 13.79
N VAL A 120 -57.24 -21.81 15.03
CA VAL A 120 -55.89 -21.77 15.64
C VAL A 120 -54.93 -22.63 14.78
N SER A 121 -55.41 -23.84 14.33
CA SER A 121 -54.68 -24.79 13.51
C SER A 121 -54.26 -24.16 12.18
N LYS A 122 -55.18 -23.40 11.55
CA LYS A 122 -54.87 -22.75 10.26
C LYS A 122 -53.71 -21.73 10.48
N GLY A 123 -53.79 -21.02 11.60
CA GLY A 123 -52.80 -20.05 12.04
C GLY A 123 -51.45 -20.69 12.29
N ILE A 124 -51.43 -21.80 13.00
CA ILE A 124 -50.18 -22.54 13.29
C ILE A 124 -49.60 -23.14 12.00
N HIS A 125 -50.49 -23.61 11.07
CA HIS A 125 -50.07 -24.17 9.78
C HIS A 125 -49.29 -23.12 8.99
N ILE A 126 -49.87 -21.93 8.82
CA ILE A 126 -49.28 -20.84 8.04
C ILE A 126 -48.13 -20.13 8.78
N SER A 127 -48.29 -19.86 10.07
CA SER A 127 -47.27 -19.11 10.83
C SER A 127 -46.07 -19.93 11.33
N ALA A 128 -46.27 -21.21 11.69
CA ALA A 128 -45.19 -22.02 12.24
C ALA A 128 -44.74 -23.20 11.35
N TYR A 129 -45.64 -24.17 11.06
CA TYR A 129 -45.37 -25.38 10.26
C TYR A 129 -44.73 -25.07 8.90
N SER A 130 -45.24 -24.04 8.20
CA SER A 130 -44.75 -23.59 6.90
C SER A 130 -43.28 -23.13 6.86
N TYR A 131 -42.69 -22.77 8.02
CA TYR A 131 -41.28 -22.46 8.09
C TYR A 131 -40.50 -23.74 7.82
N ALA A 132 -40.95 -24.88 8.40
CA ALA A 132 -40.36 -26.20 8.10
C ALA A 132 -40.68 -26.63 6.65
N SER A 133 -41.89 -26.35 6.13
CA SER A 133 -42.31 -26.71 4.75
C SER A 133 -41.44 -26.05 3.70
N MET A 134 -41.19 -24.74 3.86
CA MET A 134 -40.36 -23.97 2.94
C MET A 134 -38.91 -24.42 3.02
N ALA A 135 -38.42 -24.80 4.21
CA ALA A 135 -37.05 -25.28 4.40
C ALA A 135 -36.87 -26.67 3.74
N LYS A 136 -37.86 -27.55 3.90
CA LYS A 136 -37.86 -28.90 3.30
C LYS A 136 -37.75 -28.79 1.76
N ALA A 137 -38.56 -27.91 1.16
CA ALA A 137 -38.60 -27.68 -0.28
C ALA A 137 -37.34 -26.99 -0.82
N LEU A 138 -36.73 -26.08 -0.04
CA LEU A 138 -35.61 -25.29 -0.57
C LEU A 138 -34.21 -25.70 -0.13
N LEU A 139 -34.04 -26.42 0.99
CA LEU A 139 -32.69 -26.88 1.39
C LEU A 139 -31.92 -27.65 0.29
N PRO A 140 -32.55 -28.56 -0.53
CA PRO A 140 -31.77 -29.24 -1.59
C PRO A 140 -31.24 -28.31 -2.69
N ILE A 141 -31.79 -27.10 -2.81
CA ILE A 141 -31.32 -26.11 -3.80
C ILE A 141 -30.68 -24.89 -3.09
N MET A 142 -30.03 -25.12 -1.95
CA MET A 142 -29.33 -24.08 -1.18
C MET A 142 -27.84 -24.39 -1.10
N ASN A 143 -27.01 -23.34 -1.21
CA ASN A 143 -25.54 -23.43 -1.14
C ASN A 143 -25.03 -23.52 0.30
N PRO A 144 -23.86 -24.17 0.56
CA PRO A 144 -23.29 -24.12 1.92
C PRO A 144 -22.94 -22.68 2.29
N GLY A 145 -23.14 -22.33 3.54
CA GLY A 145 -22.96 -20.96 4.02
C GLY A 145 -24.25 -20.17 3.85
N GLY A 146 -25.30 -20.86 3.39
CA GLY A 146 -26.62 -20.27 3.18
C GLY A 146 -27.31 -19.90 4.47
N SER A 147 -28.46 -19.20 4.36
CA SER A 147 -29.19 -18.68 5.52
C SER A 147 -30.71 -18.66 5.32
N ILE A 148 -31.45 -19.21 6.27
CA ILE A 148 -32.90 -19.15 6.29
C ILE A 148 -33.30 -18.20 7.45
N VAL A 149 -34.16 -17.22 7.15
CA VAL A 149 -34.61 -16.26 8.17
C VAL A 149 -36.12 -16.21 8.21
N GLY A 150 -36.69 -16.34 9.41
CA GLY A 150 -38.11 -16.23 9.68
C GLY A 150 -38.40 -15.02 10.56
N MET A 151 -39.65 -14.55 10.57
CA MET A 151 -40.08 -13.38 11.35
C MET A 151 -40.85 -13.83 12.59
N ASP A 152 -40.48 -13.29 13.74
CA ASP A 152 -41.06 -13.65 15.04
C ASP A 152 -41.47 -12.39 15.83
N PHE A 153 -42.30 -12.59 16.87
CA PHE A 153 -42.70 -11.55 17.80
C PHE A 153 -42.61 -12.25 19.14
N ASP A 154 -41.62 -11.84 19.95
CA ASP A 154 -41.28 -12.41 21.25
C ASP A 154 -42.50 -12.95 22.01
N PRO A 155 -42.64 -14.30 22.07
CA PRO A 155 -43.79 -14.91 22.73
C PRO A 155 -43.50 -15.44 24.14
N SER A 156 -42.31 -15.13 24.70
CA SER A 156 -41.88 -15.59 26.02
C SER A 156 -42.83 -15.20 27.15
N ARG A 157 -43.56 -14.08 26.98
CA ARG A 157 -44.51 -13.60 27.98
C ARG A 157 -45.86 -13.36 27.37
N ALA A 158 -46.95 -13.73 28.08
CA ALA A 158 -48.31 -13.50 27.57
C ALA A 158 -48.58 -11.97 27.55
N MET A 159 -49.49 -11.53 26.70
CA MET A 159 -49.85 -10.12 26.54
C MET A 159 -51.28 -10.01 26.02
N PRO A 160 -51.95 -8.83 26.15
CA PRO A 160 -53.30 -8.69 25.58
C PRO A 160 -53.30 -8.78 24.07
N ALA A 161 -54.46 -9.15 23.48
CA ALA A 161 -54.80 -9.24 22.06
C ALA A 161 -54.02 -10.26 21.21
N TYR A 162 -52.69 -10.40 21.39
CA TYR A 162 -51.85 -11.27 20.57
C TYR A 162 -52.31 -12.76 20.64
N ASN A 163 -52.79 -13.18 21.81
CA ASN A 163 -53.44 -14.45 22.13
C ASN A 163 -52.85 -15.69 21.43
N TRP A 164 -53.60 -16.36 20.53
CA TRP A 164 -53.14 -17.58 19.86
C TRP A 164 -52.01 -17.34 18.85
N MET A 165 -51.78 -16.08 18.41
CA MET A 165 -50.62 -15.77 17.56
C MET A 165 -49.32 -15.95 18.40
N THR A 166 -49.39 -15.69 19.72
CA THR A 166 -48.28 -15.88 20.66
C THR A 166 -47.97 -17.37 20.74
N VAL A 167 -49.03 -18.21 20.73
CA VAL A 167 -48.88 -19.66 20.77
C VAL A 167 -48.21 -20.12 19.44
N ALA A 168 -48.65 -19.57 18.29
CA ALA A 168 -48.07 -19.88 16.96
C ALA A 168 -46.58 -19.46 16.89
N LYS A 169 -46.21 -18.30 17.47
CA LYS A 169 -44.84 -17.79 17.52
C LYS A 169 -43.96 -18.69 18.44
N SER A 170 -44.50 -19.15 19.56
CA SER A 170 -43.81 -20.08 20.46
C SER A 170 -43.50 -21.36 19.69
N ALA A 171 -44.50 -21.85 18.91
CA ALA A 171 -44.34 -23.03 18.06
C ALA A 171 -43.27 -22.79 16.98
N LEU A 172 -43.28 -21.61 16.37
CA LEU A 172 -42.30 -21.18 15.35
C LEU A 172 -40.86 -21.21 15.88
N GLU A 173 -40.64 -20.75 17.13
CA GLU A 173 -39.32 -20.75 17.76
C GLU A 173 -38.77 -22.19 17.92
N SER A 174 -39.65 -23.11 18.33
CA SER A 174 -39.34 -24.51 18.49
C SER A 174 -39.08 -25.15 17.10
N VAL A 175 -39.92 -24.82 16.08
CA VAL A 175 -39.76 -25.31 14.68
C VAL A 175 -38.38 -24.89 14.18
N ASN A 176 -38.01 -23.59 14.35
CA ASN A 176 -36.70 -23.03 13.99
C ASN A 176 -35.51 -23.82 14.55
N ARG A 177 -35.57 -24.31 15.83
CA ARG A 177 -34.47 -25.11 16.44
C ARG A 177 -34.33 -26.46 15.71
N PHE A 178 -35.45 -27.03 15.24
CA PHE A 178 -35.39 -28.28 14.49
C PHE A 178 -35.00 -28.06 13.04
N VAL A 179 -35.45 -26.95 12.44
CA VAL A 179 -35.06 -26.60 11.04
C VAL A 179 -33.53 -26.39 11.01
N ALA A 180 -32.95 -25.77 12.06
CA ALA A 180 -31.48 -25.60 12.20
C ALA A 180 -30.73 -26.95 12.14
N ARG A 181 -31.25 -27.99 12.79
CA ARG A 181 -30.68 -29.35 12.78
C ARG A 181 -30.64 -29.93 11.37
N GLU A 182 -31.76 -29.77 10.62
CA GLU A 182 -31.87 -30.24 9.24
C GLU A 182 -31.00 -29.42 8.29
N ALA A 183 -31.04 -28.05 8.43
CA ALA A 183 -30.28 -27.11 7.61
C ALA A 183 -28.76 -27.27 7.80
N GLY A 184 -28.34 -27.64 9.01
CA GLY A 184 -26.94 -27.84 9.37
C GLY A 184 -26.21 -28.86 8.51
N LYS A 185 -26.94 -29.93 8.07
CA LYS A 185 -26.49 -30.99 7.15
C LYS A 185 -26.11 -30.42 5.76
N TYR A 186 -26.66 -29.26 5.41
CA TYR A 186 -26.39 -28.56 4.14
C TYR A 186 -25.38 -27.41 4.32
N GLY A 187 -24.97 -27.17 5.56
CA GLY A 187 -24.10 -26.05 5.93
C GLY A 187 -24.88 -24.74 5.90
N VAL A 188 -26.20 -24.81 6.14
CA VAL A 188 -27.11 -23.67 6.09
C VAL A 188 -27.57 -23.28 7.53
N ARG A 189 -27.65 -21.98 7.80
CA ARG A 189 -28.12 -21.47 9.10
C ARG A 189 -29.61 -21.17 9.04
N SER A 190 -30.28 -21.27 10.19
CA SER A 190 -31.72 -21.01 10.28
C SER A 190 -31.93 -20.16 11.54
N ASN A 191 -32.46 -18.97 11.38
CA ASN A 191 -32.65 -18.04 12.50
C ASN A 191 -33.95 -17.28 12.38
N LEU A 192 -34.42 -16.73 13.49
CA LEU A 192 -35.62 -15.90 13.56
C LEU A 192 -35.23 -14.48 13.99
N VAL A 193 -35.94 -13.47 13.45
CA VAL A 193 -35.74 -12.06 13.85
C VAL A 193 -36.97 -11.68 14.63
N ALA A 194 -36.82 -11.35 15.91
CA ALA A 194 -37.94 -10.94 16.72
C ALA A 194 -38.03 -9.42 16.66
N ALA A 195 -39.01 -8.94 15.92
CA ALA A 195 -39.22 -7.50 15.73
C ALA A 195 -40.05 -6.86 16.85
N GLY A 196 -39.84 -5.57 17.09
CA GLY A 196 -40.70 -4.78 17.96
C GLY A 196 -42.00 -4.50 17.20
N PRO A 197 -43.01 -3.83 17.80
CA PRO A 197 -44.25 -3.58 17.04
C PRO A 197 -44.07 -2.67 15.83
N ILE A 198 -44.60 -3.12 14.67
CA ILE A 198 -44.52 -2.39 13.40
C ILE A 198 -45.94 -1.95 13.02
N ARG A 199 -46.11 -0.64 12.81
CA ARG A 199 -47.39 -0.04 12.48
C ARG A 199 -47.76 -0.31 11.01
N THR A 200 -48.47 -1.44 10.76
CA THR A 200 -48.94 -1.89 9.44
C THR A 200 -50.33 -1.28 9.16
N LEU A 201 -50.95 -1.59 8.00
CA LEU A 201 -52.28 -1.09 7.62
C LEU A 201 -53.37 -1.46 8.65
N ALA A 202 -53.35 -2.72 9.13
CA ALA A 202 -54.29 -3.22 10.13
C ALA A 202 -54.04 -2.56 11.49
N MET A 203 -52.74 -2.40 11.85
CA MET A 203 -52.27 -1.79 13.09
C MET A 203 -52.68 -0.32 13.23
N SER A 204 -52.62 0.45 12.12
CA SER A 204 -53.04 1.86 12.09
C SER A 204 -54.55 1.93 12.34
N ALA A 205 -55.32 1.00 11.72
CA ALA A 205 -56.77 0.89 11.82
C ALA A 205 -57.24 0.58 13.25
N ILE A 206 -56.54 -0.33 13.96
CA ILE A 206 -56.87 -0.68 15.34
C ILE A 206 -56.58 0.51 16.29
N VAL A 207 -55.54 1.32 15.99
CA VAL A 207 -55.20 2.53 16.74
C VAL A 207 -56.31 3.59 16.51
N GLY A 208 -56.80 3.66 15.27
CA GLY A 208 -57.90 4.52 14.84
C GLY A 208 -59.21 4.10 15.50
N GLY A 209 -59.32 2.82 15.82
CA GLY A 209 -60.47 2.25 16.50
C GLY A 209 -61.32 1.28 15.73
N ALA A 210 -60.74 0.59 14.74
CA ALA A 210 -61.45 -0.42 13.93
C ALA A 210 -61.88 -1.62 14.77
N LEU A 211 -61.13 -1.94 15.83
CA LEU A 211 -61.43 -3.05 16.75
C LEU A 211 -62.14 -2.57 18.04
N GLY A 212 -62.36 -1.26 18.15
CA GLY A 212 -63.04 -0.69 19.29
C GLY A 212 -62.14 0.11 20.20
N GLU A 213 -62.75 0.78 21.18
CA GLU A 213 -62.03 1.63 22.15
C GLU A 213 -61.05 0.83 23.05
N GLU A 214 -61.47 -0.33 23.58
CA GLU A 214 -60.66 -1.19 24.44
C GLU A 214 -59.41 -1.73 23.76
N ALA A 215 -59.57 -2.32 22.55
CA ALA A 215 -58.49 -2.88 21.75
C ALA A 215 -57.52 -1.79 21.34
N GLY A 216 -58.08 -0.63 20.97
CA GLY A 216 -57.32 0.54 20.59
C GLY A 216 -56.43 1.04 21.72
N ALA A 217 -56.97 1.03 22.97
CA ALA A 217 -56.25 1.47 24.17
C ALA A 217 -55.14 0.47 24.56
N GLN A 218 -55.43 -0.86 24.48
CA GLN A 218 -54.50 -1.95 24.78
C GLN A 218 -53.26 -1.90 23.91
N ILE A 219 -53.45 -1.78 22.57
CA ILE A 219 -52.36 -1.77 21.60
C ILE A 219 -51.54 -0.48 21.76
N GLN A 220 -52.21 0.67 22.05
CA GLN A 220 -51.52 1.94 22.32
C GLN A 220 -50.61 1.79 23.53
N LEU A 221 -51.10 1.13 24.61
CA LEU A 221 -50.33 0.85 25.84
C LEU A 221 -49.10 -0.03 25.51
N LEU A 222 -49.30 -1.09 24.71
CA LEU A 222 -48.23 -2.00 24.28
C LEU A 222 -47.13 -1.31 23.48
N GLU A 223 -47.51 -0.45 22.52
CA GLU A 223 -46.58 0.30 21.66
C GLU A 223 -45.86 1.41 22.44
N GLU A 224 -46.59 2.17 23.30
CA GLU A 224 -46.01 3.23 24.12
C GLU A 224 -45.00 2.66 25.10
N GLY A 225 -45.32 1.51 25.69
CA GLY A 225 -44.46 0.81 26.64
C GLY A 225 -43.17 0.32 26.00
N TRP A 226 -43.23 -0.08 24.72
CA TRP A 226 -42.12 -0.57 23.94
C TRP A 226 -41.01 0.48 23.77
N ASP A 227 -41.40 1.66 23.29
CA ASP A 227 -40.53 2.81 23.10
C ASP A 227 -39.91 3.24 24.44
N GLN A 228 -40.72 3.23 25.51
CA GLN A 228 -40.32 3.55 26.87
C GLN A 228 -39.30 2.56 27.45
N ARG A 229 -39.43 1.25 27.12
CA ARG A 229 -38.53 0.21 27.62
C ARG A 229 -37.25 0.16 26.81
N ALA A 230 -37.35 0.35 25.50
CA ALA A 230 -36.22 0.31 24.60
C ALA A 230 -35.16 1.36 24.93
N PRO A 231 -33.93 0.96 25.39
CA PRO A 231 -32.88 1.94 25.72
C PRO A 231 -32.56 2.92 24.59
N ILE A 232 -32.65 2.48 23.33
CA ILE A 232 -32.41 3.33 22.17
C ILE A 232 -33.74 3.81 21.53
N GLY A 233 -34.84 3.55 22.22
CA GLY A 233 -36.15 3.90 21.68
C GLY A 233 -36.64 2.91 20.63
N TRP A 234 -37.89 3.06 20.25
CA TRP A 234 -38.52 2.21 19.23
C TRP A 234 -39.48 3.02 18.37
N ASN A 235 -39.22 3.06 17.08
CA ASN A 235 -40.06 3.76 16.10
C ASN A 235 -40.90 2.71 15.34
N MET A 236 -42.18 2.60 15.71
CA MET A 236 -43.14 1.64 15.12
C MET A 236 -43.44 1.89 13.63
N LYS A 237 -43.29 3.15 13.18
CA LYS A 237 -43.53 3.56 11.79
C LYS A 237 -42.31 3.29 10.88
N ASP A 238 -41.22 2.72 11.43
CA ASP A 238 -40.01 2.42 10.65
C ASP A 238 -39.64 0.93 10.68
N ALA A 239 -39.77 0.25 9.53
CA ALA A 239 -39.47 -1.17 9.35
C ALA A 239 -38.02 -1.43 8.88
N THR A 240 -37.29 -0.36 8.45
CA THR A 240 -35.92 -0.49 7.93
C THR A 240 -34.94 -1.05 9.01
N PRO A 241 -34.97 -0.73 10.34
CA PRO A 241 -33.99 -1.37 11.25
C PRO A 241 -34.17 -2.88 11.35
N VAL A 242 -35.43 -3.38 11.22
CA VAL A 242 -35.68 -4.81 11.28
C VAL A 242 -35.26 -5.46 9.92
N ALA A 243 -35.46 -4.76 8.76
CA ALA A 243 -35.04 -5.26 7.43
C ALA A 243 -33.51 -5.43 7.35
N LYS A 244 -32.76 -4.50 7.94
CA LYS A 244 -31.29 -4.51 7.97
C LYS A 244 -30.78 -5.68 8.80
N THR A 245 -31.49 -6.02 9.92
CA THR A 245 -31.17 -7.15 10.80
C THR A 245 -31.33 -8.47 10.02
N VAL A 246 -32.43 -8.58 9.21
CA VAL A 246 -32.67 -9.75 8.39
C VAL A 246 -31.51 -9.89 7.39
N CYS A 247 -31.12 -8.75 6.77
CA CYS A 247 -30.02 -8.76 5.80
C CYS A 247 -28.68 -9.11 6.47
N ALA A 248 -28.49 -8.72 7.75
CA ALA A 248 -27.27 -9.08 8.50
C ALA A 248 -27.21 -10.60 8.66
N LEU A 249 -28.38 -11.23 8.91
CA LEU A 249 -28.47 -12.69 9.04
C LEU A 249 -28.29 -13.40 7.72
N LEU A 250 -28.71 -12.77 6.60
CA LEU A 250 -28.53 -13.33 5.25
C LEU A 250 -27.06 -13.24 4.78
N SER A 251 -26.28 -12.35 5.37
CA SER A 251 -24.89 -12.13 5.03
C SER A 251 -23.98 -13.20 5.65
N ASP A 252 -22.66 -13.07 5.40
CA ASP A 252 -21.64 -13.96 5.93
C ASP A 252 -21.07 -13.40 7.25
N TRP A 253 -21.69 -12.35 7.81
CA TRP A 253 -21.20 -11.66 9.00
C TRP A 253 -21.69 -12.23 10.35
N LEU A 254 -22.62 -13.21 10.30
CA LEU A 254 -23.10 -13.94 11.49
C LEU A 254 -22.98 -15.44 11.13
N PRO A 255 -21.75 -15.98 10.90
CA PRO A 255 -21.66 -17.34 10.37
C PRO A 255 -21.74 -18.45 11.39
N ALA A 256 -21.71 -18.15 12.67
CA ALA A 256 -21.76 -19.18 13.71
C ALA A 256 -23.08 -19.11 14.48
N THR A 257 -24.08 -18.40 13.93
CA THR A 257 -25.39 -18.26 14.58
C THR A 257 -26.43 -19.16 13.88
N THR A 258 -27.09 -20.08 14.63
CA THR A 258 -28.11 -20.97 14.05
C THR A 258 -29.02 -21.49 15.15
N GLY A 259 -30.29 -21.65 14.79
CA GLY A 259 -31.36 -22.08 15.68
C GLY A 259 -31.68 -21.00 16.67
N ASP A 260 -31.28 -19.79 16.34
CA ASP A 260 -31.40 -18.69 17.27
C ASP A 260 -32.41 -17.62 16.91
N ILE A 261 -32.56 -16.69 17.83
CA ILE A 261 -33.47 -15.55 17.73
C ILE A 261 -32.65 -14.28 17.91
N ILE A 262 -32.73 -13.36 16.95
CA ILE A 262 -32.06 -12.07 17.00
C ILE A 262 -33.16 -11.05 17.28
N TYR A 263 -33.02 -10.23 18.34
CA TYR A 263 -34.03 -9.25 18.71
C TYR A 263 -33.74 -7.88 18.11
N ALA A 264 -34.61 -7.48 17.17
CA ALA A 264 -34.56 -6.17 16.53
C ALA A 264 -35.78 -5.43 17.06
N ASP A 265 -35.74 -5.13 18.36
CA ASP A 265 -36.84 -4.55 19.12
C ASP A 265 -36.40 -3.30 19.94
N GLY A 266 -35.26 -2.70 19.60
CA GLY A 266 -34.70 -1.56 20.34
C GLY A 266 -34.19 -1.90 21.75
N GLY A 267 -33.96 -3.18 22.01
CA GLY A 267 -33.53 -3.71 23.31
C GLY A 267 -34.63 -3.81 24.35
N ALA A 268 -35.91 -3.59 23.95
CA ALA A 268 -37.09 -3.62 24.85
C ALA A 268 -37.25 -4.93 25.70
N HIS A 269 -37.04 -6.10 25.12
CA HIS A 269 -37.15 -7.41 25.82
C HIS A 269 -36.16 -7.62 26.97
N THR A 270 -35.09 -6.79 27.06
CA THR A 270 -34.06 -6.90 28.12
C THR A 270 -34.35 -5.95 29.26
N GLN A 271 -35.44 -5.18 29.16
CA GLN A 271 -35.78 -4.15 30.13
C GLN A 271 -37.18 -4.37 30.69
N LEU A 272 -37.33 -4.36 32.01
CA LEU A 272 -38.64 -4.52 32.66
C LEU A 272 -39.43 -3.21 32.58
N LEU A 273 -38.77 -2.07 32.91
CA LEU A 273 -39.33 -0.72 32.85
C LEU A 273 -38.20 0.23 32.39
N GLY B 7 -16.27 -3.11 2.84
CA GLY B 7 -16.07 -2.02 3.80
C GLY B 7 -17.21 -1.88 4.79
N LEU B 8 -17.46 -2.95 5.56
CA LEU B 8 -18.53 -3.05 6.58
C LEU B 8 -18.37 -2.00 7.67
N LEU B 9 -17.12 -1.71 8.07
CA LEU B 9 -16.77 -0.76 9.14
C LEU B 9 -16.02 0.47 8.59
N ASP B 10 -16.29 0.84 7.31
CA ASP B 10 -15.66 1.97 6.62
C ASP B 10 -15.83 3.31 7.33
N GLY B 11 -14.71 3.93 7.67
CA GLY B 11 -14.64 5.22 8.34
C GLY B 11 -15.01 5.22 9.82
N LYS B 12 -15.08 4.05 10.46
CA LYS B 12 -15.42 3.94 11.87
C LYS B 12 -14.17 3.90 12.75
N ARG B 13 -14.17 4.65 13.84
CA ARG B 13 -13.08 4.67 14.83
C ARG B 13 -13.45 3.70 15.93
N ILE B 14 -12.67 2.62 16.07
CA ILE B 14 -13.00 1.59 17.07
C ILE B 14 -11.86 1.34 18.05
N LEU B 15 -12.17 1.38 19.36
CA LEU B 15 -11.24 1.05 20.42
C LEU B 15 -11.38 -0.47 20.66
N VAL B 16 -10.25 -1.19 20.65
CA VAL B 16 -10.20 -2.65 20.86
C VAL B 16 -9.26 -2.96 22.01
N SER B 17 -9.81 -3.52 23.09
CA SER B 17 -9.05 -3.90 24.26
C SER B 17 -8.72 -5.41 24.24
N GLY B 18 -7.79 -5.83 25.10
CA GLY B 18 -7.45 -7.23 25.31
C GLY B 18 -6.55 -7.96 24.33
N ILE B 19 -5.81 -7.26 23.46
CA ILE B 19 -4.86 -7.97 22.58
C ILE B 19 -3.61 -8.26 23.39
N ILE B 20 -3.32 -9.56 23.60
CA ILE B 20 -2.14 -10.04 24.36
C ILE B 20 -1.32 -11.01 23.47
N THR B 21 -1.99 -11.75 22.55
CA THR B 21 -1.35 -12.70 21.60
C THR B 21 -1.94 -12.56 20.17
N ASP B 22 -1.33 -13.25 19.19
CA ASP B 22 -1.75 -13.26 17.78
C ASP B 22 -2.84 -14.32 17.48
N SER B 23 -3.21 -15.12 18.49
CA SER B 23 -4.26 -16.15 18.42
C SER B 23 -5.51 -15.75 19.28
N SER B 24 -5.53 -14.49 19.78
CA SER B 24 -6.62 -13.96 20.60
C SER B 24 -7.82 -13.66 19.75
N ILE B 25 -9.03 -13.69 20.36
CA ILE B 25 -10.24 -13.26 19.67
C ILE B 25 -10.10 -11.75 19.39
N ALA B 26 -9.61 -10.97 20.39
CA ALA B 26 -9.35 -9.55 20.29
C ALA B 26 -8.40 -9.21 19.11
N PHE B 27 -7.40 -10.08 18.81
CA PHE B 27 -6.49 -9.87 17.67
C PHE B 27 -7.27 -10.04 16.36
N HIS B 28 -8.10 -11.10 16.27
CA HIS B 28 -8.89 -11.36 15.07
C HIS B 28 -9.98 -10.32 14.85
N ILE B 29 -10.56 -9.76 15.96
CA ILE B 29 -11.57 -8.70 15.87
C ILE B 29 -10.89 -7.51 15.22
N ALA B 30 -9.71 -7.12 15.75
CA ALA B 30 -8.91 -6.00 15.24
C ALA B 30 -8.49 -6.21 13.78
N ARG B 31 -8.02 -7.43 13.44
CA ARG B 31 -7.62 -7.81 12.08
C ARG B 31 -8.79 -7.68 11.11
N VAL B 32 -9.94 -8.32 11.43
CA VAL B 32 -11.16 -8.27 10.59
C VAL B 32 -11.68 -6.81 10.47
N ALA B 33 -11.72 -6.06 11.60
CA ALA B 33 -12.17 -4.66 11.60
C ALA B 33 -11.34 -3.76 10.67
N GLN B 34 -10.01 -3.91 10.68
CA GLN B 34 -9.11 -3.13 9.81
C GLN B 34 -9.30 -3.48 8.33
N GLU B 35 -9.53 -4.78 8.02
CA GLU B 35 -9.83 -5.28 6.67
C GLU B 35 -11.12 -4.66 6.18
N GLN B 36 -12.06 -4.39 7.09
CA GLN B 36 -13.34 -3.78 6.77
C GLN B 36 -13.33 -2.23 6.80
N GLY B 37 -12.15 -1.63 6.85
CA GLY B 37 -11.97 -0.19 6.78
C GLY B 37 -12.09 0.59 8.07
N ALA B 38 -11.97 -0.07 9.22
CA ALA B 38 -12.04 0.61 10.52
C ALA B 38 -10.68 1.18 10.93
N GLN B 39 -10.69 2.35 11.56
CA GLN B 39 -9.52 3.01 12.10
C GLN B 39 -9.49 2.59 13.58
N LEU B 40 -8.43 1.91 14.03
CA LEU B 40 -8.39 1.41 15.41
C LEU B 40 -7.52 2.17 16.40
N VAL B 41 -7.89 2.04 17.68
CA VAL B 41 -7.18 2.48 18.87
C VAL B 41 -7.09 1.19 19.68
N LEU B 42 -5.90 0.85 20.17
CA LEU B 42 -5.72 -0.39 20.90
C LEU B 42 -5.38 -0.14 22.35
N THR B 43 -5.75 -1.09 23.21
CA THR B 43 -5.52 -0.99 24.64
C THR B 43 -4.68 -2.21 25.11
N GLY B 44 -3.73 -1.97 26.00
CA GLY B 44 -2.85 -2.99 26.57
C GLY B 44 -2.77 -2.85 28.08
N PHE B 45 -2.67 -3.97 28.80
CA PHE B 45 -2.63 -3.93 30.27
C PHE B 45 -1.21 -3.80 30.87
N ASP B 46 -0.36 -4.84 30.72
CA ASP B 46 0.95 -4.84 31.39
C ASP B 46 2.17 -4.84 30.45
N ARG B 47 2.27 -5.85 29.56
CA ARG B 47 3.44 -5.96 28.67
C ARG B 47 3.25 -5.24 27.34
N LEU B 48 3.44 -3.91 27.37
CA LEU B 48 3.34 -3.00 26.22
C LEU B 48 4.38 -3.39 25.17
N ARG B 49 5.59 -3.80 25.61
CA ARG B 49 6.71 -4.23 24.79
C ARG B 49 6.33 -5.42 23.92
N LEU B 50 5.65 -6.41 24.53
CA LEU B 50 5.19 -7.61 23.86
C LEU B 50 4.01 -7.26 22.94
N ILE B 51 2.96 -6.59 23.48
CA ILE B 51 1.73 -6.22 22.78
C ILE B 51 2.03 -5.38 21.53
N GLN B 52 2.96 -4.40 21.63
CA GLN B 52 3.35 -3.56 20.49
C GLN B 52 3.90 -4.34 19.31
N ARG B 53 4.69 -5.38 19.58
CA ARG B 53 5.29 -6.29 18.58
C ARG B 53 4.19 -7.18 17.97
N ILE B 54 3.20 -7.60 18.77
CA ILE B 54 2.07 -8.41 18.34
C ILE B 54 1.13 -7.55 17.45
N THR B 55 0.84 -6.30 17.86
CA THR B 55 -0.04 -5.40 17.13
C THR B 55 0.58 -4.88 15.81
N ASP B 56 1.90 -5.11 15.58
CA ASP B 56 2.60 -4.75 14.35
C ASP B 56 2.22 -5.75 13.23
N ARG B 57 1.70 -6.96 13.62
CA ARG B 57 1.23 -8.03 12.74
C ARG B 57 -0.13 -7.71 12.13
N LEU B 58 -0.82 -6.67 12.66
CA LEU B 58 -2.11 -6.17 12.21
C LEU B 58 -1.98 -5.54 10.81
N PRO B 59 -2.98 -5.72 9.90
CA PRO B 59 -2.87 -5.13 8.54
C PRO B 59 -2.50 -3.65 8.47
N ALA B 60 -2.96 -2.86 9.44
CA ALA B 60 -2.69 -1.42 9.45
C ALA B 60 -2.20 -0.92 10.81
N LYS B 61 -1.55 0.26 10.80
CA LYS B 61 -1.03 0.93 11.98
C LYS B 61 -2.19 1.42 12.86
N ALA B 62 -2.01 1.34 14.20
CA ALA B 62 -2.99 1.77 15.19
C ALA B 62 -2.31 2.12 16.50
N PRO B 63 -2.63 3.28 17.09
CA PRO B 63 -1.99 3.65 18.37
C PRO B 63 -2.37 2.70 19.53
N LEU B 64 -1.38 2.36 20.37
CA LEU B 64 -1.55 1.50 21.53
C LEU B 64 -1.51 2.35 22.80
N LEU B 65 -2.54 2.19 23.66
CA LEU B 65 -2.74 2.94 24.89
C LEU B 65 -2.72 2.01 26.09
N GLU B 66 -2.20 2.49 27.22
CA GLU B 66 -2.11 1.70 28.45
C GLU B 66 -3.43 1.76 29.23
N LEU B 67 -3.96 0.58 29.60
CA LEU B 67 -5.18 0.53 30.38
C LEU B 67 -5.24 -0.68 31.29
N ASP B 68 -5.04 -0.43 32.58
CA ASP B 68 -5.20 -1.38 33.66
C ASP B 68 -6.59 -0.99 34.14
N VAL B 69 -7.54 -1.89 33.94
CA VAL B 69 -8.94 -1.68 34.23
C VAL B 69 -9.25 -1.54 35.75
N GLN B 70 -8.32 -1.98 36.62
CA GLN B 70 -8.44 -1.83 38.07
C GLN B 70 -7.82 -0.51 38.55
N ASN B 71 -7.15 0.20 37.63
CA ASN B 71 -6.48 1.47 37.90
C ASN B 71 -7.47 2.62 37.59
N GLU B 72 -7.92 3.31 38.65
CA GLU B 72 -8.84 4.44 38.62
C GLU B 72 -8.28 5.64 37.83
N GLU B 73 -6.96 5.87 37.92
CA GLU B 73 -6.27 6.94 37.20
C GLU B 73 -6.27 6.66 35.68
N HIS B 74 -6.03 5.40 35.25
CA HIS B 74 -6.04 4.99 33.84
C HIS B 74 -7.41 5.22 33.20
N LEU B 75 -8.49 4.95 33.96
CA LEU B 75 -9.88 5.14 33.53
C LEU B 75 -10.27 6.60 33.45
N ALA B 76 -9.89 7.40 34.46
CA ALA B 76 -10.19 8.84 34.50
C ALA B 76 -9.48 9.62 33.37
N SER B 77 -8.34 9.08 32.87
CA SER B 77 -7.54 9.69 31.79
C SER B 77 -7.78 9.07 30.40
N LEU B 78 -8.49 7.91 30.33
CA LEU B 78 -8.74 7.17 29.07
C LEU B 78 -9.35 8.02 27.97
N ALA B 79 -10.46 8.74 28.22
CA ALA B 79 -11.09 9.53 27.17
C ALA B 79 -10.15 10.58 26.55
N GLY B 80 -9.34 11.23 27.39
CA GLY B 80 -8.35 12.23 26.98
C GLY B 80 -7.28 11.64 26.09
N ARG B 81 -6.75 10.47 26.47
CA ARG B 81 -5.72 9.74 25.73
C ARG B 81 -6.21 9.21 24.39
N VAL B 82 -7.46 8.75 24.32
CA VAL B 82 -8.08 8.27 23.07
C VAL B 82 -8.24 9.44 22.08
N THR B 83 -8.80 10.59 22.53
CA THR B 83 -9.00 11.78 21.69
C THR B 83 -7.68 12.31 21.11
N GLU B 84 -6.59 12.28 21.90
CA GLU B 84 -5.24 12.71 21.46
C GLU B 84 -4.75 11.80 20.32
N ALA B 85 -5.15 10.52 20.36
CA ALA B 85 -4.76 9.51 19.38
C ALA B 85 -5.57 9.53 18.09
N ILE B 86 -6.86 9.92 18.14
CA ILE B 86 -7.75 9.95 16.95
C ILE B 86 -7.96 11.35 16.36
N GLY B 87 -7.80 12.39 17.17
CA GLY B 87 -7.98 13.77 16.78
C GLY B 87 -8.98 14.49 17.66
N ALA B 88 -8.66 15.74 18.07
CA ALA B 88 -9.42 16.63 18.95
C ALA B 88 -10.93 16.70 18.66
N GLY B 89 -11.31 16.70 17.39
CA GLY B 89 -12.73 16.79 17.00
C GLY B 89 -13.37 15.47 16.61
N ASN B 90 -12.60 14.37 16.65
CA ASN B 90 -13.11 13.05 16.29
C ASN B 90 -13.60 12.27 17.51
N LYS B 91 -14.62 11.41 17.31
CA LYS B 91 -15.23 10.58 18.35
C LYS B 91 -15.21 9.12 17.94
N LEU B 92 -15.36 8.22 18.92
CA LEU B 92 -15.38 6.77 18.73
C LEU B 92 -16.72 6.31 18.17
N ASP B 93 -16.69 5.30 17.31
CA ASP B 93 -17.90 4.67 16.75
C ASP B 93 -18.13 3.29 17.38
N GLY B 94 -17.08 2.69 17.92
CA GLY B 94 -17.15 1.36 18.51
C GLY B 94 -16.17 1.13 19.63
N VAL B 95 -16.57 0.28 20.59
CA VAL B 95 -15.75 -0.11 21.72
C VAL B 95 -15.84 -1.64 21.84
N VAL B 96 -14.67 -2.32 21.85
CA VAL B 96 -14.62 -3.75 22.04
C VAL B 96 -13.96 -4.07 23.39
N HIS B 97 -14.75 -4.59 24.34
CA HIS B 97 -14.29 -5.09 25.63
C HIS B 97 -13.97 -6.58 25.43
N ALA B 98 -12.68 -6.94 25.40
CA ALA B 98 -12.27 -8.33 25.28
C ALA B 98 -11.30 -8.62 26.43
N ILE B 99 -11.76 -8.29 27.63
CA ILE B 99 -11.00 -8.43 28.86
C ILE B 99 -11.75 -9.44 29.75
N GLY B 100 -11.04 -10.45 30.22
CA GLY B 100 -11.57 -11.52 31.06
C GLY B 100 -10.48 -12.11 31.92
N PHE B 101 -10.75 -12.25 33.22
CA PHE B 101 -9.79 -12.83 34.14
C PHE B 101 -10.49 -13.45 35.33
N MET B 102 -9.97 -14.59 35.76
CA MET B 102 -10.37 -15.26 36.97
C MET B 102 -9.15 -16.03 37.51
N PRO B 103 -8.69 -15.80 38.75
CA PRO B 103 -7.58 -16.60 39.28
C PRO B 103 -7.89 -18.10 39.25
N GLN B 104 -6.85 -18.95 39.18
CA GLN B 104 -6.99 -20.41 39.11
C GLN B 104 -7.72 -21.03 40.33
N THR B 105 -7.84 -20.28 41.43
CA THR B 105 -8.62 -20.72 42.60
C THR B 105 -10.12 -20.72 42.24
N GLY B 106 -10.52 -19.85 41.31
CA GLY B 106 -11.92 -19.66 40.89
C GLY B 106 -12.33 -20.41 39.62
N MET B 107 -11.38 -21.01 38.90
CA MET B 107 -11.67 -21.77 37.68
C MET B 107 -10.54 -22.76 37.34
N GLY B 108 -10.93 -23.98 36.98
CA GLY B 108 -10.00 -25.06 36.62
C GLY B 108 -10.25 -26.31 37.41
N ILE B 109 -9.25 -26.74 38.18
CA ILE B 109 -9.27 -27.94 39.03
C ILE B 109 -9.71 -27.65 40.47
N ASN B 110 -9.43 -26.45 40.99
CA ASN B 110 -9.79 -26.09 42.37
C ASN B 110 -11.29 -26.27 42.67
N PRO B 111 -11.69 -26.97 43.77
CA PRO B 111 -13.13 -27.10 44.06
C PRO B 111 -13.81 -25.73 44.19
N PHE B 112 -15.08 -25.63 43.76
CA PHE B 112 -15.88 -24.39 43.78
C PHE B 112 -15.91 -23.67 45.14
N PHE B 113 -16.06 -24.45 46.21
CA PHE B 113 -16.09 -23.96 47.59
C PHE B 113 -14.73 -23.48 48.11
N ASP B 114 -13.63 -23.86 47.46
CA ASP B 114 -12.29 -23.50 47.90
C ASP B 114 -11.76 -22.14 47.34
N ALA B 115 -12.55 -21.45 46.49
CA ALA B 115 -12.10 -20.16 45.97
C ALA B 115 -12.34 -19.06 47.02
N PRO B 116 -11.29 -18.32 47.48
CA PRO B 116 -11.55 -17.23 48.45
C PRO B 116 -12.20 -16.03 47.76
N TYR B 117 -12.97 -15.24 48.51
CA TYR B 117 -13.68 -14.10 47.95
C TYR B 117 -12.77 -13.07 47.30
N ALA B 118 -11.61 -12.78 47.90
CA ALA B 118 -10.64 -11.84 47.31
C ALA B 118 -10.29 -12.17 45.83
N ASP B 119 -10.15 -13.47 45.52
CA ASP B 119 -9.83 -13.95 44.18
C ASP B 119 -11.06 -13.84 43.26
N VAL B 120 -12.23 -14.28 43.73
CA VAL B 120 -13.45 -14.20 42.92
C VAL B 120 -13.79 -12.71 42.63
N SER B 121 -13.59 -11.81 43.64
CA SER B 121 -13.84 -10.36 43.55
C SER B 121 -12.94 -9.74 42.50
N LYS B 122 -11.65 -10.14 42.48
CA LYS B 122 -10.72 -9.60 41.47
C LYS B 122 -11.21 -10.00 40.06
N GLY B 123 -11.68 -11.24 39.94
CA GLY B 123 -12.22 -11.79 38.71
C GLY B 123 -13.46 -11.04 38.24
N ILE B 124 -14.40 -10.80 39.17
CA ILE B 124 -15.63 -10.05 38.87
C ILE B 124 -15.28 -8.60 38.50
N HIS B 125 -14.27 -8.00 39.19
CA HIS B 125 -13.84 -6.63 38.91
C HIS B 125 -13.38 -6.50 37.45
N ILE B 126 -12.51 -7.40 37.01
CA ILE B 126 -11.92 -7.37 35.66
C ILE B 126 -12.86 -7.89 34.59
N SER B 127 -13.54 -8.99 34.87
CA SER B 127 -14.44 -9.59 33.87
C SER B 127 -15.84 -8.93 33.71
N ALA B 128 -16.43 -8.33 34.77
CA ALA B 128 -17.78 -7.80 34.66
C ALA B 128 -17.90 -6.29 34.91
N TYR B 129 -17.45 -5.83 36.12
CA TYR B 129 -17.48 -4.43 36.53
C TYR B 129 -16.82 -3.48 35.52
N SER B 130 -15.66 -3.87 35.00
CA SER B 130 -14.88 -3.13 34.03
C SER B 130 -15.62 -2.87 32.72
N TYR B 131 -16.67 -3.70 32.41
CA TYR B 131 -17.51 -3.42 31.25
C TYR B 131 -18.24 -2.08 31.48
N ALA B 132 -18.77 -1.88 32.68
CA ALA B 132 -19.39 -0.59 33.04
C ALA B 132 -18.33 0.54 33.16
N SER B 133 -17.11 0.24 33.70
CA SER B 133 -16.02 1.24 33.85
C SER B 133 -15.58 1.77 32.49
N MET B 134 -15.38 0.87 31.52
CA MET B 134 -14.96 1.25 30.17
C MET B 134 -16.06 2.03 29.45
N ALA B 135 -17.35 1.70 29.69
CA ALA B 135 -18.49 2.41 29.09
C ALA B 135 -18.61 3.80 29.68
N LYS B 136 -18.43 3.94 31.00
CA LYS B 136 -18.48 5.24 31.71
C LYS B 136 -17.43 6.20 31.16
N ALA B 137 -16.20 5.69 31.01
CA ALA B 137 -15.08 6.45 30.51
C ALA B 137 -15.20 6.82 29.01
N LEU B 138 -15.81 5.96 28.18
CA LEU B 138 -15.82 6.17 26.74
C LEU B 138 -17.13 6.68 26.13
N LEU B 139 -18.29 6.50 26.77
CA LEU B 139 -19.56 7.03 26.26
C LEU B 139 -19.52 8.55 25.94
N PRO B 140 -18.89 9.45 26.76
CA PRO B 140 -18.86 10.89 26.39
C PRO B 140 -18.06 11.19 25.12
N ILE B 141 -17.20 10.25 24.66
CA ILE B 141 -16.43 10.43 23.41
C ILE B 141 -16.90 9.42 22.34
N MET B 142 -18.19 9.08 22.35
CA MET B 142 -18.78 8.14 21.37
C MET B 142 -19.86 8.84 20.56
N ASN B 143 -19.91 8.53 19.26
CA ASN B 143 -20.89 9.08 18.32
C ASN B 143 -22.25 8.36 18.41
N PRO B 144 -23.38 9.05 18.08
CA PRO B 144 -24.68 8.35 18.03
C PRO B 144 -24.62 7.30 16.92
N GLY B 145 -25.25 6.16 17.16
CA GLY B 145 -25.20 5.03 16.24
C GLY B 145 -24.01 4.15 16.58
N GLY B 146 -23.31 4.50 17.65
CA GLY B 146 -22.14 3.77 18.15
C GLY B 146 -22.50 2.42 18.74
N SER B 147 -21.49 1.61 19.01
CA SER B 147 -21.68 0.25 19.50
C SER B 147 -20.60 -0.21 20.48
N ILE B 148 -21.03 -0.75 21.62
CA ILE B 148 -20.14 -1.32 22.62
C ILE B 148 -20.36 -2.85 22.58
N VAL B 149 -19.28 -3.60 22.44
CA VAL B 149 -19.35 -5.08 22.40
C VAL B 149 -18.45 -5.68 23.48
N GLY B 150 -18.98 -6.58 24.27
CA GLY B 150 -18.23 -7.37 25.25
C GLY B 150 -18.23 -8.85 24.88
N MET B 151 -17.29 -9.63 25.43
CA MET B 151 -17.17 -11.05 25.16
C MET B 151 -17.73 -11.87 26.31
N ASP B 152 -18.58 -12.84 26.00
CA ASP B 152 -19.25 -13.68 26.98
C ASP B 152 -19.07 -15.18 26.67
N PHE B 153 -19.34 -16.03 27.67
CA PHE B 153 -19.37 -17.48 27.52
C PHE B 153 -20.61 -17.88 28.28
N ASP B 154 -21.65 -18.34 27.53
CA ASP B 154 -22.97 -18.72 28.00
C ASP B 154 -22.98 -19.29 29.42
N PRO B 155 -23.41 -18.49 30.43
CA PRO B 155 -23.40 -18.95 31.81
C PRO B 155 -24.79 -19.42 32.34
N SER B 156 -25.79 -19.55 31.43
CA SER B 156 -27.17 -19.95 31.79
C SER B 156 -27.25 -21.33 32.51
N ARG B 157 -26.26 -22.18 32.27
CA ARG B 157 -26.21 -23.52 32.88
C ARG B 157 -24.82 -23.76 33.47
N ALA B 158 -24.77 -24.41 34.65
CA ALA B 158 -23.49 -24.74 35.29
C ALA B 158 -22.76 -25.83 34.46
N MET B 159 -21.43 -25.86 34.58
CA MET B 159 -20.59 -26.79 33.86
C MET B 159 -19.30 -27.07 34.65
N PRO B 160 -18.54 -28.17 34.40
CA PRO B 160 -17.26 -28.38 35.10
C PRO B 160 -16.22 -27.32 34.76
N ALA B 161 -15.24 -27.12 35.68
CA ALA B 161 -14.08 -26.24 35.59
C ALA B 161 -14.36 -24.71 35.47
N TYR B 162 -15.36 -24.29 34.70
CA TYR B 162 -15.64 -22.86 34.48
C TYR B 162 -15.95 -22.12 35.80
N ASN B 163 -16.62 -22.80 36.75
CA ASN B 163 -16.89 -22.40 38.13
C ASN B 163 -17.20 -20.89 38.35
N TRP B 164 -16.34 -20.14 39.05
CA TRP B 164 -16.60 -18.72 39.36
C TRP B 164 -16.51 -17.80 38.14
N MET B 165 -15.89 -18.26 37.04
CA MET B 165 -15.91 -17.46 35.79
C MET B 165 -17.36 -17.45 35.22
N THR B 166 -18.15 -18.51 35.48
CA THR B 166 -19.56 -18.60 35.06
C THR B 166 -20.35 -17.57 35.87
N VAL B 167 -20.02 -17.43 37.17
CA VAL B 167 -20.65 -16.44 38.03
C VAL B 167 -20.30 -15.00 37.51
N ALA B 168 -19.01 -14.76 37.11
CA ALA B 168 -18.56 -13.45 36.59
C ALA B 168 -19.27 -13.14 35.25
N LYS B 169 -19.40 -14.13 34.35
CA LYS B 169 -20.14 -13.98 33.08
C LYS B 169 -21.64 -13.68 33.31
N SER B 170 -22.29 -14.31 34.32
CA SER B 170 -23.71 -14.05 34.68
C SER B 170 -23.84 -12.59 35.13
N ALA B 171 -22.85 -12.12 35.93
CA ALA B 171 -22.81 -10.73 36.41
C ALA B 171 -22.59 -9.79 35.21
N LEU B 172 -21.73 -10.18 34.24
CA LEU B 172 -21.44 -9.41 33.03
C LEU B 172 -22.71 -9.22 32.17
N GLU B 173 -23.56 -10.26 32.04
CA GLU B 173 -24.81 -10.18 31.27
C GLU B 173 -25.77 -9.16 31.89
N SER B 174 -25.86 -9.14 33.22
CA SER B 174 -26.66 -8.19 33.97
C SER B 174 -26.09 -6.76 33.83
N VAL B 175 -24.75 -6.63 33.93
CA VAL B 175 -24.04 -5.34 33.74
C VAL B 175 -24.38 -4.79 32.34
N ASN B 176 -24.27 -5.67 31.30
CA ASN B 176 -24.59 -5.31 29.91
C ASN B 176 -26.00 -4.71 29.75
N ARG B 177 -27.06 -5.25 30.42
CA ARG B 177 -28.46 -4.72 30.37
C ARG B 177 -28.52 -3.29 30.96
N PHE B 178 -27.73 -3.01 32.01
CA PHE B 178 -27.70 -1.67 32.59
C PHE B 178 -26.84 -0.70 31.79
N VAL B 179 -25.73 -1.20 31.18
CA VAL B 179 -24.87 -0.37 30.33
C VAL B 179 -25.70 0.08 29.12
N ALA B 180 -26.57 -0.81 28.58
CA ALA B 180 -27.49 -0.48 27.47
C ALA B 180 -28.39 0.72 27.79
N ARG B 181 -28.94 0.80 29.02
CA ARG B 181 -29.77 1.91 29.51
C ARG B 181 -29.00 3.23 29.48
N GLU B 182 -27.73 3.21 29.96
CA GLU B 182 -26.86 4.38 29.99
C GLU B 182 -26.43 4.80 28.60
N ALA B 183 -25.98 3.82 27.78
CA ALA B 183 -25.52 4.01 26.41
C ALA B 183 -26.63 4.55 25.49
N GLY B 184 -27.87 4.15 25.75
CA GLY B 184 -29.06 4.56 25.00
C GLY B 184 -29.25 6.07 24.95
N LYS B 185 -28.87 6.77 26.04
CA LYS B 185 -28.90 8.23 26.18
C LYS B 185 -27.98 8.94 25.16
N TYR B 186 -26.96 8.22 24.66
CA TYR B 186 -25.97 8.69 23.69
C TYR B 186 -26.30 8.18 22.29
N GLY B 187 -27.32 7.33 22.18
CA GLY B 187 -27.69 6.69 20.91
C GLY B 187 -26.75 5.55 20.58
N VAL B 188 -26.14 4.96 21.62
CA VAL B 188 -25.15 3.89 21.50
C VAL B 188 -25.74 2.55 21.95
N ARG B 189 -25.43 1.49 21.20
CA ARG B 189 -25.89 0.13 21.54
C ARG B 189 -24.81 -0.59 22.37
N SER B 190 -25.23 -1.55 23.22
CA SER B 190 -24.33 -2.32 24.09
C SER B 190 -24.78 -3.76 24.02
N ASN B 191 -23.91 -4.64 23.56
CA ASN B 191 -24.24 -6.06 23.39
C ASN B 191 -23.07 -6.95 23.73
N LEU B 192 -23.35 -8.22 23.98
CA LEU B 192 -22.36 -9.24 24.29
C LEU B 192 -22.40 -10.31 23.20
N VAL B 193 -21.22 -10.86 22.87
CA VAL B 193 -21.11 -11.96 21.92
C VAL B 193 -20.76 -13.19 22.73
N ALA B 194 -21.65 -14.19 22.75
CA ALA B 194 -21.36 -15.43 23.49
C ALA B 194 -20.72 -16.40 22.53
N ALA B 195 -19.44 -16.62 22.71
CA ALA B 195 -18.64 -17.47 21.84
C ALA B 195 -18.65 -18.93 22.29
N GLY B 196 -18.47 -19.85 21.36
CA GLY B 196 -18.28 -21.26 21.70
C GLY B 196 -16.84 -21.42 22.20
N PRO B 197 -16.40 -22.62 22.65
CA PRO B 197 -15.01 -22.75 23.14
C PRO B 197 -13.94 -22.47 22.11
N ILE B 198 -12.97 -21.61 22.47
CA ILE B 198 -11.85 -21.21 21.60
C ILE B 198 -10.53 -21.76 22.18
N ARG B 199 -9.80 -22.49 21.35
CA ARG B 199 -8.52 -23.07 21.73
C ARG B 199 -7.44 -22.01 21.78
N THR B 200 -7.19 -21.52 23.01
CA THR B 200 -6.15 -20.53 23.31
C THR B 200 -4.87 -21.33 23.72
N LEU B 201 -3.75 -20.61 24.01
CA LEU B 201 -2.47 -21.22 24.41
CA LEU B 201 -2.46 -21.22 24.43
C LEU B 201 -2.62 -22.05 25.69
N ALA B 202 -3.37 -21.52 26.69
CA ALA B 202 -3.63 -22.19 27.96
C ALA B 202 -4.56 -23.39 27.75
N MET B 203 -5.57 -23.24 26.87
CA MET B 203 -6.56 -24.26 26.50
C MET B 203 -5.92 -25.49 25.86
N SER B 204 -4.93 -25.28 24.95
CA SER B 204 -4.19 -26.36 24.30
C SER B 204 -3.38 -27.13 25.36
N ALA B 205 -2.77 -26.40 26.33
CA ALA B 205 -1.97 -26.94 27.43
C ALA B 205 -2.80 -27.83 28.37
N ILE B 206 -4.06 -27.41 28.72
CA ILE B 206 -4.98 -28.20 29.56
C ILE B 206 -5.39 -29.51 28.83
N VAL B 207 -5.54 -29.45 27.47
CA VAL B 207 -5.85 -30.62 26.63
C VAL B 207 -4.64 -31.59 26.64
N GLY B 208 -3.44 -31.01 26.63
CA GLY B 208 -2.17 -31.73 26.72
C GLY B 208 -1.98 -32.35 28.09
N GLY B 209 -2.62 -31.75 29.09
CA GLY B 209 -2.60 -32.24 30.47
C GLY B 209 -1.86 -31.40 31.48
N ALA B 210 -1.78 -30.06 31.27
CA ALA B 210 -1.12 -29.12 32.20
C ALA B 210 -1.86 -29.06 33.52
N LEU B 211 -3.18 -29.29 33.50
CA LEU B 211 -4.02 -29.26 34.70
C LEU B 211 -4.29 -30.67 35.27
N GLY B 212 -3.80 -31.70 34.58
CA GLY B 212 -3.96 -33.10 34.98
C GLY B 212 -4.86 -33.89 34.06
N GLU B 213 -4.92 -35.21 34.28
CA GLU B 213 -5.74 -36.10 33.44
C GLU B 213 -7.27 -35.84 33.54
N GLU B 214 -7.81 -35.61 34.75
CA GLU B 214 -9.24 -35.36 34.98
C GLU B 214 -9.71 -34.06 34.30
N ALA B 215 -8.99 -32.95 34.51
CA ALA B 215 -9.28 -31.64 33.93
C ALA B 215 -9.19 -31.70 32.43
N GLY B 216 -8.16 -32.41 31.93
CA GLY B 216 -7.95 -32.62 30.52
C GLY B 216 -9.10 -33.36 29.87
N ALA B 217 -9.65 -34.38 30.58
CA ALA B 217 -10.77 -35.19 30.09
C ALA B 217 -12.10 -34.41 30.09
N GLN B 218 -12.34 -33.57 31.14
CA GLN B 218 -13.51 -32.72 31.32
C GLN B 218 -13.62 -31.70 30.19
N ILE B 219 -12.54 -30.98 29.89
CA ILE B 219 -12.52 -29.93 28.87
C ILE B 219 -12.65 -30.57 27.47
N GLN B 220 -12.03 -31.75 27.25
CA GLN B 220 -12.17 -32.51 26.01
C GLN B 220 -13.64 -32.86 25.79
N LEU B 221 -14.36 -33.31 26.87
CA LEU B 221 -15.78 -33.66 26.84
C LEU B 221 -16.62 -32.41 26.47
N LEU B 222 -16.33 -31.26 27.08
CA LEU B 222 -17.01 -29.99 26.83
C LEU B 222 -16.88 -29.52 25.38
N GLU B 223 -15.64 -29.58 24.81
CA GLU B 223 -15.31 -29.19 23.43
C GLU B 223 -15.90 -30.15 22.39
N GLU B 224 -15.82 -31.48 22.66
CA GLU B 224 -16.36 -32.51 21.78
C GLU B 224 -17.88 -32.41 21.71
N GLY B 225 -18.51 -32.16 22.86
CA GLY B 225 -19.95 -32.00 22.99
C GLY B 225 -20.48 -30.79 22.24
N TRP B 226 -19.68 -29.72 22.18
CA TRP B 226 -20.02 -28.48 21.52
C TRP B 226 -20.19 -28.66 20.00
N ASP B 227 -19.17 -29.26 19.36
CA ASP B 227 -19.16 -29.57 17.94
C ASP B 227 -20.33 -30.50 17.59
N GLN B 228 -20.59 -31.48 18.48
CA GLN B 228 -21.69 -32.44 18.34
C GLN B 228 -23.06 -31.78 18.43
N ARG B 229 -23.23 -30.79 19.32
CA ARG B 229 -24.53 -30.10 19.53
C ARG B 229 -24.77 -29.05 18.48
N ALA B 230 -23.72 -28.33 18.07
CA ALA B 230 -23.77 -27.30 17.04
C ALA B 230 -24.33 -27.84 15.70
N PRO B 231 -25.53 -27.39 15.24
CA PRO B 231 -26.09 -27.91 13.96
C PRO B 231 -25.13 -27.73 12.78
N ILE B 232 -24.35 -26.65 12.77
CA ILE B 232 -23.38 -26.38 11.70
C ILE B 232 -21.94 -26.77 12.13
N GLY B 233 -21.81 -27.42 13.26
CA GLY B 233 -20.50 -27.79 13.78
C GLY B 233 -19.78 -26.63 14.46
N TRP B 234 -18.68 -26.93 15.11
CA TRP B 234 -17.89 -25.92 15.83
C TRP B 234 -16.41 -26.23 15.76
N ASN B 235 -15.63 -25.31 15.23
CA ASN B 235 -14.18 -25.45 15.13
C ASN B 235 -13.53 -24.54 16.20
N MET B 236 -13.05 -25.16 17.30
CA MET B 236 -12.41 -24.49 18.44
C MET B 236 -11.09 -23.77 18.08
N LYS B 237 -10.39 -24.23 17.01
CA LYS B 237 -9.13 -23.64 16.55
C LYS B 237 -9.36 -22.43 15.63
N ASP B 238 -10.62 -22.05 15.38
CA ASP B 238 -10.95 -20.90 14.51
C ASP B 238 -11.75 -19.82 15.22
N ALA B 239 -11.11 -18.67 15.45
CA ALA B 239 -11.71 -17.52 16.12
C ALA B 239 -12.37 -16.52 15.17
N THR B 240 -12.13 -16.65 13.84
CA THR B 240 -12.68 -15.73 12.83
C THR B 240 -14.22 -15.73 12.82
N PRO B 241 -15.02 -16.83 12.99
CA PRO B 241 -16.47 -16.65 12.98
C PRO B 241 -16.98 -15.79 14.13
N VAL B 242 -16.30 -15.82 15.29
CA VAL B 242 -16.70 -15.01 16.44
C VAL B 242 -16.26 -13.55 16.22
N ALA B 243 -15.05 -13.30 15.60
CA ALA B 243 -14.60 -11.94 15.28
C ALA B 243 -15.55 -11.25 14.29
N LYS B 244 -16.03 -11.97 13.28
CA LYS B 244 -16.98 -11.44 12.26
C LYS B 244 -18.29 -11.02 12.90
N THR B 245 -18.77 -11.79 13.89
CA THR B 245 -19.99 -11.52 14.67
C THR B 245 -19.81 -10.20 15.43
N VAL B 246 -18.63 -10.00 16.07
CA VAL B 246 -18.32 -8.77 16.80
C VAL B 246 -18.38 -7.59 15.81
N CYS B 247 -17.79 -7.78 14.62
CA CYS B 247 -17.78 -6.75 13.57
C CYS B 247 -19.21 -6.47 13.04
N ALA B 248 -20.09 -7.51 13.02
CA ALA B 248 -21.48 -7.32 12.60
C ALA B 248 -22.20 -6.41 13.62
N LEU B 249 -21.86 -6.57 14.93
CA LEU B 249 -22.43 -5.76 15.99
C LEU B 249 -21.87 -4.34 15.97
N LEU B 250 -20.63 -4.16 15.53
CA LEU B 250 -19.97 -2.85 15.42
C LEU B 250 -20.49 -2.08 14.21
N SER B 251 -21.07 -2.78 13.23
CA SER B 251 -21.61 -2.16 12.01
C SER B 251 -22.98 -1.53 12.27
N ASP B 252 -23.57 -0.96 11.21
CA ASP B 252 -24.89 -0.34 11.24
C ASP B 252 -25.97 -1.37 10.81
N TRP B 253 -25.60 -2.65 10.69
CA TRP B 253 -26.49 -3.72 10.20
C TRP B 253 -27.32 -4.43 11.29
N LEU B 254 -27.10 -4.08 12.57
CA LEU B 254 -27.89 -4.56 13.70
C LEU B 254 -28.26 -3.30 14.51
N PRO B 255 -29.05 -2.35 13.94
CA PRO B 255 -29.25 -1.07 14.64
C PRO B 255 -30.31 -1.04 15.73
N ALA B 256 -31.12 -2.10 15.84
CA ALA B 256 -32.19 -2.12 16.82
C ALA B 256 -31.92 -3.17 17.89
N THR B 257 -30.66 -3.62 18.00
CA THR B 257 -30.25 -4.63 18.99
C THR B 257 -29.43 -3.97 20.10
N THR B 258 -29.91 -4.07 21.37
CA THR B 258 -29.23 -3.54 22.54
C THR B 258 -29.56 -4.33 23.76
N GLY B 259 -28.64 -4.30 24.74
CA GLY B 259 -28.74 -5.01 26.02
C GLY B 259 -28.81 -6.48 25.85
N ASP B 260 -28.40 -6.95 24.66
CA ASP B 260 -28.57 -8.33 24.26
C ASP B 260 -27.31 -9.15 24.16
N ILE B 261 -27.51 -10.44 23.90
CA ILE B 261 -26.47 -11.44 23.71
C ILE B 261 -26.66 -12.07 22.33
N ILE B 262 -25.61 -12.08 21.51
CA ILE B 262 -25.59 -12.74 20.21
C ILE B 262 -24.74 -13.99 20.39
N TYR B 263 -25.29 -15.15 20.03
CA TYR B 263 -24.55 -16.41 20.19
C TYR B 263 -23.80 -16.81 18.91
N ALA B 264 -22.45 -16.77 18.99
CA ALA B 264 -21.57 -17.18 17.91
C ALA B 264 -20.90 -18.47 18.40
N ASP B 265 -21.72 -19.53 18.58
CA ASP B 265 -21.36 -20.84 19.13
C ASP B 265 -21.78 -22.02 18.23
N GLY B 266 -22.02 -21.74 16.95
CA GLY B 266 -22.51 -22.72 15.99
C GLY B 266 -23.92 -23.22 16.26
N GLY B 267 -24.71 -22.44 17.00
CA GLY B 267 -26.06 -22.82 17.42
C GLY B 267 -26.11 -23.89 18.50
N ALA B 268 -24.98 -24.21 19.17
CA ALA B 268 -24.97 -25.28 20.20
C ALA B 268 -25.89 -25.03 21.41
N HIS B 269 -26.02 -23.81 21.89
CA HIS B 269 -26.90 -23.48 23.06
C HIS B 269 -28.41 -23.75 22.81
N THR B 270 -28.83 -23.96 21.55
CA THR B 270 -30.24 -24.21 21.21
C THR B 270 -30.54 -25.69 21.11
N GLN B 271 -29.54 -26.52 21.34
CA GLN B 271 -29.62 -27.98 21.17
C GLN B 271 -29.22 -28.71 22.43
N LEU B 272 -30.05 -29.67 22.85
CA LEU B 272 -29.75 -30.50 24.03
C LEU B 272 -28.70 -31.56 23.67
N LEU B 273 -28.94 -32.27 22.54
CA LEU B 273 -28.05 -33.31 22.02
C LEU B 273 -28.04 -33.20 20.49
N GLY C 7 -10.06 -23.08 -4.65
CA GLY C 7 -9.77 -21.75 -5.16
C GLY C 7 -8.57 -21.71 -6.08
N LEU C 8 -8.66 -22.46 -7.19
CA LEU C 8 -7.61 -22.59 -8.21
C LEU C 8 -7.28 -21.25 -8.87
N LEU C 9 -8.31 -20.42 -9.09
CA LEU C 9 -8.21 -19.11 -9.73
C LEU C 9 -8.51 -17.95 -8.76
N ASP C 10 -8.23 -18.16 -7.45
CA ASP C 10 -8.48 -17.19 -6.39
C ASP C 10 -7.76 -15.85 -6.60
N GLY C 11 -8.55 -14.77 -6.66
CA GLY C 11 -8.05 -13.42 -6.83
C GLY C 11 -7.57 -13.05 -8.22
N LYS C 12 -7.88 -13.88 -9.23
CA LYS C 12 -7.49 -13.64 -10.62
C LYS C 12 -8.58 -12.92 -11.41
N ARG C 13 -8.19 -11.88 -12.16
CA ARG C 13 -9.11 -11.12 -13.02
C ARG C 13 -9.04 -11.73 -14.42
N ILE C 14 -10.15 -12.33 -14.90
CA ILE C 14 -10.14 -13.03 -16.18
C ILE C 14 -11.21 -12.51 -17.16
N LEU C 15 -10.79 -12.14 -18.38
CA LEU C 15 -11.69 -11.73 -19.45
C LEU C 15 -12.10 -13.01 -20.22
N VAL C 16 -13.40 -13.22 -20.40
CA VAL C 16 -13.96 -14.38 -21.11
C VAL C 16 -14.83 -13.90 -22.28
N SER C 17 -14.45 -14.30 -23.51
CA SER C 17 -15.20 -13.96 -24.72
C SER C 17 -15.97 -15.18 -25.22
N GLY C 18 -16.98 -14.93 -26.06
CA GLY C 18 -17.77 -15.96 -26.70
C GLY C 18 -19.01 -16.50 -26.04
N ILE C 19 -19.54 -15.84 -25.00
CA ILE C 19 -20.80 -16.31 -24.38
C ILE C 19 -21.99 -15.74 -25.19
N ILE C 20 -22.86 -16.64 -25.73
CA ILE C 20 -24.06 -16.28 -26.49
C ILE C 20 -25.28 -17.08 -25.96
N THR C 21 -25.06 -18.35 -25.54
CA THR C 21 -26.04 -19.28 -24.96
C THR C 21 -25.37 -20.06 -23.82
N ASP C 22 -26.14 -20.77 -22.96
CA ASP C 22 -25.53 -21.55 -21.87
C ASP C 22 -25.03 -22.94 -22.32
N SER C 23 -25.29 -23.32 -23.60
CA SER C 23 -24.81 -24.57 -24.17
C SER C 23 -23.35 -24.45 -24.67
N SER C 24 -22.76 -23.22 -24.63
CA SER C 24 -21.38 -22.90 -25.04
C SER C 24 -20.32 -23.36 -24.02
N ILE C 25 -19.06 -23.66 -24.49
CA ILE C 25 -17.89 -24.01 -23.66
C ILE C 25 -17.48 -22.75 -22.87
N ALA C 26 -17.58 -21.56 -23.52
CA ALA C 26 -17.28 -20.25 -22.92
C ALA C 26 -18.15 -20.00 -21.67
N PHE C 27 -19.42 -20.49 -21.69
CA PHE C 27 -20.33 -20.38 -20.55
C PHE C 27 -19.79 -21.19 -19.38
N HIS C 28 -19.37 -22.46 -19.65
CA HIS C 28 -18.83 -23.38 -18.64
C HIS C 28 -17.47 -22.97 -18.13
N ILE C 29 -16.62 -22.35 -18.99
CA ILE C 29 -15.31 -21.82 -18.58
C ILE C 29 -15.55 -20.74 -17.52
N ALA C 30 -16.46 -19.80 -17.83
CA ALA C 30 -16.85 -18.69 -16.95
C ALA C 30 -17.44 -19.21 -15.64
N ARG C 31 -18.33 -20.22 -15.73
CA ARG C 31 -18.99 -20.84 -14.57
C ARG C 31 -17.95 -21.50 -13.65
N VAL C 32 -17.08 -22.37 -14.21
CA VAL C 32 -16.02 -23.04 -13.47
C VAL C 32 -15.03 -22.02 -12.87
N ALA C 33 -14.60 -21.01 -13.67
CA ALA C 33 -13.68 -19.96 -13.21
C ALA C 33 -14.21 -19.18 -11.99
N GLN C 34 -15.50 -18.80 -11.99
CA GLN C 34 -16.15 -18.08 -10.88
C GLN C 34 -16.21 -18.95 -9.62
N GLU C 35 -16.50 -20.27 -9.80
CA GLU C 35 -16.52 -21.27 -8.71
C GLU C 35 -15.13 -21.39 -8.08
N GLN C 36 -14.08 -21.18 -8.88
CA GLN C 36 -12.69 -21.25 -8.44
C GLN C 36 -12.14 -19.90 -7.92
N GLY C 37 -13.02 -18.93 -7.71
CA GLY C 37 -12.67 -17.63 -7.14
C GLY C 37 -12.17 -16.55 -8.08
N ALA C 38 -12.41 -16.71 -9.39
CA ALA C 38 -11.98 -15.70 -10.37
C ALA C 38 -12.99 -14.56 -10.50
N GLN C 39 -12.48 -13.33 -10.68
CA GLN C 39 -13.27 -12.13 -10.91
C GLN C 39 -13.33 -11.97 -12.43
N LEU C 40 -14.53 -12.01 -13.02
CA LEU C 40 -14.63 -11.98 -14.49
C LEU C 40 -15.09 -10.68 -15.12
N VAL C 41 -14.67 -10.52 -16.41
CA VAL C 41 -15.07 -9.47 -17.35
C VAL C 41 -15.55 -10.29 -18.55
N LEU C 42 -16.78 -10.04 -18.99
CA LEU C 42 -17.37 -10.79 -20.10
C LEU C 42 -17.56 -9.93 -21.34
N THR C 43 -17.49 -10.56 -22.52
CA THR C 43 -17.70 -9.88 -23.80
C THR C 43 -18.73 -10.60 -24.67
N GLY C 44 -19.56 -9.79 -25.33
CA GLY C 44 -20.62 -10.22 -26.23
C GLY C 44 -20.51 -9.60 -27.61
N PHE C 45 -21.03 -10.31 -28.62
CA PHE C 45 -20.96 -9.85 -30.00
C PHE C 45 -22.04 -8.81 -30.39
N ASP C 46 -23.31 -9.24 -30.61
CA ASP C 46 -24.35 -8.33 -31.09
C ASP C 46 -25.57 -8.21 -30.15
N ARG C 47 -26.26 -9.35 -29.89
CA ARG C 47 -27.45 -9.39 -29.04
C ARG C 47 -27.06 -9.23 -27.56
N LEU C 48 -26.61 -8.02 -27.16
CA LEU C 48 -26.17 -7.73 -25.78
C LEU C 48 -27.29 -7.86 -24.74
N ARG C 49 -28.54 -7.51 -25.14
CA ARG C 49 -29.73 -7.64 -24.30
C ARG C 49 -29.91 -9.14 -23.96
N LEU C 50 -29.93 -10.01 -25.00
CA LEU C 50 -30.06 -11.46 -24.87
C LEU C 50 -28.84 -12.10 -24.18
N ILE C 51 -27.63 -11.55 -24.39
CA ILE C 51 -26.40 -12.08 -23.79
C ILE C 51 -26.36 -11.76 -22.28
N GLN C 52 -26.84 -10.56 -21.88
CA GLN C 52 -26.94 -10.15 -20.46
C GLN C 52 -27.88 -11.10 -19.66
N ARG C 53 -28.96 -11.57 -20.32
CA ARG C 53 -29.94 -12.53 -19.81
C ARG C 53 -29.27 -13.90 -19.64
N ILE C 54 -28.35 -14.28 -20.58
CA ILE C 54 -27.63 -15.55 -20.52
C ILE C 54 -26.58 -15.53 -19.38
N THR C 55 -25.82 -14.43 -19.30
CA THR C 55 -24.76 -14.26 -18.31
C THR C 55 -25.29 -14.14 -16.88
N ASP C 56 -26.63 -13.99 -16.72
CA ASP C 56 -27.29 -13.94 -15.41
C ASP C 56 -27.35 -15.34 -14.79
N ARG C 57 -27.23 -16.40 -15.64
CA ARG C 57 -27.19 -17.81 -15.22
C ARG C 57 -25.81 -18.19 -14.62
N LEU C 58 -24.82 -17.26 -14.71
CA LEU C 58 -23.47 -17.45 -14.15
C LEU C 58 -23.53 -17.26 -12.61
N PRO C 59 -22.77 -18.06 -11.80
CA PRO C 59 -22.85 -17.95 -10.33
C PRO C 59 -22.67 -16.57 -9.69
N ALA C 60 -21.88 -15.71 -10.34
CA ALA C 60 -21.62 -14.38 -9.82
C ALA C 60 -21.75 -13.30 -10.88
N LYS C 61 -21.96 -12.05 -10.43
CA LYS C 61 -22.07 -10.88 -11.28
C LYS C 61 -20.72 -10.57 -11.95
N ALA C 62 -20.76 -10.11 -13.21
CA ALA C 62 -19.57 -9.76 -13.97
C ALA C 62 -19.92 -8.73 -15.05
N PRO C 63 -19.12 -7.64 -15.18
CA PRO C 63 -19.43 -6.65 -16.22
C PRO C 63 -19.34 -7.20 -17.65
N LEU C 64 -20.29 -6.74 -18.49
CA LEU C 64 -20.47 -7.10 -19.89
C LEU C 64 -19.92 -5.95 -20.75
N LEU C 65 -19.13 -6.29 -21.78
CA LEU C 65 -18.58 -5.32 -22.73
C LEU C 65 -18.81 -5.81 -24.16
N GLU C 66 -19.22 -4.91 -25.06
CA GLU C 66 -19.48 -5.23 -26.47
C GLU C 66 -18.14 -5.40 -27.20
N LEU C 67 -18.00 -6.53 -27.90
CA LEU C 67 -16.80 -6.80 -28.67
C LEU C 67 -17.08 -7.59 -29.93
N ASP C 68 -17.14 -6.85 -31.05
CA ASP C 68 -17.24 -7.40 -32.39
C ASP C 68 -15.78 -7.35 -32.82
N VAL C 69 -15.20 -8.54 -32.90
CA VAL C 69 -13.82 -8.79 -33.22
C VAL C 69 -13.44 -8.30 -34.63
N GLN C 70 -14.42 -8.06 -35.52
CA GLN C 70 -14.17 -7.51 -36.86
C GLN C 70 -14.14 -5.97 -36.87
N ASN C 71 -14.47 -5.33 -35.74
CA ASN C 71 -14.45 -3.88 -35.63
C ASN C 71 -13.20 -3.41 -34.92
N GLU C 72 -12.33 -2.70 -35.66
CA GLU C 72 -11.06 -2.17 -35.12
C GLU C 72 -11.28 -1.03 -34.12
N GLU C 73 -12.52 -0.50 -34.03
CA GLU C 73 -12.88 0.52 -33.05
C GLU C 73 -13.03 -0.12 -31.65
N HIS C 74 -13.75 -1.27 -31.56
CA HIS C 74 -13.97 -2.03 -30.32
C HIS C 74 -12.64 -2.52 -29.73
N LEU C 75 -11.77 -3.08 -30.59
CA LEU C 75 -10.47 -3.62 -30.19
C LEU C 75 -9.57 -2.54 -29.60
N ALA C 76 -9.47 -1.37 -30.28
CA ALA C 76 -8.68 -0.23 -29.81
C ALA C 76 -9.17 0.27 -28.44
N SER C 77 -10.51 0.24 -28.22
CA SER C 77 -11.12 0.69 -26.96
C SER C 77 -10.95 -0.29 -25.79
N LEU C 78 -11.08 -1.63 -26.05
CA LEU C 78 -10.96 -2.76 -25.11
C LEU C 78 -10.16 -2.51 -23.84
N ALA C 79 -8.86 -2.13 -23.98
CA ALA C 79 -7.94 -1.87 -22.85
C ALA C 79 -8.50 -0.85 -21.86
N GLY C 80 -9.05 0.24 -22.38
CA GLY C 80 -9.67 1.32 -21.61
C GLY C 80 -10.98 0.91 -20.96
N ARG C 81 -11.82 0.16 -21.69
CA ARG C 81 -13.12 -0.34 -21.21
C ARG C 81 -12.98 -1.42 -20.11
N VAL C 82 -12.02 -2.36 -20.27
CA VAL C 82 -11.78 -3.45 -19.31
C VAL C 82 -11.24 -2.88 -17.98
N THR C 83 -10.29 -1.92 -18.03
CA THR C 83 -9.67 -1.28 -16.86
C THR C 83 -10.70 -0.54 -15.99
N GLU C 84 -11.66 0.18 -16.62
CA GLU C 84 -12.70 0.91 -15.90
C GLU C 84 -13.74 -0.03 -15.25
N ALA C 85 -13.76 -1.30 -15.68
CA ALA C 85 -14.62 -2.33 -15.13
C ALA C 85 -13.96 -3.08 -13.94
N ILE C 86 -12.61 -3.19 -13.92
CA ILE C 86 -11.87 -3.89 -12.84
C ILE C 86 -11.20 -2.95 -11.82
N GLY C 87 -10.90 -1.71 -12.21
CA GLY C 87 -10.24 -0.73 -11.36
C GLY C 87 -9.01 -0.16 -12.03
N ALA C 88 -8.86 1.19 -11.97
CA ALA C 88 -7.79 1.98 -12.59
C ALA C 88 -6.35 1.40 -12.46
N GLY C 89 -6.05 0.84 -11.30
CA GLY C 89 -4.73 0.27 -11.01
C GLY C 89 -4.62 -1.24 -11.14
N ASN C 90 -5.75 -1.92 -11.45
CA ASN C 90 -5.80 -3.37 -11.58
C ASN C 90 -5.57 -3.82 -13.02
N LYS C 91 -4.95 -4.99 -13.17
CA LYS C 91 -4.65 -5.61 -14.46
C LYS C 91 -5.25 -7.02 -14.55
N LEU C 92 -5.38 -7.53 -15.78
CA LEU C 92 -5.92 -8.85 -16.09
C LEU C 92 -4.87 -9.94 -15.79
N ASP C 93 -5.33 -11.11 -15.35
CA ASP C 93 -4.49 -12.26 -15.10
C ASP C 93 -4.72 -13.36 -16.15
N GLY C 94 -5.89 -13.32 -16.81
CA GLY C 94 -6.27 -14.30 -17.81
C GLY C 94 -7.17 -13.75 -18.88
N VAL C 95 -7.10 -14.33 -20.08
CA VAL C 95 -7.88 -13.93 -21.25
C VAL C 95 -8.28 -15.22 -21.95
N VAL C 96 -9.59 -15.43 -22.14
CA VAL C 96 -10.13 -16.61 -22.80
C VAL C 96 -10.76 -16.19 -24.11
N HIS C 97 -10.19 -16.68 -25.22
CA HIS C 97 -10.66 -16.48 -26.58
C HIS C 97 -11.49 -17.71 -26.91
N ALA C 98 -12.81 -17.54 -26.95
CA ALA C 98 -13.73 -18.65 -27.22
C ALA C 98 -14.75 -18.28 -28.31
N ILE C 99 -14.26 -17.58 -29.35
CA ILE C 99 -15.03 -17.15 -30.51
C ILE C 99 -14.57 -17.91 -31.76
N GLY C 100 -15.51 -18.46 -32.48
CA GLY C 100 -15.27 -19.29 -33.66
C GLY C 100 -16.44 -19.20 -34.60
N PHE C 101 -16.15 -18.98 -35.88
CA PHE C 101 -17.19 -18.84 -36.89
C PHE C 101 -16.69 -19.25 -38.26
N MET C 102 -17.56 -19.89 -39.03
CA MET C 102 -17.35 -20.26 -40.42
C MET C 102 -18.73 -20.33 -41.09
N PRO C 103 -18.96 -19.54 -42.16
CA PRO C 103 -20.25 -19.65 -42.88
C PRO C 103 -20.49 -21.09 -43.38
N GLN C 104 -21.76 -21.48 -43.54
CA GLN C 104 -22.14 -22.83 -43.99
C GLN C 104 -21.60 -23.22 -45.37
N THR C 105 -21.12 -22.23 -46.16
CA THR C 105 -20.47 -22.50 -47.45
C THR C 105 -19.09 -23.16 -47.20
N GLY C 106 -18.48 -22.85 -46.05
CA GLY C 106 -17.18 -23.36 -45.65
C GLY C 106 -17.15 -24.59 -44.78
N MET C 107 -18.31 -25.00 -44.24
CA MET C 107 -18.42 -26.19 -43.38
C MET C 107 -19.83 -26.77 -43.34
N GLY C 108 -19.92 -28.09 -43.48
CA GLY C 108 -21.17 -28.83 -43.48
C GLY C 108 -21.32 -29.74 -44.67
N ILE C 109 -22.37 -29.49 -45.47
CA ILE C 109 -22.72 -30.25 -46.67
C ILE C 109 -22.09 -29.69 -47.95
N ASN C 110 -21.89 -28.35 -48.02
CA ASN C 110 -21.32 -27.67 -49.18
C ASN C 110 -19.96 -28.24 -49.59
N PRO C 111 -19.74 -28.59 -50.88
CA PRO C 111 -18.41 -29.13 -51.27
C PRO C 111 -17.29 -28.15 -50.95
N PHE C 112 -16.11 -28.68 -50.57
CA PHE C 112 -14.91 -27.89 -50.19
C PHE C 112 -14.54 -26.82 -51.23
N PHE C 113 -14.59 -27.19 -52.50
CA PHE C 113 -14.27 -26.30 -53.63
C PHE C 113 -15.30 -25.20 -53.89
N ASP C 114 -16.53 -25.36 -53.36
CA ASP C 114 -17.62 -24.40 -53.59
C ASP C 114 -17.69 -23.25 -52.57
N ALA C 115 -16.78 -23.21 -51.58
CA ALA C 115 -16.79 -22.11 -50.60
C ALA C 115 -16.11 -20.87 -51.20
N PRO C 116 -16.80 -19.71 -51.34
CA PRO C 116 -16.12 -18.53 -51.91
C PRO C 116 -15.14 -17.95 -50.91
N TYR C 117 -14.08 -17.30 -51.41
CA TYR C 117 -13.05 -16.74 -50.54
C TYR C 117 -13.59 -15.74 -49.51
N ALA C 118 -14.55 -14.86 -49.89
CA ALA C 118 -15.13 -13.88 -48.97
C ALA C 118 -15.65 -14.54 -47.68
N ASP C 119 -16.28 -15.71 -47.81
CA ASP C 119 -16.82 -16.48 -46.70
C ASP C 119 -15.72 -17.15 -45.88
N VAL C 120 -14.73 -17.79 -46.55
CA VAL C 120 -13.64 -18.44 -45.83
C VAL C 120 -12.81 -17.37 -45.06
N SER C 121 -12.59 -16.19 -45.69
CA SER C 121 -11.86 -15.05 -45.14
C SER C 121 -12.53 -14.54 -43.88
N LYS C 122 -13.88 -14.43 -43.89
CA LYS C 122 -14.64 -13.98 -42.72
C LYS C 122 -14.43 -14.97 -41.56
N GLY C 123 -14.44 -16.26 -41.91
CA GLY C 123 -14.21 -17.35 -40.96
C GLY C 123 -12.82 -17.32 -40.36
N ILE C 124 -11.79 -17.09 -41.19
CA ILE C 124 -10.40 -17.00 -40.73
C ILE C 124 -10.22 -15.73 -39.88
N HIS C 125 -10.89 -14.62 -40.27
CA HIS C 125 -10.84 -13.36 -39.54
C HIS C 125 -11.31 -13.56 -38.09
N ILE C 126 -12.50 -14.15 -37.92
CA ILE C 126 -13.12 -14.36 -36.62
C ILE C 126 -12.49 -15.53 -35.84
N SER C 127 -12.23 -16.65 -36.50
CA SER C 127 -11.68 -17.83 -35.82
C SER C 127 -10.16 -17.82 -35.57
N ALA C 128 -9.33 -17.19 -36.46
CA ALA C 128 -7.88 -17.20 -36.28
C ALA C 128 -7.23 -15.84 -36.00
N TYR C 129 -7.37 -14.86 -36.94
CA TYR C 129 -6.77 -13.50 -36.84
C TYR C 129 -7.10 -12.78 -35.54
N SER C 130 -8.37 -12.90 -35.10
CA SER C 130 -8.88 -12.29 -33.88
C SER C 130 -8.17 -12.75 -32.59
N TYR C 131 -7.50 -13.93 -32.62
CA TYR C 131 -6.72 -14.42 -31.48
C TYR C 131 -5.50 -13.48 -31.28
N ALA C 132 -4.93 -12.98 -32.40
CA ALA C 132 -3.84 -11.99 -32.37
C ALA C 132 -4.38 -10.58 -32.05
N SER C 133 -5.59 -10.22 -32.59
CA SER C 133 -6.25 -8.92 -32.33
C SER C 133 -6.54 -8.71 -30.84
N MET C 134 -7.12 -9.74 -30.19
CA MET C 134 -7.47 -9.72 -28.77
C MET C 134 -6.24 -9.65 -27.90
N ALA C 135 -5.15 -10.36 -28.30
CA ALA C 135 -3.89 -10.37 -27.55
C ALA C 135 -3.21 -9.00 -27.65
N LYS C 136 -3.21 -8.36 -28.83
CA LYS C 136 -2.63 -7.03 -29.06
C LYS C 136 -3.32 -5.99 -28.15
N ALA C 137 -4.67 -6.05 -28.10
CA ALA C 137 -5.47 -5.14 -27.30
C ALA C 137 -5.35 -5.35 -25.79
N LEU C 138 -5.15 -6.62 -25.34
CA LEU C 138 -5.17 -6.90 -23.90
C LEU C 138 -3.81 -7.13 -23.22
N LEU C 139 -2.75 -7.49 -23.97
CA LEU C 139 -1.42 -7.68 -23.37
C LEU C 139 -0.92 -6.45 -22.57
N PRO C 140 -1.12 -5.15 -23.00
CA PRO C 140 -0.64 -4.04 -22.17
C PRO C 140 -1.34 -3.91 -20.80
N ILE C 141 -2.53 -4.53 -20.64
CA ILE C 141 -3.26 -4.51 -19.36
C ILE C 141 -3.29 -5.91 -18.71
N MET C 142 -2.21 -6.69 -18.92
CA MET C 142 -2.06 -8.03 -18.34
C MET C 142 -0.87 -8.10 -17.40
N ASN C 143 -1.03 -8.82 -16.28
CA ASN C 143 0.00 -9.03 -15.27
C ASN C 143 1.02 -10.12 -15.66
N PRO C 144 2.31 -10.01 -15.23
CA PRO C 144 3.26 -11.10 -15.50
C PRO C 144 2.77 -12.38 -14.80
N GLY C 145 2.94 -13.51 -15.46
CA GLY C 145 2.44 -14.79 -14.99
C GLY C 145 1.04 -15.02 -15.51
N GLY C 146 0.57 -14.11 -16.35
CA GLY C 146 -0.74 -14.14 -16.99
C GLY C 146 -0.88 -15.24 -18.01
N SER C 147 -2.11 -15.47 -18.50
CA SER C 147 -2.41 -16.56 -19.41
C SER C 147 -3.52 -16.23 -20.44
N ILE C 148 -3.23 -16.51 -21.73
CA ILE C 148 -4.18 -16.34 -22.82
C ILE C 148 -4.52 -17.74 -23.33
N VAL C 149 -5.81 -18.08 -23.38
CA VAL C 149 -6.25 -19.40 -23.82
C VAL C 149 -7.24 -19.27 -24.96
N GLY C 150 -7.04 -20.07 -25.99
CA GLY C 150 -7.94 -20.13 -27.14
C GLY C 150 -8.51 -21.53 -27.29
N MET C 151 -9.62 -21.67 -28.04
CA MET C 151 -10.25 -22.96 -28.30
C MET C 151 -9.92 -23.47 -29.69
N ASP C 152 -9.53 -24.73 -29.78
CA ASP C 152 -9.13 -25.37 -31.02
C ASP C 152 -9.86 -26.72 -31.21
N PHE C 153 -9.85 -27.25 -32.44
CA PHE C 153 -10.34 -28.57 -32.78
C PHE C 153 -9.28 -29.13 -33.70
N ASP C 154 -8.54 -30.15 -33.21
CA ASP C 154 -7.40 -30.81 -33.88
C ASP C 154 -7.52 -30.85 -35.40
N PRO C 155 -6.76 -29.96 -36.10
CA PRO C 155 -6.86 -29.89 -37.56
C PRO C 155 -5.73 -30.60 -38.30
N SER C 156 -4.88 -31.36 -37.58
CA SER C 156 -3.72 -32.08 -38.15
C SER C 156 -4.10 -33.07 -39.27
N ARG C 157 -5.33 -33.57 -39.25
CA ARG C 157 -5.82 -34.49 -40.27
C ARG C 157 -7.14 -34.01 -40.84
N ALA C 158 -7.34 -34.17 -42.17
CA ALA C 158 -8.60 -33.81 -42.83
C ALA C 158 -9.72 -34.76 -42.36
N MET C 159 -10.97 -34.26 -42.37
CA MET C 159 -12.14 -35.02 -41.93
C MET C 159 -13.38 -34.54 -42.69
N PRO C 160 -14.47 -35.33 -42.78
CA PRO C 160 -15.68 -34.82 -43.46
C PRO C 160 -16.33 -33.64 -42.70
N ALA C 161 -17.08 -32.81 -43.47
CA ALA C 161 -17.87 -31.64 -43.03
C ALA C 161 -17.11 -30.46 -42.43
N TYR C 162 -16.07 -30.70 -41.59
CA TYR C 162 -15.33 -29.61 -40.91
C TYR C 162 -14.69 -28.65 -41.92
N ASN C 163 -14.22 -29.18 -43.09
CA ASN C 163 -13.71 -28.47 -44.27
C ASN C 163 -12.89 -27.19 -43.98
N TRP C 164 -13.38 -25.97 -44.34
CA TRP C 164 -12.62 -24.73 -44.16
C TRP C 164 -12.45 -24.31 -42.69
N MET C 165 -13.25 -24.87 -41.76
CA MET C 165 -13.07 -24.59 -40.34
C MET C 165 -11.76 -25.26 -39.87
N THR C 166 -11.37 -26.40 -40.49
CA THR C 166 -10.12 -27.11 -40.24
C THR C 166 -8.96 -26.22 -40.67
N VAL C 167 -9.12 -25.54 -41.82
CA VAL C 167 -8.12 -24.61 -42.34
C VAL C 167 -7.99 -23.40 -41.38
N ALA C 168 -9.12 -22.88 -40.87
CA ALA C 168 -9.11 -21.75 -39.92
C ALA C 168 -8.44 -22.15 -38.60
N LYS C 169 -8.65 -23.42 -38.16
CA LYS C 169 -8.06 -23.93 -36.92
C LYS C 169 -6.55 -24.18 -37.08
N SER C 170 -6.11 -24.61 -38.28
CA SER C 170 -4.68 -24.76 -38.61
C SER C 170 -4.01 -23.38 -38.53
N ALA C 171 -4.70 -22.35 -39.06
CA ALA C 171 -4.23 -20.96 -39.03
C ALA C 171 -4.13 -20.48 -37.59
N LEU C 172 -5.15 -20.81 -36.75
CA LEU C 172 -5.21 -20.47 -35.33
C LEU C 172 -4.01 -21.02 -34.55
N GLU C 173 -3.62 -22.28 -34.82
CA GLU C 173 -2.47 -22.93 -34.17
C GLU C 173 -1.17 -22.18 -34.45
N SER C 174 -0.99 -21.74 -35.69
CA SER C 174 0.16 -20.97 -36.16
C SER C 174 0.13 -19.58 -35.51
N VAL C 175 -1.05 -18.91 -35.49
CA VAL C 175 -1.26 -17.61 -34.83
C VAL C 175 -0.81 -17.69 -33.36
N ASN C 176 -1.24 -18.76 -32.65
CA ASN C 176 -0.91 -19.03 -31.24
C ASN C 176 0.60 -19.07 -30.97
N ARG C 177 1.39 -19.72 -31.87
CA ARG C 177 2.86 -19.79 -31.74
C ARG C 177 3.49 -18.37 -31.83
N PHE C 178 2.90 -17.50 -32.67
CA PHE C 178 3.40 -16.12 -32.78
C PHE C 178 2.91 -15.24 -31.63
N VAL C 179 1.67 -15.45 -31.17
CA VAL C 179 1.12 -14.71 -30.03
C VAL C 179 1.98 -15.01 -28.79
N ALA C 180 2.44 -16.28 -28.64
CA ALA C 180 3.33 -16.69 -27.55
C ALA C 180 4.63 -15.86 -27.50
N ARG C 181 5.23 -15.57 -28.68
CA ARG C 181 6.44 -14.75 -28.82
C ARG C 181 6.19 -13.33 -28.30
N GLU C 182 5.05 -12.73 -28.68
CA GLU C 182 4.65 -11.39 -28.27
C GLU C 182 4.30 -11.33 -26.78
N ALA C 183 3.49 -12.31 -26.30
CA ALA C 183 3.05 -12.44 -24.92
C ALA C 183 4.20 -12.67 -23.94
N GLY C 184 5.24 -13.38 -24.39
CA GLY C 184 6.44 -13.68 -23.62
C GLY C 184 7.15 -12.46 -23.07
N LYS C 185 7.13 -11.36 -23.85
CA LYS C 185 7.70 -10.04 -23.51
C LYS C 185 7.02 -9.42 -22.27
N TYR C 186 5.78 -9.85 -21.98
CA TYR C 186 4.97 -9.41 -20.84
C TYR C 186 4.98 -10.45 -19.69
N GLY C 187 5.63 -11.59 -19.92
CA GLY C 187 5.66 -12.70 -18.98
C GLY C 187 4.33 -13.43 -18.97
N VAL C 188 3.62 -13.38 -20.12
CA VAL C 188 2.30 -13.99 -20.30
C VAL C 188 2.39 -15.23 -21.21
N ARG C 189 1.66 -16.30 -20.87
CA ARG C 189 1.60 -17.52 -21.65
C ARG C 189 0.40 -17.48 -22.61
N SER C 190 0.53 -18.19 -23.76
CA SER C 190 -0.50 -18.26 -24.78
C SER C 190 -0.60 -19.72 -25.22
N ASN C 191 -1.78 -20.33 -25.01
CA ASN C 191 -2.00 -21.74 -25.34
C ASN C 191 -3.37 -21.97 -25.90
N LEU C 192 -3.55 -23.10 -26.57
CA LEU C 192 -4.82 -23.52 -27.16
C LEU C 192 -5.27 -24.82 -26.49
N VAL C 193 -6.59 -24.99 -26.29
CA VAL C 193 -7.13 -26.24 -25.77
C VAL C 193 -7.86 -26.91 -26.94
N ALA C 194 -7.40 -28.10 -27.35
CA ALA C 194 -8.05 -28.83 -28.44
C ALA C 194 -9.06 -29.77 -27.81
N ALA C 195 -10.33 -29.42 -27.96
CA ALA C 195 -11.44 -30.15 -27.37
C ALA C 195 -11.93 -31.25 -28.28
N GLY C 196 -12.53 -32.29 -27.68
CA GLY C 196 -13.21 -33.33 -28.43
C GLY C 196 -14.55 -32.78 -28.90
N PRO C 197 -15.37 -33.53 -29.67
CA PRO C 197 -16.67 -32.98 -30.11
C PRO C 197 -17.66 -32.70 -28.96
N ILE C 198 -18.24 -31.49 -28.95
CA ILE C 198 -19.19 -31.04 -27.93
C ILE C 198 -20.55 -30.78 -28.59
N ARG C 199 -21.66 -31.24 -27.94
CA ARG C 199 -23.03 -31.04 -28.42
C ARG C 199 -23.47 -29.58 -28.44
N GLU C 213 -29.55 -36.16 -44.00
CA GLU C 213 -29.26 -37.56 -43.64
C GLU C 213 -27.75 -37.92 -43.69
N GLU C 214 -27.06 -37.52 -44.78
CA GLU C 214 -25.63 -37.80 -45.02
C GLU C 214 -24.76 -37.11 -43.96
N ALA C 215 -24.99 -35.79 -43.72
CA ALA C 215 -24.28 -34.95 -42.76
C ALA C 215 -24.51 -35.48 -41.35
N GLY C 216 -25.76 -35.88 -41.08
CA GLY C 216 -26.15 -36.45 -39.80
C GLY C 216 -25.43 -37.75 -39.52
N ALA C 217 -25.22 -38.59 -40.56
CA ALA C 217 -24.52 -39.87 -40.45
C ALA C 217 -23.03 -39.68 -40.25
N GLN C 218 -22.41 -38.71 -40.97
CA GLN C 218 -20.98 -38.37 -40.90
C GLN C 218 -20.58 -37.92 -39.50
N ILE C 219 -21.33 -36.96 -38.93
CA ILE C 219 -21.06 -36.41 -37.60
C ILE C 219 -21.31 -37.48 -36.52
N GLN C 220 -22.33 -38.34 -36.72
CA GLN C 220 -22.64 -39.49 -35.85
C GLN C 220 -21.43 -40.43 -35.78
N LEU C 221 -20.82 -40.71 -36.94
CA LEU C 221 -19.63 -41.54 -37.11
C LEU C 221 -18.42 -40.93 -36.40
N LEU C 222 -18.21 -39.61 -36.57
CA LEU C 222 -17.12 -38.85 -35.96
C LEU C 222 -17.19 -38.87 -34.43
N GLU C 223 -18.40 -38.66 -33.86
CA GLU C 223 -18.66 -38.65 -32.40
C GLU C 223 -18.52 -40.04 -31.78
N GLU C 224 -19.07 -41.08 -32.45
CA GLU C 224 -19.00 -42.48 -31.98
C GLU C 224 -17.55 -42.96 -31.96
N GLY C 225 -16.80 -42.59 -33.00
CA GLY C 225 -15.40 -42.96 -33.18
C GLY C 225 -14.51 -42.34 -32.13
N TRP C 226 -14.88 -41.11 -31.68
CA TRP C 226 -14.13 -40.35 -30.68
C TRP C 226 -14.13 -41.04 -29.32
N ASP C 227 -15.33 -41.43 -28.84
CA ASP C 227 -15.52 -42.17 -27.59
C ASP C 227 -14.80 -43.51 -27.64
N GLN C 228 -14.85 -44.19 -28.81
CA GLN C 228 -14.21 -45.48 -29.05
C GLN C 228 -12.68 -45.37 -29.02
N ARG C 229 -12.12 -44.27 -29.57
CA ARG C 229 -10.67 -44.05 -29.60
C ARG C 229 -10.12 -43.60 -28.27
N ALA C 230 -10.86 -42.72 -27.58
CA ALA C 230 -10.50 -42.13 -26.29
C ALA C 230 -10.28 -43.21 -25.22
N PRO C 231 -9.02 -43.43 -24.72
CA PRO C 231 -8.79 -44.46 -23.69
C PRO C 231 -9.70 -44.33 -22.45
N ILE C 232 -10.00 -43.09 -22.05
CA ILE C 232 -10.86 -42.80 -20.90
C ILE C 232 -12.28 -42.42 -21.33
N GLY C 233 -12.58 -42.65 -22.60
CA GLY C 233 -13.89 -42.33 -23.17
C GLY C 233 -14.11 -40.85 -23.39
N TRP C 234 -15.20 -40.54 -24.08
CA TRP C 234 -15.56 -39.15 -24.41
C TRP C 234 -17.07 -38.93 -24.33
N ASN C 235 -17.50 -37.99 -23.49
CA ASN C 235 -18.90 -37.62 -23.32
C ASN C 235 -19.13 -36.25 -24.02
N MET C 236 -19.73 -36.29 -25.21
CA MET C 236 -20.02 -35.11 -26.05
C MET C 236 -21.01 -34.11 -25.41
N LYS C 237 -21.90 -34.61 -24.52
CA LYS C 237 -22.91 -33.80 -23.83
C LYS C 237 -22.32 -33.10 -22.59
N ASP C 238 -21.01 -33.28 -22.30
CA ASP C 238 -20.37 -32.67 -21.13
C ASP C 238 -19.19 -31.80 -21.52
N ALA C 239 -19.35 -30.47 -21.34
CA ALA C 239 -18.32 -29.48 -21.66
C ALA C 239 -17.42 -29.14 -20.48
N THR C 240 -17.79 -29.59 -19.25
CA THR C 240 -17.04 -29.31 -18.02
C THR C 240 -15.58 -29.87 -18.08
N PRO C 241 -15.24 -31.09 -18.61
CA PRO C 241 -13.82 -31.49 -18.61
C PRO C 241 -12.93 -30.55 -19.46
N VAL C 242 -13.49 -29.97 -20.55
CA VAL C 242 -12.73 -29.03 -21.38
C VAL C 242 -12.67 -27.64 -20.65
N ALA C 243 -13.73 -27.22 -19.93
CA ALA C 243 -13.72 -25.96 -19.16
C ALA C 243 -12.68 -25.98 -18.02
N LYS C 244 -12.51 -27.16 -17.37
CA LYS C 244 -11.55 -27.36 -16.28
C LYS C 244 -10.11 -27.26 -16.81
N THR C 245 -9.87 -27.79 -18.03
CA THR C 245 -8.58 -27.74 -18.72
C THR C 245 -8.20 -26.28 -19.00
N VAL C 246 -9.16 -25.46 -19.46
CA VAL C 246 -8.95 -24.03 -19.72
C VAL C 246 -8.56 -23.35 -18.40
N CYS C 247 -9.27 -23.69 -17.31
CA CYS C 247 -9.00 -23.16 -15.98
C CYS C 247 -7.63 -23.61 -15.45
N ALA C 248 -7.18 -24.85 -15.81
CA ALA C 248 -5.84 -25.34 -15.44
C ALA C 248 -4.77 -24.48 -16.13
N LEU C 249 -5.03 -24.08 -17.39
CA LEU C 249 -4.13 -23.21 -18.14
C LEU C 249 -4.15 -21.76 -17.62
N LEU C 250 -5.29 -21.31 -17.08
CA LEU C 250 -5.41 -19.96 -16.50
C LEU C 250 -4.74 -19.88 -15.12
N SER C 251 -4.52 -21.04 -14.47
CA SER C 251 -3.88 -21.13 -13.17
C SER C 251 -2.35 -21.00 -13.28
N ASP C 252 -1.68 -21.09 -12.13
CA ASP C 252 -0.22 -21.01 -12.01
C ASP C 252 0.40 -22.43 -12.04
N TRP C 253 -0.43 -23.46 -12.36
CA TRP C 253 -0.01 -24.86 -12.33
C TRP C 253 0.60 -25.39 -13.63
N LEU C 254 0.59 -24.59 -14.71
CA LEU C 254 1.26 -24.91 -15.98
C LEU C 254 2.12 -23.67 -16.33
N PRO C 255 3.14 -23.32 -15.51
CA PRO C 255 3.83 -22.04 -15.74
C PRO C 255 4.91 -22.03 -16.82
N ALA C 256 5.33 -23.21 -17.32
CA ALA C 256 6.38 -23.25 -18.34
C ALA C 256 5.82 -23.72 -19.69
N THR C 257 4.49 -23.64 -19.86
CA THR C 257 3.82 -24.05 -21.09
C THR C 257 3.37 -22.82 -21.87
N THR C 258 3.89 -22.66 -23.11
CA THR C 258 3.52 -21.57 -24.03
C THR C 258 3.58 -22.01 -25.48
N GLY C 259 2.82 -21.34 -26.34
CA GLY C 259 2.70 -21.58 -27.78
C GLY C 259 2.25 -22.98 -28.11
N ASP C 260 1.66 -23.63 -27.10
CA ASP C 260 1.28 -25.04 -27.16
C ASP C 260 -0.21 -25.30 -27.29
N ILE C 261 -0.53 -26.58 -27.48
CA ILE C 261 -1.87 -27.11 -27.60
C ILE C 261 -2.02 -28.20 -26.51
N ILE C 262 -3.05 -28.08 -25.68
CA ILE C 262 -3.37 -29.07 -24.65
C ILE C 262 -4.61 -29.79 -25.17
N TYR C 263 -4.55 -31.12 -25.26
CA TYR C 263 -5.66 -31.90 -25.80
C TYR C 263 -6.59 -32.39 -24.69
N ALA C 264 -7.82 -31.85 -24.67
CA ALA C 264 -8.86 -32.23 -23.72
C ALA C 264 -9.90 -32.94 -24.60
N ASP C 265 -9.48 -34.09 -25.13
CA ASP C 265 -10.25 -34.89 -26.08
C ASP C 265 -10.30 -36.40 -25.70
N GLY C 266 -10.11 -36.68 -24.42
CA GLY C 266 -10.13 -38.05 -23.91
C GLY C 266 -8.95 -38.93 -24.31
N GLY C 267 -7.98 -38.38 -25.03
CA GLY C 267 -6.81 -39.09 -25.54
C GLY C 267 -7.00 -39.67 -26.93
N ALA C 268 -8.09 -39.24 -27.65
CA ALA C 268 -8.47 -39.77 -28.97
C ALA C 268 -7.47 -39.46 -30.07
N HIS C 269 -6.81 -38.30 -29.99
CA HIS C 269 -5.80 -37.94 -30.99
C HIS C 269 -4.50 -38.80 -30.92
N THR C 270 -4.28 -39.53 -29.82
CA THR C 270 -3.09 -40.38 -29.63
C THR C 270 -3.37 -41.83 -30.04
N GLN C 271 -4.59 -42.11 -30.46
CA GLN C 271 -5.06 -43.44 -30.78
C GLN C 271 -5.62 -43.53 -32.20
N LEU C 272 -5.20 -44.54 -32.95
CA LEU C 272 -5.68 -44.75 -34.32
C LEU C 272 -7.04 -45.46 -34.27
N LEU C 273 -7.17 -46.52 -33.44
CA LEU C 273 -8.39 -47.29 -33.22
C LEU C 273 -8.45 -47.67 -31.74
N GLY D 7 28.19 13.24 -33.57
CA GLY D 7 26.82 13.64 -33.90
C GLY D 7 25.82 13.30 -32.82
N LEU D 8 26.02 13.87 -31.61
CA LEU D 8 25.18 13.65 -30.42
C LEU D 8 23.72 14.09 -30.66
N LEU D 9 23.54 15.20 -31.40
CA LEU D 9 22.25 15.82 -31.69
C LEU D 9 21.90 15.72 -33.20
N ASP D 10 22.42 14.67 -33.89
CA ASP D 10 22.21 14.44 -35.32
C ASP D 10 20.73 14.33 -35.72
N GLY D 11 20.31 15.19 -36.64
CA GLY D 11 18.95 15.26 -37.18
C GLY D 11 17.89 15.81 -36.24
N LYS D 12 18.31 16.46 -35.12
CA LYS D 12 17.38 17.04 -34.15
C LYS D 12 17.10 18.52 -34.44
N ARG D 13 15.82 18.92 -34.41
CA ARG D 13 15.40 20.30 -34.60
C ARG D 13 15.29 20.95 -33.23
N ILE D 14 16.15 21.95 -32.95
CA ILE D 14 16.16 22.56 -31.63
C ILE D 14 15.97 24.08 -31.67
N LEU D 15 14.99 24.59 -30.89
CA LEU D 15 14.75 26.02 -30.72
C LEU D 15 15.63 26.53 -29.54
N VAL D 16 16.44 27.57 -29.80
CA VAL D 16 17.35 28.15 -28.81
C VAL D 16 17.03 29.64 -28.62
N SER D 17 16.65 30.00 -27.41
CA SER D 17 16.33 31.39 -27.06
C SER D 17 17.49 32.05 -26.30
N GLY D 18 17.45 33.37 -26.17
CA GLY D 18 18.38 34.14 -25.36
C GLY D 18 19.74 34.53 -25.88
N ILE D 19 19.99 34.42 -27.21
CA ILE D 19 21.29 34.84 -27.73
C ILE D 19 21.25 36.37 -27.86
N ILE D 20 22.14 37.07 -27.12
CA ILE D 20 22.29 38.53 -27.16
C ILE D 20 23.76 38.93 -27.52
N THR D 21 24.76 38.16 -27.04
CA THR D 21 26.18 38.42 -27.32
C THR D 21 26.91 37.10 -27.63
N ASP D 22 28.14 37.17 -28.18
CA ASP D 22 28.95 35.98 -28.46
C ASP D 22 29.44 35.25 -27.16
N SER D 23 29.34 35.92 -26.00
CA SER D 23 29.72 35.38 -24.69
C SER D 23 28.51 34.91 -23.84
N SER D 24 27.32 34.80 -24.48
CA SER D 24 26.07 34.31 -23.87
C SER D 24 26.11 32.77 -23.86
N ILE D 25 25.72 32.09 -22.74
CA ILE D 25 25.67 30.61 -22.67
C ILE D 25 24.82 30.08 -23.85
N ALA D 26 23.72 30.78 -24.15
CA ALA D 26 22.82 30.46 -25.27
C ALA D 26 23.57 30.42 -26.61
N PHE D 27 24.60 31.29 -26.80
CA PHE D 27 25.43 31.33 -28.00
C PHE D 27 26.27 30.04 -28.08
N HIS D 28 26.85 29.62 -26.94
CA HIS D 28 27.68 28.41 -26.89
C HIS D 28 26.85 27.13 -26.98
N ILE D 29 25.61 27.14 -26.44
CA ILE D 29 24.69 26.00 -26.55
C ILE D 29 24.39 25.80 -28.04
N ALA D 30 24.03 26.88 -28.74
CA ALA D 30 23.74 26.89 -30.19
C ALA D 30 24.95 26.43 -31.01
N ARG D 31 26.16 26.93 -30.68
CA ARG D 31 27.42 26.59 -31.33
C ARG D 31 27.71 25.09 -31.18
N VAL D 32 27.70 24.58 -29.93
CA VAL D 32 27.94 23.16 -29.63
C VAL D 32 26.87 22.27 -30.29
N ALA D 33 25.57 22.65 -30.20
CA ALA D 33 24.47 21.90 -30.81
C ALA D 33 24.62 21.74 -32.31
N GLN D 34 25.01 22.80 -33.04
CA GLN D 34 25.24 22.77 -34.50
C GLN D 34 26.42 21.87 -34.86
N GLU D 35 27.51 21.89 -34.06
CA GLU D 35 28.69 21.05 -34.20
C GLU D 35 28.28 19.58 -34.05
N GLN D 36 27.26 19.30 -33.22
CA GLN D 36 26.74 17.96 -32.98
C GLN D 36 25.61 17.53 -33.95
N GLY D 37 25.44 18.29 -35.03
CA GLY D 37 24.48 17.98 -36.08
C GLY D 37 23.04 18.40 -35.88
N ALA D 38 22.78 19.37 -34.98
CA ALA D 38 21.42 19.84 -34.75
C ALA D 38 21.04 20.95 -35.74
N GLN D 39 19.77 20.93 -36.17
CA GLN D 39 19.18 21.96 -37.04
C GLN D 39 18.51 22.95 -36.07
N LEU D 40 18.96 24.22 -36.07
CA LEU D 40 18.44 25.19 -35.11
C LEU D 40 17.45 26.22 -35.63
N VAL D 41 16.63 26.72 -34.70
CA VAL D 41 15.67 27.83 -34.82
C VAL D 41 16.09 28.73 -33.68
N LEU D 42 16.31 30.02 -33.96
CA LEU D 42 16.76 30.94 -32.93
C LEU D 42 15.70 31.97 -32.58
N THR D 43 15.77 32.47 -31.35
CA THR D 43 14.83 33.45 -30.85
C THR D 43 15.58 34.69 -30.36
N GLY D 44 15.04 35.86 -30.67
CA GLY D 44 15.59 37.16 -30.28
C GLY D 44 14.53 38.05 -29.65
N PHE D 45 14.90 38.85 -28.64
CA PHE D 45 13.92 39.69 -27.95
C PHE D 45 13.76 41.10 -28.56
N ASP D 46 14.77 41.98 -28.42
CA ASP D 46 14.59 43.36 -28.86
C ASP D 46 15.52 43.80 -30.00
N ARG D 47 16.84 43.67 -29.80
CA ARG D 47 17.85 44.06 -30.79
C ARG D 47 18.10 42.91 -31.77
N LEU D 48 17.08 42.62 -32.60
CA LEU D 48 17.04 41.55 -33.60
C LEU D 48 18.11 41.67 -34.68
N ARG D 49 18.35 42.87 -35.24
CA ARG D 49 19.38 43.05 -36.27
C ARG D 49 20.79 42.84 -35.66
N LEU D 50 20.93 43.17 -34.36
CA LEU D 50 22.15 42.99 -33.58
C LEU D 50 22.32 41.50 -33.30
N ILE D 51 21.20 40.80 -32.95
CA ILE D 51 21.17 39.35 -32.69
C ILE D 51 21.51 38.59 -34.00
N GLN D 52 20.95 39.05 -35.16
CA GLN D 52 21.19 38.48 -36.51
C GLN D 52 22.68 38.46 -36.86
N ARG D 53 23.38 39.55 -36.51
CA ARG D 53 24.81 39.74 -36.74
C ARG D 53 25.66 38.88 -35.77
N ILE D 54 25.14 38.57 -34.57
CA ILE D 54 25.82 37.72 -33.58
C ILE D 54 25.67 36.27 -34.05
N THR D 55 24.44 35.89 -34.45
CA THR D 55 24.05 34.54 -34.89
C THR D 55 24.54 34.20 -36.32
N ASP D 56 25.23 35.15 -36.99
CA ASP D 56 25.86 34.92 -38.30
C ASP D 56 27.21 34.22 -38.07
N ARG D 57 27.78 34.39 -36.86
CA ARG D 57 29.06 33.82 -36.46
C ARG D 57 28.93 32.37 -35.95
N LEU D 58 27.70 31.82 -35.99
CA LEU D 58 27.37 30.44 -35.65
C LEU D 58 27.88 29.53 -36.79
N PRO D 59 28.41 28.29 -36.49
CA PRO D 59 28.92 27.42 -37.58
C PRO D 59 27.99 27.21 -38.78
N ALA D 60 26.66 27.20 -38.55
CA ALA D 60 25.69 27.00 -39.61
C ALA D 60 24.56 28.02 -39.56
N LYS D 61 23.87 28.21 -40.71
CA LYS D 61 22.74 29.12 -40.84
C LYS D 61 21.55 28.58 -40.05
N ALA D 62 20.75 29.48 -39.46
CA ALA D 62 19.57 29.13 -38.68
C ALA D 62 18.57 30.30 -38.68
N PRO D 63 17.27 30.03 -38.94
CA PRO D 63 16.29 31.15 -38.93
C PRO D 63 16.14 31.81 -37.57
N LEU D 64 16.08 33.15 -37.55
CA LEU D 64 15.90 33.95 -36.33
C LEU D 64 14.48 34.47 -36.26
N LEU D 65 13.81 34.21 -35.13
CA LEU D 65 12.41 34.56 -34.88
C LEU D 65 12.31 35.54 -33.72
N GLU D 66 11.36 36.49 -33.80
CA GLU D 66 11.14 37.48 -32.75
C GLU D 66 10.29 36.90 -31.63
N LEU D 67 10.78 37.03 -30.39
CA LEU D 67 10.04 36.55 -29.22
C LEU D 67 10.30 37.38 -27.98
N ASP D 68 9.32 38.23 -27.65
CA ASP D 68 9.29 39.01 -26.43
C ASP D 68 8.37 38.13 -25.60
N VAL D 69 8.94 37.55 -24.56
CA VAL D 69 8.28 36.59 -23.69
C VAL D 69 7.12 37.20 -22.85
N GLN D 70 7.07 38.55 -22.76
CA GLN D 70 5.98 39.26 -22.07
C GLN D 70 4.86 39.61 -23.04
N ASN D 71 5.10 39.42 -24.34
CA ASN D 71 4.15 39.70 -25.41
C ASN D 71 3.30 38.45 -25.69
N GLU D 72 2.00 38.54 -25.36
CA GLU D 72 0.97 37.49 -25.52
C GLU D 72 0.80 37.08 -26.99
N GLU D 73 0.87 38.06 -27.90
CA GLU D 73 0.74 37.85 -29.34
C GLU D 73 1.93 37.04 -29.89
N HIS D 74 3.18 37.36 -29.43
CA HIS D 74 4.40 36.65 -29.85
C HIS D 74 4.34 35.18 -29.46
N LEU D 75 3.79 34.87 -28.27
CA LEU D 75 3.63 33.50 -27.75
C LEU D 75 2.56 32.72 -28.49
N ALA D 76 1.39 33.36 -28.75
CA ALA D 76 0.26 32.74 -29.46
C ALA D 76 0.60 32.43 -30.93
N SER D 77 1.59 33.15 -31.50
CA SER D 77 2.03 32.97 -32.88
C SER D 77 3.34 32.17 -33.03
N LEU D 78 4.09 31.95 -31.93
CA LEU D 78 5.37 31.26 -31.91
C LEU D 78 5.36 29.88 -32.60
N ALA D 79 4.40 29.00 -32.26
CA ALA D 79 4.29 27.66 -32.85
C ALA D 79 4.17 27.69 -34.37
N GLY D 80 3.35 28.60 -34.90
CA GLY D 80 3.11 28.78 -36.33
C GLY D 80 4.35 29.24 -37.08
N ARG D 81 5.07 30.21 -36.47
CA ARG D 81 6.30 30.78 -37.02
C ARG D 81 7.46 29.78 -37.04
N VAL D 82 7.54 28.91 -36.00
CA VAL D 82 8.57 27.85 -35.92
C VAL D 82 8.33 26.81 -37.03
N THR D 83 7.08 26.32 -37.20
CA THR D 83 6.72 25.33 -38.23
C THR D 83 7.01 25.83 -39.65
N GLU D 84 6.78 27.13 -39.93
CA GLU D 84 7.06 27.76 -41.23
C GLU D 84 8.58 27.75 -41.51
N ALA D 85 9.40 27.83 -40.43
CA ALA D 85 10.86 27.84 -40.50
C ALA D 85 11.49 26.44 -40.63
N ILE D 86 10.85 25.38 -40.10
CA ILE D 86 11.38 24.01 -40.13
C ILE D 86 10.70 23.10 -41.17
N GLY D 87 9.45 23.40 -41.53
CA GLY D 87 8.66 22.62 -42.49
C GLY D 87 7.34 22.19 -41.90
N ALA D 88 6.25 22.33 -42.69
CA ALA D 88 4.85 22.02 -42.34
C ALA D 88 4.61 20.70 -41.59
N GLY D 89 5.34 19.65 -41.98
CA GLY D 89 5.23 18.32 -41.37
C GLY D 89 6.27 17.99 -40.32
N ASN D 90 7.25 18.89 -40.09
CA ASN D 90 8.32 18.69 -39.12
C ASN D 90 7.98 19.26 -37.75
N LYS D 91 8.50 18.61 -36.70
CA LYS D 91 8.32 19.01 -35.31
C LYS D 91 9.66 19.20 -34.60
N LEU D 92 9.65 19.91 -33.47
CA LEU D 92 10.82 20.22 -32.65
C LEU D 92 11.21 18.98 -31.81
N ASP D 93 12.50 18.80 -31.58
CA ASP D 93 13.04 17.73 -30.74
C ASP D 93 13.58 18.29 -29.43
N GLY D 94 13.85 19.58 -29.42
CA GLY D 94 14.34 20.25 -28.24
C GLY D 94 13.95 21.71 -28.15
N VAL D 95 13.98 22.25 -26.92
CA VAL D 95 13.71 23.66 -26.63
C VAL D 95 14.69 24.14 -25.53
N VAL D 96 15.44 25.21 -25.81
CA VAL D 96 16.37 25.79 -24.85
C VAL D 96 15.87 27.17 -24.41
N HIS D 97 15.49 27.26 -23.14
CA HIS D 97 15.06 28.48 -22.48
C HIS D 97 16.32 29.04 -21.81
N ALA D 98 16.89 30.09 -22.39
CA ALA D 98 18.08 30.71 -21.82
C ALA D 98 17.78 32.19 -21.67
N ILE D 99 16.64 32.47 -21.05
CA ILE D 99 16.10 33.80 -20.81
C ILE D 99 16.12 34.07 -19.33
N GLY D 100 16.67 35.22 -18.97
CA GLY D 100 16.78 35.67 -17.59
C GLY D 100 16.91 37.16 -17.50
N PHE D 101 16.11 37.77 -16.62
CA PHE D 101 16.16 39.21 -16.41
C PHE D 101 15.69 39.56 -15.03
N MET D 102 16.33 40.56 -14.44
CA MET D 102 15.97 41.17 -13.16
C MET D 102 16.46 42.62 -13.16
N PRO D 103 15.56 43.62 -12.98
CA PRO D 103 16.02 45.02 -12.91
C PRO D 103 17.05 45.21 -11.79
N GLN D 104 17.94 46.21 -11.93
CA GLN D 104 19.02 46.51 -10.97
C GLN D 104 18.51 46.82 -9.55
N THR D 105 17.21 47.16 -9.40
CA THR D 105 16.59 47.38 -8.08
C THR D 105 16.49 46.04 -7.35
N GLY D 106 16.34 44.95 -8.12
CA GLY D 106 16.19 43.58 -7.66
C GLY D 106 17.43 42.71 -7.60
N MET D 107 18.60 43.24 -8.02
CA MET D 107 19.89 42.54 -7.95
C MET D 107 21.07 43.51 -8.11
N GLY D 108 22.00 43.45 -7.17
CA GLY D 108 23.18 44.30 -7.14
C GLY D 108 23.31 45.08 -5.85
N ILE D 109 23.72 46.36 -5.98
CA ILE D 109 23.96 47.27 -4.85
C ILE D 109 22.71 47.60 -4.03
N ASN D 110 21.54 47.68 -4.71
CA ASN D 110 20.28 48.06 -4.08
C ASN D 110 19.90 47.11 -2.93
N PRO D 111 19.54 47.62 -1.72
CA PRO D 111 19.17 46.71 -0.63
C PRO D 111 17.96 45.84 -1.02
N PHE D 112 17.94 44.58 -0.52
CA PHE D 112 16.88 43.59 -0.81
C PHE D 112 15.46 44.13 -0.57
N PHE D 113 15.26 44.83 0.54
CA PHE D 113 13.98 45.44 0.93
C PHE D 113 13.54 46.61 0.05
N ASP D 114 14.48 47.22 -0.69
CA ASP D 114 14.20 48.41 -1.52
C ASP D 114 13.75 48.11 -2.96
N ALA D 115 13.66 46.83 -3.34
CA ALA D 115 13.21 46.48 -4.69
C ALA D 115 11.68 46.57 -4.76
N PRO D 116 11.07 47.43 -5.63
CA PRO D 116 9.60 47.48 -5.69
C PRO D 116 9.05 46.23 -6.37
N TYR D 117 7.80 45.86 -6.03
CA TYR D 117 7.17 44.67 -6.57
C TYR D 117 7.07 44.67 -8.08
N ALA D 118 6.74 45.83 -8.71
CA ALA D 118 6.63 45.92 -10.17
C ALA D 118 7.90 45.42 -10.88
N ASP D 119 9.08 45.73 -10.31
CA ASP D 119 10.38 45.32 -10.83
C ASP D 119 10.64 43.84 -10.59
N VAL D 120 10.40 43.34 -9.36
CA VAL D 120 10.60 41.93 -9.05
C VAL D 120 9.64 41.06 -9.90
N SER D 121 8.37 41.52 -10.10
CA SER D 121 7.35 40.86 -10.90
C SER D 121 7.78 40.74 -12.34
N LYS D 122 8.37 41.81 -12.93
CA LYS D 122 8.86 41.77 -14.29
C LYS D 122 9.97 40.71 -14.41
N GLY D 123 10.85 40.66 -13.42
CA GLY D 123 11.93 39.69 -13.33
C GLY D 123 11.41 38.26 -13.22
N ILE D 124 10.40 38.01 -12.36
CA ILE D 124 9.79 36.68 -12.20
C ILE D 124 9.05 36.29 -13.49
N HIS D 125 8.39 37.26 -14.15
CA HIS D 125 7.66 37.04 -15.41
C HIS D 125 8.63 36.49 -16.48
N ILE D 126 9.76 37.18 -16.68
CA ILE D 126 10.76 36.83 -17.70
C ILE D 126 11.62 35.62 -17.29
N SER D 127 12.07 35.58 -16.04
CA SER D 127 12.97 34.51 -15.61
C SER D 127 12.27 33.18 -15.21
N ALA D 128 11.03 33.22 -14.65
CA ALA D 128 10.35 31.99 -14.21
C ALA D 128 9.08 31.62 -15.00
N TYR D 129 8.04 32.48 -14.99
CA TYR D 129 6.74 32.23 -15.66
C TYR D 129 6.89 31.88 -17.14
N SER D 130 7.80 32.58 -17.85
CA SER D 130 8.06 32.39 -19.28
C SER D 130 8.56 30.97 -19.64
N TYR D 131 9.16 30.22 -18.70
CA TYR D 131 9.55 28.83 -18.93
C TYR D 131 8.27 28.01 -19.17
N ALA D 132 7.19 28.28 -18.39
CA ALA D 132 5.88 27.65 -18.60
C ALA D 132 5.20 28.18 -19.89
N SER D 133 5.34 29.50 -20.20
CA SER D 133 4.77 30.13 -21.41
C SER D 133 5.33 29.52 -22.68
N MET D 134 6.67 29.37 -22.73
CA MET D 134 7.38 28.78 -23.87
C MET D 134 7.03 27.31 -24.04
N ALA D 135 6.86 26.57 -22.93
CA ALA D 135 6.49 25.16 -22.96
C ALA D 135 5.06 24.98 -23.47
N LYS D 136 4.12 25.83 -23.02
CA LYS D 136 2.71 25.81 -23.43
C LYS D 136 2.62 26.02 -24.97
N ALA D 137 3.36 27.00 -25.47
CA ALA D 137 3.39 27.36 -26.89
C ALA D 137 4.07 26.32 -27.78
N LEU D 138 5.10 25.62 -27.27
CA LEU D 138 5.89 24.70 -28.10
C LEU D 138 5.62 23.21 -27.92
N LEU D 139 5.08 22.75 -26.78
CA LEU D 139 4.75 21.33 -26.59
C LEU D 139 3.87 20.73 -27.72
N PRO D 140 2.82 21.43 -28.28
CA PRO D 140 2.05 20.82 -29.37
C PRO D 140 2.84 20.59 -30.67
N ILE D 141 4.01 21.27 -30.83
CA ILE D 141 4.86 21.08 -32.02
C ILE D 141 6.19 20.41 -31.64
N MET D 142 6.16 19.52 -30.63
CA MET D 142 7.31 18.76 -30.15
C MET D 142 7.10 17.27 -30.34
N ASN D 143 8.18 16.56 -30.73
CA ASN D 143 8.17 15.10 -30.96
C ASN D 143 8.32 14.32 -29.64
N PRO D 144 7.74 13.09 -29.53
CA PRO D 144 7.99 12.26 -28.33
C PRO D 144 9.50 11.96 -28.25
N GLY D 145 10.02 11.95 -27.03
CA GLY D 145 11.44 11.79 -26.78
C GLY D 145 12.12 13.14 -26.78
N GLY D 146 11.32 14.20 -26.89
CA GLY D 146 11.76 15.59 -26.90
C GLY D 146 12.30 16.04 -25.54
N SER D 147 12.94 17.21 -25.52
CA SER D 147 13.57 17.74 -24.31
C SER D 147 13.50 19.27 -24.20
N ILE D 148 13.02 19.76 -23.06
CA ILE D 148 13.00 21.20 -22.77
C ILE D 148 14.08 21.44 -21.70
N VAL D 149 14.99 22.40 -21.98
CA VAL D 149 16.11 22.75 -21.09
C VAL D 149 16.12 24.23 -20.76
N GLY D 150 16.12 24.52 -19.46
CA GLY D 150 16.20 25.88 -18.94
C GLY D 150 17.46 26.08 -18.12
N MET D 151 17.83 27.35 -17.96
CA MET D 151 19.02 27.74 -17.23
C MET D 151 18.68 28.22 -15.85
N ASP D 152 19.39 27.68 -14.87
CA ASP D 152 19.20 27.96 -13.46
C ASP D 152 20.52 28.34 -12.80
N PHE D 153 20.43 28.98 -11.63
CA PHE D 153 21.56 29.31 -10.78
C PHE D 153 21.09 28.93 -9.40
N ASP D 154 21.68 27.85 -8.84
CA ASP D 154 21.36 27.23 -7.55
C ASP D 154 20.87 28.25 -6.50
N PRO D 155 19.55 28.27 -6.25
CA PRO D 155 18.99 29.23 -5.29
C PRO D 155 18.68 28.66 -3.91
N SER D 156 19.15 27.42 -3.62
CA SER D 156 18.92 26.70 -2.35
C SER D 156 19.43 27.45 -1.11
N ARG D 157 20.42 28.31 -1.30
CA ARG D 157 21.00 29.11 -0.22
C ARG D 157 21.05 30.57 -0.63
N ALA D 158 20.72 31.48 0.31
CA ALA D 158 20.76 32.91 0.01
C ALA D 158 22.21 33.37 -0.15
N MET D 159 22.42 34.42 -0.93
CA MET D 159 23.75 34.95 -1.22
C MET D 159 23.68 36.44 -1.47
N PRO D 160 24.77 37.21 -1.26
CA PRO D 160 24.65 38.64 -1.52
C PRO D 160 24.52 38.96 -3.00
N ALA D 161 23.96 40.17 -3.28
CA ALA D 161 23.77 40.82 -4.58
C ALA D 161 22.86 40.07 -5.61
N TYR D 162 22.77 38.70 -5.57
CA TYR D 162 21.89 37.95 -6.49
C TYR D 162 20.42 38.26 -6.13
N ASN D 163 20.18 38.54 -4.82
CA ASN D 163 18.92 38.98 -4.25
C ASN D 163 17.63 38.41 -4.90
N TRP D 164 16.78 39.26 -5.49
CA TRP D 164 15.51 38.81 -6.05
C TRP D 164 15.65 37.89 -7.26
N MET D 165 16.84 37.84 -7.90
CA MET D 165 17.07 36.89 -8.99
C MET D 165 17.09 35.45 -8.41
N THR D 166 17.55 35.30 -7.15
CA THR D 166 17.57 34.01 -6.41
C THR D 166 16.13 33.57 -6.18
N VAL D 167 15.23 34.53 -5.86
CA VAL D 167 13.82 34.27 -5.64
C VAL D 167 13.19 33.82 -6.96
N ALA D 168 13.56 34.48 -8.11
CA ALA D 168 13.06 34.12 -9.44
C ALA D 168 13.53 32.70 -9.85
N LYS D 169 14.79 32.32 -9.49
CA LYS D 169 15.31 30.99 -9.79
C LYS D 169 14.65 29.90 -8.93
N SER D 170 14.29 30.22 -7.66
CA SER D 170 13.55 29.30 -6.79
C SER D 170 12.17 29.02 -7.41
N ALA D 171 11.54 30.09 -7.94
CA ALA D 171 10.25 30.01 -8.61
C ALA D 171 10.37 29.14 -9.87
N LEU D 172 11.46 29.36 -10.65
CA LEU D 172 11.78 28.63 -11.88
C LEU D 172 11.90 27.11 -11.63
N GLU D 173 12.57 26.70 -10.52
CA GLU D 173 12.73 25.28 -10.17
C GLU D 173 11.38 24.60 -9.94
N SER D 174 10.48 25.30 -9.23
CA SER D 174 9.12 24.85 -8.95
C SER D 174 8.31 24.78 -10.28
N VAL D 175 8.44 25.83 -11.15
CA VAL D 175 7.77 25.88 -12.45
C VAL D 175 8.18 24.64 -13.29
N ASN D 176 9.50 24.32 -13.32
CA ASN D 176 10.07 23.17 -14.02
C ASN D 176 9.43 21.83 -13.62
N ARG D 177 9.16 21.62 -12.31
CA ARG D 177 8.50 20.39 -11.80
C ARG D 177 7.07 20.26 -12.39
N PHE D 178 6.37 21.40 -12.54
CA PHE D 178 5.02 21.39 -13.12
C PHE D 178 5.05 21.29 -14.63
N VAL D 179 6.04 21.92 -15.28
CA VAL D 179 6.20 21.84 -16.75
C VAL D 179 6.46 20.36 -17.11
N ALA D 180 7.26 19.63 -16.29
CA ALA D 180 7.54 18.19 -16.47
C ALA D 180 6.25 17.35 -16.52
N ARG D 181 5.26 17.68 -15.64
CA ARG D 181 3.96 17.00 -15.59
C ARG D 181 3.21 17.16 -16.91
N GLU D 182 3.19 18.40 -17.45
CA GLU D 182 2.52 18.75 -18.70
C GLU D 182 3.25 18.13 -19.90
N ALA D 183 4.59 18.27 -19.93
CA ALA D 183 5.47 17.74 -20.98
C ALA D 183 5.44 16.22 -21.09
N GLY D 184 5.26 15.54 -19.95
CA GLY D 184 5.19 14.08 -19.86
C GLY D 184 4.11 13.46 -20.72
N LYS D 185 2.96 14.17 -20.86
CA LYS D 185 1.80 13.83 -21.70
C LYS D 185 2.16 13.75 -23.19
N TYR D 186 3.23 14.46 -23.60
CA TYR D 186 3.74 14.51 -24.97
C TYR D 186 4.97 13.58 -25.15
N GLY D 187 5.40 12.95 -24.06
CA GLY D 187 6.60 12.11 -24.05
C GLY D 187 7.86 12.97 -24.08
N VAL D 188 7.74 14.21 -23.57
CA VAL D 188 8.82 15.20 -23.55
C VAL D 188 9.36 15.39 -22.11
N ARG D 189 10.68 15.52 -21.98
CA ARG D 189 11.33 15.76 -20.69
C ARG D 189 11.53 17.28 -20.49
N SER D 190 11.57 17.73 -19.24
CA SER D 190 11.77 19.13 -18.89
C SER D 190 12.78 19.17 -17.75
N ASN D 191 13.94 19.81 -17.97
CA ASN D 191 14.99 19.87 -16.97
C ASN D 191 15.66 21.22 -16.93
N LEU D 192 16.39 21.45 -15.85
CA LEU D 192 17.16 22.64 -15.66
C LEU D 192 18.64 22.25 -15.55
N VAL D 193 19.52 23.15 -16.03
CA VAL D 193 20.97 23.08 -15.86
C VAL D 193 21.31 24.21 -14.89
N ALA D 194 21.86 23.85 -13.69
CA ALA D 194 22.31 24.84 -12.73
C ALA D 194 23.81 25.06 -12.96
N ALA D 195 24.12 26.19 -13.57
CA ALA D 195 25.46 26.56 -13.96
C ALA D 195 26.18 27.28 -12.86
N GLY D 196 27.52 27.19 -12.87
CA GLY D 196 28.35 27.97 -11.96
C GLY D 196 28.41 29.39 -12.50
N PRO D 197 29.08 30.34 -11.82
CA PRO D 197 29.11 31.72 -12.34
C PRO D 197 29.85 31.87 -13.66
N ILE D 198 29.23 32.57 -14.62
CA ILE D 198 29.77 32.81 -15.97
C ILE D 198 30.03 34.29 -16.18
N GLU D 214 29.50 49.20 -5.09
CA GLU D 214 30.45 48.43 -4.29
C GLU D 214 30.08 46.93 -4.19
N ALA D 215 29.17 46.46 -5.06
CA ALA D 215 28.73 45.05 -5.14
C ALA D 215 29.71 44.19 -5.95
N GLY D 216 30.73 44.83 -6.53
CA GLY D 216 31.80 44.18 -7.29
C GLY D 216 32.67 43.28 -6.43
N ALA D 217 32.83 43.63 -5.14
CA ALA D 217 33.60 42.86 -4.16
C ALA D 217 32.85 41.57 -3.77
N GLN D 218 31.52 41.66 -3.61
CA GLN D 218 30.61 40.56 -3.27
C GLN D 218 30.63 39.45 -4.33
N ILE D 219 30.48 39.82 -5.62
CA ILE D 219 30.50 38.88 -6.74
C ILE D 219 31.92 38.28 -6.90
N GLN D 220 33.00 39.07 -6.66
CA GLN D 220 34.38 38.56 -6.69
C GLN D 220 34.56 37.46 -5.62
N LEU D 221 34.00 37.69 -4.41
CA LEU D 221 34.03 36.72 -3.31
C LEU D 221 33.30 35.43 -3.70
N LEU D 222 32.13 35.57 -4.33
CA LEU D 222 31.30 34.45 -4.80
C LEU D 222 31.98 33.60 -5.87
N GLU D 223 32.62 34.26 -6.87
CA GLU D 223 33.34 33.59 -7.96
C GLU D 223 34.60 32.90 -7.47
N GLU D 224 35.38 33.57 -6.59
CA GLU D 224 36.62 33.01 -6.02
C GLU D 224 36.32 31.76 -5.20
N GLY D 225 35.25 31.83 -4.41
CA GLY D 225 34.79 30.74 -3.55
C GLY D 225 34.33 29.53 -4.33
N TRP D 226 33.72 29.75 -5.52
CA TRP D 226 33.22 28.71 -6.40
C TRP D 226 34.33 27.80 -6.92
N ASP D 227 35.39 28.41 -7.48
CA ASP D 227 36.56 27.68 -7.98
C ASP D 227 37.25 26.91 -6.84
N GLN D 228 37.33 27.55 -5.64
CA GLN D 228 37.89 26.97 -4.42
C GLN D 228 37.11 25.75 -3.94
N ARG D 229 35.76 25.80 -4.03
CA ARG D 229 34.88 24.70 -3.59
C ARG D 229 34.80 23.55 -4.59
N ALA D 230 34.77 23.87 -5.90
CA ALA D 230 34.65 22.86 -6.93
C ALA D 230 35.82 21.87 -6.92
N PRO D 231 35.55 20.56 -6.69
CA PRO D 231 36.64 19.57 -6.70
C PRO D 231 37.46 19.54 -7.99
N ILE D 232 36.81 19.82 -9.13
CA ILE D 232 37.46 19.85 -10.44
C ILE D 232 37.74 21.29 -10.89
N GLY D 233 37.55 22.26 -9.99
CA GLY D 233 37.74 23.69 -10.26
C GLY D 233 36.61 24.28 -11.09
N TRP D 234 36.61 25.59 -11.23
CA TRP D 234 35.60 26.29 -12.02
C TRP D 234 36.20 27.48 -12.77
N ASN D 235 36.07 27.47 -14.10
CA ASN D 235 36.57 28.57 -14.93
C ASN D 235 35.36 29.41 -15.39
N MET D 236 35.18 30.59 -14.77
CA MET D 236 34.08 31.53 -15.06
C MET D 236 34.09 32.10 -16.49
N LYS D 237 35.29 32.15 -17.12
CA LYS D 237 35.48 32.67 -18.49
C LYS D 237 35.19 31.58 -19.56
N ASP D 238 34.80 30.37 -19.13
CA ASP D 238 34.49 29.27 -20.05
C ASP D 238 33.07 28.73 -19.89
N ALA D 239 32.21 29.01 -20.88
CA ALA D 239 30.81 28.59 -20.88
C ALA D 239 30.59 27.23 -21.57
N THR D 240 31.63 26.70 -22.28
CA THR D 240 31.51 25.43 -23.02
C THR D 240 31.18 24.22 -22.11
N PRO D 241 31.71 24.04 -20.85
CA PRO D 241 31.29 22.85 -20.07
C PRO D 241 29.80 22.84 -19.73
N VAL D 242 29.19 24.01 -19.56
CA VAL D 242 27.78 24.10 -19.27
C VAL D 242 26.96 23.90 -20.59
N ALA D 243 27.46 24.43 -21.73
CA ALA D 243 26.79 24.24 -23.03
C ALA D 243 26.71 22.74 -23.42
N LYS D 244 27.77 21.97 -23.12
CA LYS D 244 27.84 20.54 -23.37
C LYS D 244 26.82 19.78 -22.52
N THR D 245 26.61 20.24 -21.25
CA THR D 245 25.63 19.67 -20.31
C THR D 245 24.20 19.86 -20.85
N VAL D 246 23.92 21.07 -21.39
CA VAL D 246 22.61 21.38 -21.99
C VAL D 246 22.39 20.41 -23.18
N CYS D 247 23.44 20.23 -24.02
CA CYS D 247 23.38 19.33 -25.15
C CYS D 247 23.19 17.87 -24.73
N ALA D 248 23.77 17.46 -23.58
CA ALA D 248 23.58 16.12 -23.03
C ALA D 248 22.09 15.91 -22.66
N LEU D 249 21.45 16.95 -22.13
CA LEU D 249 20.02 16.92 -21.80
C LEU D 249 19.12 16.92 -23.03
N LEU D 250 19.58 17.58 -24.12
CA LEU D 250 18.85 17.62 -25.39
C LEU D 250 18.95 16.29 -26.16
N SER D 251 19.98 15.48 -25.83
CA SER D 251 20.21 14.18 -26.46
C SER D 251 19.27 13.10 -25.88
N ASP D 252 19.42 11.87 -26.38
CA ASP D 252 18.65 10.71 -25.94
C ASP D 252 19.41 9.95 -24.83
N TRP D 253 20.51 10.53 -24.32
CA TRP D 253 21.39 9.89 -23.34
C TRP D 253 21.00 10.10 -21.86
N LEU D 254 19.96 10.89 -21.61
CA LEU D 254 19.38 11.08 -20.27
C LEU D 254 17.87 10.89 -20.45
N PRO D 255 17.38 9.68 -20.82
CA PRO D 255 15.95 9.55 -21.15
C PRO D 255 14.99 9.37 -19.99
N ALA D 256 15.51 9.11 -18.78
CA ALA D 256 14.67 8.91 -17.60
C ALA D 256 14.80 10.07 -16.61
N THR D 257 15.30 11.22 -17.09
CA THR D 257 15.47 12.40 -16.25
C THR D 257 14.45 13.46 -16.64
N THR D 258 13.59 13.86 -15.68
CA THR D 258 12.57 14.91 -15.87
C THR D 258 12.29 15.62 -14.57
N GLY D 259 11.83 16.87 -14.69
CA GLY D 259 11.50 17.77 -13.59
C GLY D 259 12.68 18.01 -12.67
N ASP D 260 13.89 17.73 -13.19
CA ASP D 260 15.12 17.76 -12.44
C ASP D 260 16.06 18.90 -12.77
N ILE D 261 17.12 18.99 -11.97
CA ILE D 261 18.19 19.96 -12.04
C ILE D 261 19.50 19.20 -12.17
N ILE D 262 20.29 19.54 -13.22
CA ILE D 262 21.61 18.97 -13.46
C ILE D 262 22.59 20.06 -13.11
N TYR D 263 23.56 19.77 -12.22
CA TYR D 263 24.52 20.78 -11.80
C TYR D 263 25.81 20.74 -12.63
N ALA D 264 26.03 21.79 -13.41
CA ALA D 264 27.24 21.96 -14.22
C ALA D 264 27.95 23.17 -13.60
N ASP D 265 28.44 22.99 -12.37
CA ASP D 265 29.02 24.03 -11.52
C ASP D 265 30.38 23.66 -10.92
N GLY D 266 31.03 22.66 -11.50
CA GLY D 266 32.30 22.12 -11.03
C GLY D 266 32.14 21.23 -9.80
N GLY D 267 30.88 21.01 -9.39
CA GLY D 267 30.57 20.23 -8.20
C GLY D 267 30.76 21.03 -6.93
N ALA D 268 30.72 22.38 -7.05
CA ALA D 268 30.88 23.31 -5.93
C ALA D 268 29.69 23.29 -4.95
N HIS D 269 28.44 22.97 -5.41
CA HIS D 269 27.23 22.90 -4.57
C HIS D 269 27.24 21.70 -3.58
N THR D 270 28.13 20.70 -3.81
CA THR D 270 28.24 19.50 -2.96
C THR D 270 29.33 19.66 -1.91
N GLN D 271 30.01 20.82 -1.92
CA GLN D 271 31.15 21.11 -1.05
C GLN D 271 30.92 22.36 -0.21
N LEU D 272 31.17 22.28 1.10
CA LEU D 272 31.05 23.43 1.99
C LEU D 272 32.31 24.31 1.87
N LEU D 273 33.51 23.68 1.89
CA LEU D 273 34.81 24.32 1.76
C LEU D 273 35.72 23.41 0.93
N GLY E 7 29.17 6.83 -31.41
CA GLY E 7 30.38 6.52 -30.66
C GLY E 7 30.61 7.47 -29.51
N LEU E 8 29.66 7.49 -28.57
CA LEU E 8 29.66 8.34 -27.36
C LEU E 8 30.88 8.08 -26.47
N LEU E 9 31.28 6.80 -26.35
CA LEU E 9 32.39 6.34 -25.52
C LEU E 9 33.57 5.80 -26.36
N ASP E 10 33.72 6.32 -27.60
CA ASP E 10 34.77 5.90 -28.55
C ASP E 10 36.19 6.07 -28.01
N GLY E 11 36.93 4.97 -27.97
CA GLY E 11 38.31 4.92 -27.52
C GLY E 11 38.52 5.01 -26.02
N LYS E 12 37.44 4.86 -25.22
CA LYS E 12 37.53 4.93 -23.77
C LYS E 12 37.69 3.54 -23.13
N ARG E 13 38.62 3.42 -22.18
CA ARG E 13 38.85 2.19 -21.43
C ARG E 13 38.03 2.26 -20.15
N ILE E 14 37.02 1.38 -20.00
CA ILE E 14 36.13 1.46 -18.84
C ILE E 14 36.07 0.15 -18.06
N LEU E 15 36.29 0.24 -16.74
CA LEU E 15 36.17 -0.90 -15.83
C LEU E 15 34.71 -0.94 -15.33
N VAL E 16 34.03 -2.09 -15.49
CA VAL E 16 32.64 -2.29 -15.07
C VAL E 16 32.55 -3.44 -14.06
N SER E 17 32.06 -3.14 -12.85
CA SER E 17 31.89 -4.13 -11.78
C SER E 17 30.41 -4.52 -11.63
N GLY E 18 30.16 -5.61 -10.91
CA GLY E 18 28.82 -6.09 -10.57
C GLY E 18 28.00 -6.87 -11.57
N ILE E 19 28.60 -7.41 -12.65
CA ILE E 19 27.82 -8.24 -13.58
C ILE E 19 27.71 -9.64 -12.96
N ILE E 20 26.47 -10.08 -12.66
CA ILE E 20 26.16 -11.38 -12.07
C ILE E 20 25.09 -12.10 -12.93
N THR E 21 24.17 -11.34 -13.57
CA THR E 21 23.08 -11.83 -14.45
C THR E 21 22.92 -10.99 -15.74
N ASP E 22 22.05 -11.45 -16.68
CA ASP E 22 21.71 -10.79 -17.95
C ASP E 22 20.67 -9.67 -17.77
N SER E 23 19.99 -9.65 -16.61
CA SER E 23 18.98 -8.64 -16.27
C SER E 23 19.55 -7.51 -15.37
N SER E 24 20.84 -7.61 -14.98
CA SER E 24 21.52 -6.62 -14.15
C SER E 24 21.81 -5.32 -14.90
N ILE E 25 21.73 -4.16 -14.19
CA ILE E 25 22.02 -2.83 -14.74
C ILE E 25 23.45 -2.80 -15.25
N ALA E 26 24.38 -3.40 -14.48
CA ALA E 26 25.80 -3.53 -14.83
C ALA E 26 26.01 -4.22 -16.18
N PHE E 27 25.16 -5.21 -16.53
CA PHE E 27 25.27 -5.89 -17.83
C PHE E 27 24.86 -4.93 -18.95
N HIS E 28 23.75 -4.20 -18.74
CA HIS E 28 23.26 -3.25 -19.73
C HIS E 28 24.18 -2.05 -19.89
N ILE E 29 24.86 -1.61 -18.79
CA ILE E 29 25.86 -0.52 -18.84
C ILE E 29 26.97 -0.99 -19.76
N ALA E 30 27.50 -2.22 -19.53
CA ALA E 30 28.56 -2.84 -20.31
C ALA E 30 28.16 -3.03 -21.78
N ARG E 31 26.93 -3.51 -22.02
CA ARG E 31 26.36 -3.71 -23.36
C ARG E 31 26.29 -2.39 -24.13
N VAL E 32 25.64 -1.36 -23.53
CA VAL E 32 25.51 -0.02 -24.12
C VAL E 32 26.89 0.62 -24.35
N ALA E 33 27.80 0.53 -23.35
CA ALA E 33 29.15 1.08 -23.46
C ALA E 33 29.94 0.50 -24.64
N GLN E 34 29.88 -0.83 -24.86
CA GLN E 34 30.56 -1.52 -25.97
C GLN E 34 29.99 -1.08 -27.32
N GLU E 35 28.65 -0.92 -27.40
CA GLU E 35 27.93 -0.42 -28.59
C GLU E 35 28.41 1.00 -28.92
N GLN E 36 28.77 1.78 -27.89
CA GLN E 36 29.25 3.16 -28.05
C GLN E 36 30.78 3.27 -28.22
N GLY E 37 31.43 2.14 -28.48
CA GLY E 37 32.86 2.08 -28.78
C GLY E 37 33.82 2.04 -27.61
N ALA E 38 33.34 1.66 -26.42
CA ALA E 38 34.22 1.56 -25.24
C ALA E 38 34.92 0.21 -25.17
N GLN E 39 36.20 0.21 -24.72
CA GLN E 39 37.01 -0.99 -24.49
C GLN E 39 36.83 -1.32 -23.00
N LEU E 40 36.26 -2.50 -22.69
CA LEU E 40 35.96 -2.82 -21.29
C LEU E 40 36.89 -3.80 -20.58
N VAL E 41 36.92 -3.66 -19.24
CA VAL E 41 37.55 -4.53 -18.25
C VAL E 41 36.41 -4.84 -17.30
N LEU E 42 36.19 -6.12 -17.01
CA LEU E 42 35.08 -6.51 -16.15
C LEU E 42 35.54 -7.07 -14.82
N THR E 43 34.69 -6.95 -13.80
CA THR E 43 34.99 -7.40 -12.45
C THR E 43 33.90 -8.38 -12.00
N GLY E 44 34.32 -9.46 -11.32
CA GLY E 44 33.45 -10.50 -10.79
C GLY E 44 33.79 -10.81 -9.34
N PHE E 45 32.77 -11.09 -8.50
CA PHE E 45 33.00 -11.35 -7.08
C PHE E 45 33.19 -12.83 -6.72
N ASP E 46 32.14 -13.66 -6.86
CA ASP E 46 32.18 -15.05 -6.39
C ASP E 46 32.04 -16.14 -7.47
N ARG E 47 30.89 -16.19 -8.19
CA ARG E 47 30.63 -17.21 -9.21
C ARG E 47 31.28 -16.79 -10.54
N LEU E 48 32.62 -16.61 -10.54
CA LEU E 48 33.42 -16.14 -11.67
C LEU E 48 33.38 -17.02 -12.91
N ARG E 49 33.04 -18.32 -12.78
CA ARG E 49 32.90 -19.22 -13.92
C ARG E 49 31.56 -18.91 -14.59
N LEU E 50 30.50 -18.77 -13.77
CA LEU E 50 29.13 -18.44 -14.18
C LEU E 50 29.07 -17.05 -14.81
N ILE E 51 29.78 -16.08 -14.19
CA ILE E 51 29.90 -14.68 -14.61
C ILE E 51 30.51 -14.63 -16.03
N GLN E 52 31.56 -15.43 -16.28
CA GLN E 52 32.24 -15.54 -17.58
C GLN E 52 31.27 -15.97 -18.70
N ARG E 53 30.31 -16.86 -18.37
CA ARG E 53 29.28 -17.38 -19.28
C ARG E 53 28.21 -16.31 -19.57
N ILE E 54 28.00 -15.37 -18.61
CA ILE E 54 27.07 -14.25 -18.72
C ILE E 54 27.72 -13.16 -19.60
N THR E 55 29.01 -12.83 -19.32
CA THR E 55 29.77 -11.80 -20.05
C THR E 55 30.08 -12.19 -21.52
N ASP E 56 29.83 -13.47 -21.90
CA ASP E 56 29.99 -13.96 -23.27
C ASP E 56 28.85 -13.43 -24.15
N ARG E 57 27.72 -13.03 -23.52
CA ARG E 57 26.54 -12.46 -24.18
C ARG E 57 26.72 -10.96 -24.49
N LEU E 58 27.89 -10.40 -24.15
CA LEU E 58 28.27 -9.00 -24.41
C LEU E 58 28.68 -8.87 -25.89
N PRO E 59 28.32 -7.75 -26.58
CA PRO E 59 28.70 -7.60 -28.00
C PRO E 59 30.17 -7.84 -28.36
N ALA E 60 31.09 -7.52 -27.44
CA ALA E 60 32.51 -7.67 -27.67
C ALA E 60 33.22 -8.36 -26.51
N LYS E 61 34.41 -8.93 -26.78
CA LYS E 61 35.24 -9.62 -25.80
C LYS E 61 35.85 -8.58 -24.82
N ALA E 62 35.96 -8.96 -23.54
CA ALA E 62 36.51 -8.10 -22.49
C ALA E 62 37.10 -8.94 -21.36
N PRO E 63 38.33 -8.63 -20.89
CA PRO E 63 38.92 -9.42 -19.80
C PRO E 63 38.13 -9.32 -18.47
N LEU E 64 37.96 -10.47 -17.80
CA LEU E 64 37.26 -10.55 -16.51
C LEU E 64 38.28 -10.73 -15.38
N LEU E 65 38.20 -9.85 -14.38
CA LEU E 65 39.09 -9.83 -13.23
C LEU E 65 38.34 -10.15 -11.94
N GLU E 66 39.00 -10.83 -11.00
CA GLU E 66 38.39 -11.20 -9.72
C GLU E 66 38.51 -10.04 -8.74
N LEU E 67 37.38 -9.66 -8.12
CA LEU E 67 37.37 -8.60 -7.13
C LEU E 67 36.29 -8.78 -6.06
N ASP E 68 36.74 -9.22 -4.89
CA ASP E 68 35.93 -9.33 -3.69
C ASP E 68 36.31 -8.02 -2.99
N VAL E 69 35.34 -7.13 -2.90
CA VAL E 69 35.52 -5.79 -2.39
C VAL E 69 35.86 -5.76 -0.88
N GLN E 70 35.62 -6.86 -0.15
CA GLN E 70 35.97 -7.00 1.27
C GLN E 70 37.36 -7.59 1.44
N ASN E 71 37.96 -8.06 0.33
CA ASN E 71 39.28 -8.67 0.32
C ASN E 71 40.35 -7.60 0.06
N GLU E 72 41.19 -7.35 1.09
CA GLU E 72 42.27 -6.35 1.06
C GLU E 72 43.31 -6.63 -0.02
N GLU E 73 43.71 -7.90 -0.21
CA GLU E 73 44.69 -8.32 -1.20
C GLU E 73 44.15 -8.13 -2.65
N HIS E 74 42.82 -8.35 -2.89
CA HIS E 74 42.18 -8.13 -4.21
C HIS E 74 42.28 -6.64 -4.58
N LEU E 75 42.13 -5.77 -3.58
CA LEU E 75 42.30 -4.32 -3.63
C LEU E 75 43.83 -4.18 -3.56
N ALA E 76 44.45 -3.17 -4.19
CA ALA E 76 45.92 -3.01 -4.21
C ALA E 76 46.62 -3.96 -5.20
N SER E 77 46.05 -5.17 -5.46
CA SER E 77 46.55 -6.04 -6.53
C SER E 77 45.76 -5.62 -7.77
N LEU E 78 44.55 -5.05 -7.55
CA LEU E 78 43.67 -4.48 -8.56
C LEU E 78 44.33 -3.16 -8.94
N ALA E 79 44.42 -2.88 -10.25
CA ALA E 79 45.05 -1.75 -10.96
C ALA E 79 46.29 -2.28 -11.67
N GLY E 80 47.04 -3.16 -10.99
CA GLY E 80 48.18 -3.86 -11.57
C GLY E 80 47.66 -4.90 -12.54
N ARG E 81 46.58 -5.60 -12.12
CA ARG E 81 45.85 -6.59 -12.91
C ARG E 81 45.09 -5.92 -14.06
N VAL E 82 44.57 -4.68 -13.83
CA VAL E 82 43.88 -3.88 -14.86
C VAL E 82 44.85 -3.46 -15.96
N THR E 83 46.01 -2.88 -15.58
CA THR E 83 47.06 -2.42 -16.51
C THR E 83 47.63 -3.55 -17.36
N GLU E 84 47.73 -4.80 -16.82
CA GLU E 84 48.19 -5.98 -17.56
C GLU E 84 47.15 -6.36 -18.64
N ALA E 85 45.87 -6.10 -18.35
CA ALA E 85 44.73 -6.39 -19.26
C ALA E 85 44.53 -5.35 -20.37
N ILE E 86 44.89 -4.07 -20.15
CA ILE E 86 44.70 -2.98 -21.12
C ILE E 86 45.98 -2.54 -21.84
N GLY E 87 47.14 -2.76 -21.21
CA GLY E 87 48.45 -2.38 -21.75
C GLY E 87 49.23 -1.51 -20.79
N ALA E 88 50.53 -1.80 -20.63
CA ALA E 88 51.49 -1.15 -19.71
C ALA E 88 51.45 0.39 -19.68
N GLY E 89 51.26 1.01 -20.85
CA GLY E 89 51.20 2.47 -20.96
C GLY E 89 49.81 3.07 -21.01
N ASN E 90 48.75 2.21 -21.01
CA ASN E 90 47.36 2.66 -21.07
C ASN E 90 46.74 2.83 -19.69
N LYS E 91 45.83 3.80 -19.58
CA LYS E 91 45.10 4.12 -18.36
C LYS E 91 43.59 4.06 -18.59
N LEU E 92 42.84 3.98 -17.48
CA LEU E 92 41.37 3.91 -17.48
C LEU E 92 40.76 5.29 -17.71
N ASP E 93 39.63 5.34 -18.39
CA ASP E 93 38.88 6.58 -18.64
C ASP E 93 37.57 6.59 -17.82
N GLY E 94 37.11 5.41 -17.41
CA GLY E 94 35.88 5.27 -16.64
C GLY E 94 35.88 4.08 -15.69
N VAL E 95 35.15 4.24 -14.58
CA VAL E 95 34.97 3.20 -13.56
C VAL E 95 33.48 3.14 -13.20
N VAL E 96 32.88 1.94 -13.30
CA VAL E 96 31.48 1.73 -12.94
C VAL E 96 31.39 0.81 -11.73
N HIS E 97 30.90 1.37 -10.64
CA HIS E 97 30.69 0.65 -9.40
C HIS E 97 29.20 0.35 -9.39
N ALA E 98 28.88 -0.94 -9.59
CA ALA E 98 27.50 -1.43 -9.59
C ALA E 98 27.43 -2.60 -8.61
N ILE E 99 27.94 -2.35 -7.40
CA ILE E 99 28.03 -3.29 -6.29
C ILE E 99 27.12 -2.80 -5.16
N GLY E 100 26.25 -3.69 -4.70
CA GLY E 100 25.30 -3.42 -3.63
C GLY E 100 24.87 -4.70 -2.93
N PHE E 101 24.93 -4.69 -1.60
CA PHE E 101 24.55 -5.85 -0.80
C PHE E 101 24.07 -5.45 0.56
N MET E 102 23.05 -6.15 1.05
CA MET E 102 22.51 -6.02 2.39
C MET E 102 21.89 -7.37 2.78
N PRO E 103 22.34 -8.01 3.88
CA PRO E 103 21.69 -9.28 4.31
C PRO E 103 20.20 -9.08 4.56
N GLN E 104 19.39 -10.16 4.40
CA GLN E 104 17.92 -10.10 4.55
C GLN E 104 17.44 -9.65 5.94
N THR E 105 18.35 -9.65 6.95
CA THR E 105 18.05 -9.14 8.30
C THR E 105 17.91 -7.60 8.23
N GLY E 106 18.62 -6.98 7.27
CA GLY E 106 18.66 -5.54 7.08
C GLY E 106 17.69 -4.96 6.06
N MET E 107 16.93 -5.80 5.33
CA MET E 107 15.98 -5.33 4.32
C MET E 107 14.99 -6.39 3.86
N GLY E 108 13.70 -6.00 3.82
CA GLY E 108 12.58 -6.84 3.43
C GLY E 108 11.48 -6.88 4.48
N ILE E 109 11.27 -8.08 5.08
CA ILE E 109 10.25 -8.36 6.09
C ILE E 109 10.74 -8.21 7.53
N ASN E 110 12.03 -8.51 7.81
CA ASN E 110 12.63 -8.40 9.14
C ASN E 110 12.46 -6.97 9.72
N PRO E 111 11.97 -6.82 10.98
CA PRO E 111 11.82 -5.46 11.54
C PRO E 111 13.15 -4.72 11.57
N PHE E 112 13.12 -3.39 11.35
CA PHE E 112 14.30 -2.51 11.30
C PHE E 112 15.21 -2.66 12.54
N PHE E 113 14.60 -2.73 13.73
CA PHE E 113 15.31 -2.89 15.00
C PHE E 113 15.97 -4.24 15.20
N ASP E 114 15.53 -5.28 14.45
CA ASP E 114 16.04 -6.64 14.58
C ASP E 114 17.27 -6.98 13.73
N ALA E 115 17.78 -6.02 12.93
CA ALA E 115 18.98 -6.27 12.15
C ALA E 115 20.24 -6.13 13.05
N PRO E 116 21.08 -7.19 13.20
CA PRO E 116 22.28 -7.04 14.04
C PRO E 116 23.32 -6.16 13.34
N TYR E 117 24.18 -5.47 14.11
CA TYR E 117 25.18 -4.58 13.54
C TYR E 117 26.13 -5.28 12.56
N ALA E 118 26.58 -6.52 12.85
CA ALA E 118 27.48 -7.28 11.98
C ALA E 118 26.93 -7.39 10.55
N ASP E 119 25.61 -7.56 10.40
CA ASP E 119 24.94 -7.65 9.10
C ASP E 119 24.85 -6.30 8.43
N VAL E 120 24.43 -5.25 9.18
CA VAL E 120 24.32 -3.90 8.62
C VAL E 120 25.73 -3.40 8.18
N SER E 121 26.78 -3.69 9.00
CA SER E 121 28.19 -3.35 8.75
C SER E 121 28.68 -3.98 7.47
N LYS E 122 28.36 -5.26 7.23
CA LYS E 122 28.75 -5.96 6.01
C LYS E 122 28.11 -5.26 4.80
N GLY E 123 26.84 -4.89 4.95
CA GLY E 123 26.09 -4.16 3.94
C GLY E 123 26.67 -2.80 3.63
N ILE E 124 27.04 -2.01 4.67
CA ILE E 124 27.67 -0.70 4.51
C ILE E 124 29.06 -0.85 3.88
N HIS E 125 29.80 -1.91 4.26
CA HIS E 125 31.15 -2.20 3.73
C HIS E 125 31.08 -2.37 2.21
N ILE E 126 30.17 -3.23 1.74
CA ILE E 126 30.00 -3.57 0.33
C ILE E 126 29.28 -2.49 -0.46
N SER E 127 28.20 -1.93 0.09
CA SER E 127 27.41 -0.93 -0.62
C SER E 127 27.95 0.52 -0.59
N ALA E 128 28.63 0.94 0.50
CA ALA E 128 29.11 2.32 0.61
C ALA E 128 30.64 2.48 0.64
N TYR E 129 31.33 1.90 1.66
CA TYR E 129 32.79 2.00 1.85
C TYR E 129 33.59 1.60 0.61
N SER E 130 33.15 0.52 -0.08
CA SER E 130 33.79 -0.01 -1.27
C SER E 130 33.85 0.96 -2.47
N TYR E 131 33.01 2.02 -2.49
CA TYR E 131 33.09 3.05 -3.54
C TYR E 131 34.38 3.81 -3.33
N ALA E 132 34.71 4.10 -2.04
CA ALA E 132 35.99 4.76 -1.73
C ALA E 132 37.16 3.78 -1.99
N SER E 133 37.00 2.46 -1.66
CA SER E 133 38.03 1.42 -1.88
C SER E 133 38.40 1.25 -3.35
N MET E 134 37.38 1.16 -4.21
CA MET E 134 37.57 1.03 -5.65
C MET E 134 38.19 2.27 -6.26
N ALA E 135 37.83 3.47 -5.74
CA ALA E 135 38.36 4.74 -6.21
C ALA E 135 39.83 4.88 -5.81
N LYS E 136 40.17 4.48 -4.57
CA LYS E 136 41.56 4.51 -4.05
C LYS E 136 42.46 3.64 -4.93
N ALA E 137 42.00 2.42 -5.25
CA ALA E 137 42.73 1.46 -6.06
C ALA E 137 42.88 1.87 -7.53
N LEU E 138 41.88 2.57 -8.10
CA LEU E 138 41.89 2.87 -9.53
C LEU E 138 42.27 4.29 -9.93
N LEU E 139 42.11 5.30 -9.05
CA LEU E 139 42.50 6.68 -9.38
C LEU E 139 43.95 6.82 -9.89
N PRO E 140 44.99 6.14 -9.32
CA PRO E 140 46.35 6.29 -9.89
C PRO E 140 46.52 5.77 -11.32
N ILE E 141 45.59 4.92 -11.80
CA ILE E 141 45.63 4.40 -13.18
C ILE E 141 44.44 4.96 -14.01
N MET E 142 44.03 6.20 -13.73
CA MET E 142 42.94 6.88 -14.44
C MET E 142 43.46 8.13 -15.13
N ASN E 143 42.96 8.39 -16.34
CA ASN E 143 43.31 9.54 -17.16
C ASN E 143 42.57 10.82 -16.73
N PRO E 144 43.15 12.03 -16.90
CA PRO E 144 42.39 13.27 -16.62
C PRO E 144 41.20 13.33 -17.57
N GLY E 145 40.08 13.82 -17.07
CA GLY E 145 38.82 13.85 -17.81
C GLY E 145 38.03 12.57 -17.57
N GLY E 146 38.57 11.73 -16.69
CA GLY E 146 38.01 10.45 -16.27
C GLY E 146 36.72 10.59 -15.49
N SER E 147 36.00 9.46 -15.34
CA SER E 147 34.71 9.44 -14.66
C SER E 147 34.45 8.18 -13.84
N ILE E 148 34.06 8.36 -12.57
CA ILE E 148 33.70 7.25 -11.68
C ILE E 148 32.20 7.35 -11.45
N VAL E 149 31.47 6.24 -11.67
CA VAL E 149 30.02 6.21 -11.52
C VAL E 149 29.62 5.09 -10.58
N GLY E 150 28.78 5.42 -9.61
CA GLY E 150 28.20 4.48 -8.65
C GLY E 150 26.70 4.41 -8.83
N MET E 151 26.07 3.32 -8.35
CA MET E 151 24.61 3.15 -8.44
C MET E 151 23.98 3.42 -7.09
N ASP E 152 22.92 4.21 -7.09
CA ASP E 152 22.22 4.65 -5.89
C ASP E 152 20.71 4.41 -6.02
N PHE E 153 20.00 4.43 -4.90
CA PHE E 153 18.54 4.38 -4.83
C PHE E 153 18.19 5.43 -3.79
N ASP E 154 17.57 6.53 -4.27
CA ASP E 154 17.19 7.72 -3.48
C ASP E 154 16.85 7.41 -2.02
N PRO E 155 17.77 7.72 -1.08
CA PRO E 155 17.53 7.43 0.34
C PRO E 155 17.09 8.65 1.18
N SER E 156 16.76 9.77 0.52
CA SER E 156 16.38 11.03 1.16
C SER E 156 15.13 10.92 2.06
N ARG E 157 14.29 9.93 1.77
CA ARG E 157 13.06 9.69 2.55
C ARG E 157 12.97 8.21 2.91
N ALA E 158 12.47 7.90 4.12
CA ALA E 158 12.29 6.50 4.54
C ALA E 158 11.16 5.84 3.73
N MET E 159 11.23 4.52 3.59
CA MET E 159 10.25 3.75 2.83
C MET E 159 10.16 2.32 3.39
N PRO E 160 9.04 1.57 3.15
CA PRO E 160 8.99 0.18 3.63
C PRO E 160 10.01 -0.71 2.92
N ALA E 161 10.37 -1.85 3.57
CA ALA E 161 11.28 -2.91 3.09
C ALA E 161 12.74 -2.53 2.82
N TYR E 162 13.03 -1.34 2.29
CA TYR E 162 14.40 -0.96 1.95
C TYR E 162 15.31 -0.86 3.20
N ASN E 163 14.74 -0.44 4.33
CA ASN E 163 15.32 -0.38 5.68
C ASN E 163 16.82 0.01 5.76
N TRP E 164 17.72 -0.92 6.17
CA TRP E 164 19.15 -0.60 6.34
C TRP E 164 19.90 -0.38 5.03
N MET E 165 19.31 -0.81 3.87
CA MET E 165 19.89 -0.54 2.57
C MET E 165 19.78 0.97 2.27
N THR E 166 18.72 1.64 2.80
CA THR E 166 18.50 3.08 2.70
C THR E 166 19.61 3.79 3.49
N VAL E 167 19.99 3.24 4.65
CA VAL E 167 21.06 3.79 5.48
C VAL E 167 22.41 3.66 4.72
N ALA E 168 22.64 2.49 4.07
CA ALA E 168 23.85 2.26 3.28
C ALA E 168 23.92 3.23 2.05
N LYS E 169 22.76 3.57 1.42
CA LYS E 169 22.75 4.51 0.27
C LYS E 169 22.95 5.96 0.72
N SER E 170 22.48 6.28 1.93
CA SER E 170 22.72 7.61 2.50
C SER E 170 24.23 7.78 2.75
N ALA E 171 24.87 6.68 3.22
CA ALA E 171 26.30 6.67 3.49
C ALA E 171 27.06 6.79 2.17
N LEU E 172 26.59 6.07 1.13
CA LEU E 172 27.17 6.07 -0.24
C LEU E 172 27.19 7.48 -0.84
N GLU E 173 26.08 8.25 -0.67
CA GLU E 173 25.96 9.62 -1.18
C GLU E 173 27.01 10.53 -0.58
N SER E 174 27.22 10.40 0.76
CA SER E 174 28.23 11.14 1.50
C SER E 174 29.64 10.72 1.04
N VAL E 175 29.89 9.40 0.89
CA VAL E 175 31.17 8.84 0.41
C VAL E 175 31.52 9.46 -0.96
N ASN E 176 30.53 9.52 -1.87
CA ASN E 176 30.71 10.06 -3.22
C ASN E 176 31.13 11.56 -3.21
N ARG E 177 30.61 12.39 -2.28
CA ARG E 177 31.03 13.81 -2.16
C ARG E 177 32.53 13.89 -1.76
N PHE E 178 33.01 12.94 -0.94
CA PHE E 178 34.41 12.92 -0.55
C PHE E 178 35.30 12.29 -1.62
N VAL E 179 34.78 11.27 -2.35
CA VAL E 179 35.52 10.65 -3.44
C VAL E 179 35.76 11.71 -4.53
N ALA E 180 34.77 12.62 -4.77
CA ALA E 180 34.88 13.73 -5.73
C ALA E 180 36.08 14.65 -5.39
N ARG E 181 36.30 14.94 -4.09
CA ARG E 181 37.42 15.76 -3.61
C ARG E 181 38.76 15.12 -3.97
N GLU E 182 38.88 13.80 -3.73
CA GLU E 182 40.08 13.01 -4.01
C GLU E 182 40.31 12.85 -5.51
N ALA E 183 39.23 12.51 -6.27
CA ALA E 183 39.25 12.33 -7.71
C ALA E 183 39.60 13.60 -8.48
N GLY E 184 39.18 14.75 -7.94
CA GLY E 184 39.44 16.07 -8.50
C GLY E 184 40.90 16.41 -8.75
N LYS E 185 41.81 15.94 -7.87
CA LYS E 185 43.25 16.17 -8.03
C LYS E 185 43.87 15.34 -9.18
N TYR E 186 43.10 14.35 -9.71
CA TYR E 186 43.46 13.55 -10.88
C TYR E 186 42.73 14.08 -12.13
N GLY E 187 41.85 15.07 -11.95
CA GLY E 187 41.02 15.60 -13.03
C GLY E 187 39.90 14.63 -13.37
N VAL E 188 39.49 13.81 -12.40
CA VAL E 188 38.47 12.77 -12.55
C VAL E 188 37.18 13.17 -11.82
N ARG E 189 36.01 12.92 -12.44
CA ARG E 189 34.71 13.21 -11.85
C ARG E 189 34.19 11.94 -11.14
N SER E 190 33.34 12.12 -10.12
CA SER E 190 32.74 11.05 -9.33
C SER E 190 31.27 11.38 -9.14
N ASN E 191 30.38 10.52 -9.65
CA ASN E 191 28.93 10.75 -9.55
C ASN E 191 28.17 9.49 -9.28
N LEU E 192 26.92 9.63 -8.82
CA LEU E 192 26.02 8.51 -8.55
C LEU E 192 24.81 8.64 -9.46
N VAL E 193 24.25 7.51 -9.90
CA VAL E 193 23.01 7.49 -10.70
C VAL E 193 21.95 6.91 -9.80
N ALA E 194 20.91 7.70 -9.47
CA ALA E 194 19.81 7.19 -8.63
C ALA E 194 18.74 6.66 -9.57
N ALA E 195 18.66 5.33 -9.64
CA ALA E 195 17.74 4.63 -10.53
C ALA E 195 16.39 4.40 -9.87
N GLY E 196 15.34 4.30 -10.70
CA GLY E 196 14.03 3.89 -10.23
C GLY E 196 14.06 2.38 -9.98
N PRO E 197 12.98 1.75 -9.47
CA PRO E 197 13.04 0.30 -9.20
C PRO E 197 13.21 -0.54 -10.47
N ILE E 198 14.17 -1.49 -10.44
CA ILE E 198 14.48 -2.39 -11.56
C ILE E 198 14.15 -3.82 -11.12
N ARG E 199 13.22 -4.50 -11.84
CA ARG E 199 12.78 -5.86 -11.51
C ARG E 199 13.84 -6.94 -11.77
N THR E 200 13.93 -7.89 -10.81
CA THR E 200 14.87 -9.03 -10.79
C THR E 200 14.19 -10.26 -10.19
N ALA E 217 3.84 -8.07 -2.40
CA ALA E 217 2.82 -7.07 -2.10
C ALA E 217 3.45 -5.74 -1.65
N GLN E 218 4.33 -5.78 -0.64
CA GLN E 218 5.02 -4.59 -0.12
C GLN E 218 6.06 -4.07 -1.13
N ILE E 219 6.74 -5.00 -1.84
CA ILE E 219 7.74 -4.67 -2.85
C ILE E 219 7.03 -4.23 -4.14
N GLN E 220 5.84 -4.82 -4.41
CA GLN E 220 4.98 -4.55 -5.56
C GLN E 220 4.30 -3.18 -5.45
N LEU E 221 3.78 -2.81 -4.27
CA LEU E 221 3.10 -1.52 -4.03
C LEU E 221 4.02 -0.33 -4.31
N LEU E 222 5.28 -0.39 -3.78
CA LEU E 222 6.32 0.62 -3.94
C LEU E 222 6.73 0.75 -5.42
N GLU E 223 6.96 -0.38 -6.09
CA GLU E 223 7.39 -0.42 -7.49
C GLU E 223 6.36 0.17 -8.47
N GLU E 224 5.07 0.14 -8.12
CA GLU E 224 4.00 0.69 -8.96
C GLU E 224 3.79 2.20 -8.77
N GLY E 225 4.12 2.72 -7.59
CA GLY E 225 4.02 4.14 -7.24
C GLY E 225 4.86 5.01 -8.15
N TRP E 226 6.10 4.53 -8.44
CA TRP E 226 7.07 5.17 -9.31
C TRP E 226 6.52 5.49 -10.70
N ASP E 227 5.77 4.54 -11.29
CA ASP E 227 5.19 4.72 -12.62
C ASP E 227 4.12 5.82 -12.63
N GLN E 228 3.29 5.84 -11.58
CA GLN E 228 2.26 6.85 -11.40
C GLN E 228 2.85 8.25 -11.11
N ARG E 229 3.93 8.32 -10.29
CA ARG E 229 4.58 9.60 -9.95
C ARG E 229 5.44 10.14 -11.09
N ALA E 230 6.10 9.26 -11.87
CA ALA E 230 6.97 9.67 -12.97
C ALA E 230 6.20 10.36 -14.09
N PRO E 231 6.50 11.64 -14.41
CA PRO E 231 5.77 12.32 -15.51
C PRO E 231 5.84 11.59 -16.85
N ILE E 232 6.97 10.94 -17.14
CA ILE E 232 7.19 10.19 -18.38
C ILE E 232 7.02 8.68 -18.16
N GLY E 233 6.51 8.30 -17.00
CA GLY E 233 6.32 6.90 -16.64
C GLY E 233 7.60 6.17 -16.28
N TRP E 234 7.45 4.97 -15.74
CA TRP E 234 8.58 4.13 -15.32
C TRP E 234 8.36 2.66 -15.62
N ASN E 235 9.25 2.06 -16.42
CA ASN E 235 9.20 0.65 -16.78
C ASN E 235 10.28 -0.09 -15.99
N MET E 236 9.86 -0.81 -14.93
CA MET E 236 10.75 -1.59 -14.05
C MET E 236 11.50 -2.74 -14.76
N LYS E 237 10.91 -3.28 -15.85
CA LYS E 237 11.46 -4.37 -16.64
C LYS E 237 12.50 -3.88 -17.68
N ASP E 238 12.75 -2.56 -17.76
CA ASP E 238 13.71 -1.97 -18.70
C ASP E 238 14.84 -1.21 -17.99
N ALA E 239 16.05 -1.77 -18.04
CA ALA E 239 17.23 -1.18 -17.42
C ALA E 239 18.04 -0.28 -18.36
N THR E 240 17.73 -0.29 -19.69
CA THR E 240 18.45 0.50 -20.70
C THR E 240 18.35 2.03 -20.44
N PRO E 241 17.23 2.68 -19.99
CA PRO E 241 17.31 4.14 -19.75
C PRO E 241 18.30 4.51 -18.64
N VAL E 242 18.47 3.64 -17.62
CA VAL E 242 19.41 3.90 -16.54
C VAL E 242 20.85 3.61 -17.04
N ALA E 243 21.06 2.59 -17.91
CA ALA E 243 22.38 2.27 -18.48
C ALA E 243 22.91 3.41 -19.38
N LYS E 244 22.01 4.06 -20.15
CA LYS E 244 22.33 5.20 -21.02
C LYS E 244 22.76 6.42 -20.18
N THR E 245 22.12 6.61 -19.00
CA THR E 245 22.43 7.68 -18.05
C THR E 245 23.86 7.50 -17.51
N VAL E 246 24.21 6.25 -17.14
CA VAL E 246 25.56 5.90 -16.67
C VAL E 246 26.57 6.22 -17.78
N CYS E 247 26.25 5.84 -19.03
CA CYS E 247 27.10 6.10 -20.19
C CYS E 247 27.23 7.60 -20.47
N ALA E 248 26.16 8.40 -20.22
CA ALA E 248 26.21 9.85 -20.37
C ALA E 248 27.20 10.44 -19.38
N LEU E 249 27.26 9.88 -18.14
CA LEU E 249 28.20 10.31 -17.12
C LEU E 249 29.62 9.87 -17.43
N LEU E 250 29.79 8.73 -18.10
CA LEU E 250 31.11 8.22 -18.51
C LEU E 250 31.68 9.01 -19.71
N SER E 251 30.81 9.70 -20.45
CA SER E 251 31.20 10.51 -21.61
C SER E 251 31.77 11.86 -21.20
N ASP E 252 32.14 12.67 -22.20
CA ASP E 252 32.68 14.01 -22.01
C ASP E 252 31.55 15.07 -22.08
N TRP E 253 30.28 14.62 -22.09
CA TRP E 253 29.13 15.49 -22.23
C TRP E 253 28.56 16.07 -20.92
N LEU E 254 29.11 15.65 -19.77
CA LEU E 254 28.77 16.19 -18.45
C LEU E 254 30.14 16.49 -17.79
N PRO E 255 30.95 17.44 -18.33
CA PRO E 255 32.31 17.63 -17.77
C PRO E 255 32.42 18.49 -16.51
N ALA E 256 31.35 19.21 -16.14
CA ALA E 256 31.38 20.06 -14.96
C ALA E 256 30.51 19.49 -13.81
N THR E 257 30.19 18.19 -13.91
CA THR E 257 29.37 17.53 -12.88
C THR E 257 30.24 16.57 -12.05
N THR E 258 30.32 16.82 -10.73
CA THR E 258 31.05 16.01 -9.76
C THR E 258 30.39 16.04 -8.40
N GLY E 259 30.62 14.98 -7.62
CA GLY E 259 30.08 14.77 -6.28
C GLY E 259 28.58 14.80 -6.26
N ASP E 260 27.98 14.58 -7.41
CA ASP E 260 26.56 14.70 -7.62
C ASP E 260 25.82 13.39 -7.81
N ILE E 261 24.48 13.51 -7.85
CA ILE E 261 23.52 12.44 -8.06
C ILE E 261 22.68 12.82 -9.27
N ILE E 262 22.60 11.92 -10.26
CA ILE E 262 21.76 12.11 -11.44
C ILE E 262 20.60 11.15 -11.27
N TYR E 263 19.37 11.64 -11.35
CA TYR E 263 18.19 10.80 -11.16
C TYR E 263 17.63 10.27 -12.46
N ALA E 264 17.73 8.95 -12.65
CA ALA E 264 17.21 8.25 -13.83
C ALA E 264 16.07 7.38 -13.28
N ASP E 265 15.00 8.05 -12.82
CA ASP E 265 13.84 7.44 -12.16
C ASP E 265 12.52 7.85 -12.80
N GLY E 266 12.61 8.45 -14.00
CA GLY E 266 11.45 8.94 -14.73
C GLY E 266 10.91 10.24 -14.19
N GLY E 267 11.69 10.89 -13.33
CA GLY E 267 11.35 12.12 -12.64
C GLY E 267 10.42 11.96 -11.45
N ALA E 268 10.28 10.73 -10.95
CA ALA E 268 9.39 10.40 -9.84
C ALA E 268 9.75 11.10 -8.51
N HIS E 269 11.07 11.29 -8.19
CA HIS E 269 11.53 11.99 -6.96
C HIS E 269 11.14 13.51 -6.91
N THR E 270 10.73 14.10 -8.04
CA THR E 270 10.34 15.52 -8.13
C THR E 270 8.82 15.68 -7.97
N GLN E 271 8.10 14.55 -7.81
CA GLN E 271 6.64 14.56 -7.75
C GLN E 271 6.14 13.89 -6.47
N LEU E 272 5.18 14.52 -5.76
CA LEU E 272 4.59 13.92 -4.55
C LEU E 272 3.55 12.86 -4.96
N LEU E 273 2.64 13.23 -5.89
CA LEU E 273 1.59 12.38 -6.44
C LEU E 273 1.49 12.63 -7.96
N GLY F 7 7.75 25.34 34.38
CA GLY F 7 8.91 24.95 33.61
C GLY F 7 8.52 24.28 32.31
N LEU F 8 9.35 24.45 31.28
CA LEU F 8 9.15 23.90 29.94
C LEU F 8 9.06 22.37 29.94
N LEU F 9 9.88 21.72 30.78
CA LEU F 9 9.97 20.26 30.91
C LEU F 9 9.48 19.78 32.29
N ASP F 10 8.59 20.53 32.96
CA ASP F 10 8.08 20.24 34.32
C ASP F 10 7.27 18.93 34.42
N GLY F 11 7.81 17.98 35.19
CA GLY F 11 7.24 16.66 35.43
C GLY F 11 7.65 15.59 34.41
N LYS F 12 8.61 15.91 33.52
CA LYS F 12 9.08 14.99 32.48
C LYS F 12 10.30 14.18 32.93
N ARG F 13 10.28 12.87 32.69
CA ARG F 13 11.39 11.96 33.00
C ARG F 13 12.24 11.82 31.75
N ILE F 14 13.49 12.31 31.78
CA ILE F 14 14.33 12.29 30.59
C ILE F 14 15.68 11.57 30.80
N LEU F 15 15.99 10.61 29.88
CA LEU F 15 17.24 9.85 29.83
C LEU F 15 18.25 10.66 29.02
N VAL F 16 19.41 10.99 29.62
CA VAL F 16 20.47 11.79 28.97
C VAL F 16 21.79 11.00 28.90
N SER F 17 22.24 10.71 27.67
CA SER F 17 23.48 9.97 27.43
C SER F 17 24.59 10.92 27.01
N GLY F 18 25.83 10.42 27.06
CA GLY F 18 27.01 11.14 26.59
C GLY F 18 27.66 12.20 27.44
N ILE F 19 27.36 12.27 28.76
CA ILE F 19 28.04 13.24 29.61
C ILE F 19 29.41 12.63 29.96
N ILE F 20 30.50 13.27 29.51
CA ILE F 20 31.89 12.84 29.73
C ILE F 20 32.71 13.99 30.34
N THR F 21 32.41 15.23 29.95
CA THR F 21 33.07 16.45 30.43
C THR F 21 32.03 17.45 30.93
N ASP F 22 32.44 18.31 31.89
CA ASP F 22 31.61 19.34 32.51
C ASP F 22 31.25 20.50 31.53
N SER F 23 31.76 20.44 30.28
CA SER F 23 31.55 21.47 29.26
C SER F 23 30.75 21.01 28.01
N SER F 24 30.69 19.68 27.72
CA SER F 24 30.03 19.10 26.55
C SER F 24 28.52 19.42 26.45
N ILE F 25 27.93 19.33 25.20
CA ILE F 25 26.53 19.67 24.90
C ILE F 25 25.56 18.87 25.78
N ALA F 26 25.84 17.54 25.97
CA ALA F 26 25.06 16.64 26.82
C ALA F 26 24.97 17.15 28.27
N PHE F 27 26.03 17.79 28.78
CA PHE F 27 26.04 18.37 30.13
C PHE F 27 25.08 19.57 30.17
N HIS F 28 25.15 20.47 29.16
CA HIS F 28 24.30 21.65 29.09
C HIS F 28 22.84 21.28 28.83
N ILE F 29 22.57 20.19 28.08
CA ILE F 29 21.20 19.71 27.82
C ILE F 29 20.61 19.31 29.18
N ALA F 30 21.38 18.50 29.95
CA ALA F 30 21.01 18.02 31.28
C ALA F 30 20.80 19.19 32.27
N ARG F 31 21.71 20.18 32.25
CA ARG F 31 21.65 21.38 33.09
C ARG F 31 20.38 22.18 32.80
N VAL F 32 20.15 22.53 31.52
CA VAL F 32 18.97 23.29 31.08
C VAL F 32 17.68 22.51 31.38
N ALA F 33 17.65 21.18 31.09
CA ALA F 33 16.48 20.34 31.35
C ALA F 33 16.07 20.33 32.84
N GLN F 34 17.04 20.22 33.77
CA GLN F 34 16.82 20.23 35.23
C GLN F 34 16.27 21.58 35.68
N GLU F 35 16.79 22.69 35.11
CA GLU F 35 16.35 24.07 35.38
C GLU F 35 14.89 24.23 34.95
N GLN F 36 14.47 23.48 33.90
CA GLN F 36 13.11 23.52 33.37
C GLN F 36 12.16 22.50 34.03
N GLY F 37 12.58 21.92 35.15
CA GLY F 37 11.77 20.98 35.94
C GLY F 37 11.77 19.51 35.54
N ALA F 38 12.75 19.08 34.71
CA ALA F 38 12.83 17.67 34.29
C ALA F 38 13.54 16.80 35.31
N GLN F 39 13.05 15.55 35.47
CA GLN F 39 13.65 14.53 36.34
C GLN F 39 14.55 13.70 35.42
N LEU F 40 15.86 13.67 35.69
CA LEU F 40 16.80 12.99 34.79
C LEU F 40 17.33 11.64 35.25
N VAL F 41 17.70 10.82 34.25
CA VAL F 41 18.39 9.53 34.35
C VAL F 41 19.59 9.74 33.43
N LEU F 42 20.79 9.44 33.94
CA LEU F 42 21.99 9.65 33.15
C LEU F 42 22.67 8.37 32.74
N THR F 43 23.41 8.41 31.63
CA THR F 43 24.11 7.26 31.09
C THR F 43 25.61 7.59 30.96
N GLY F 44 26.44 6.61 31.33
CA GLY F 44 27.90 6.69 31.28
C GLY F 44 28.51 5.49 30.59
N PHE F 45 29.60 5.73 29.84
CA PHE F 45 30.32 4.79 28.98
C PHE F 45 31.33 3.88 29.73
N ASP F 46 32.47 4.45 30.17
CA ASP F 46 33.54 3.68 30.82
C ASP F 46 34.04 4.28 32.13
N ARG F 47 34.49 5.56 32.10
CA ARG F 47 35.01 6.27 33.28
C ARG F 47 33.85 6.70 34.22
N LEU F 48 33.11 5.69 34.77
CA LEU F 48 31.93 5.83 35.64
C LEU F 48 32.13 6.78 36.82
N ARG F 49 33.12 6.49 37.71
CA ARG F 49 33.46 7.29 38.88
C ARG F 49 33.86 8.73 38.52
N LEU F 50 34.46 8.92 37.33
CA LEU F 50 34.85 10.22 36.81
C LEU F 50 33.60 10.98 36.33
N ILE F 51 32.70 10.28 35.60
CA ILE F 51 31.42 10.83 35.09
C ILE F 51 30.52 11.22 36.29
N GLN F 52 30.48 10.37 37.35
CA GLN F 52 29.70 10.61 38.58
C GLN F 52 30.06 11.92 39.28
N ARG F 53 31.34 12.32 39.29
CA ARG F 53 31.70 13.59 39.91
C ARG F 53 31.57 14.76 38.94
N ILE F 54 31.43 14.46 37.63
CA ILE F 54 31.17 15.45 36.58
C ILE F 54 29.66 15.77 36.59
N THR F 55 28.81 14.77 36.90
CA THR F 55 27.35 14.90 37.00
C THR F 55 26.90 15.48 38.36
N ASP F 56 27.84 15.60 39.34
CA ASP F 56 27.59 16.20 40.65
C ASP F 56 27.50 17.73 40.52
N ARG F 57 28.05 18.29 39.42
CA ARG F 57 28.01 19.71 39.10
C ARG F 57 26.61 20.14 38.57
N LEU F 58 25.75 19.16 38.24
CA LEU F 58 24.38 19.36 37.74
C LEU F 58 23.50 20.00 38.85
N PRO F 59 22.58 20.95 38.51
CA PRO F 59 21.74 21.58 39.55
C PRO F 59 21.02 20.63 40.52
N ALA F 60 20.63 19.44 40.03
CA ALA F 60 19.92 18.44 40.84
C ALA F 60 20.51 17.06 40.70
N LYS F 61 20.26 16.20 41.71
CA LYS F 61 20.74 14.82 41.75
C LYS F 61 19.97 13.99 40.71
N ALA F 62 20.67 13.03 40.08
CA ALA F 62 20.10 12.15 39.05
C ALA F 62 20.85 10.81 39.02
N PRO F 63 20.12 9.66 38.98
CA PRO F 63 20.83 8.36 38.93
C PRO F 63 21.66 8.17 37.66
N LEU F 64 22.87 7.61 37.81
CA LEU F 64 23.77 7.32 36.70
C LEU F 64 23.77 5.81 36.42
N LEU F 65 23.54 5.45 35.15
CA LEU F 65 23.46 4.08 34.67
C LEU F 65 24.59 3.79 33.68
N GLU F 66 25.11 2.54 33.70
CA GLU F 66 26.19 2.14 32.82
C GLU F 66 25.63 1.71 31.47
N LEU F 67 26.19 2.28 30.39
CA LEU F 67 25.75 1.92 29.05
C LEU F 67 26.87 2.07 28.02
N ASP F 68 27.41 0.92 27.63
CA ASP F 68 28.38 0.79 26.55
C ASP F 68 27.46 0.39 25.42
N VAL F 69 27.33 1.29 24.45
CA VAL F 69 26.42 1.17 23.32
C VAL F 69 26.79 0.00 22.37
N GLN F 70 28.04 -0.50 22.43
CA GLN F 70 28.51 -1.64 21.64
C GLN F 70 28.29 -2.95 22.39
N ASN F 71 27.89 -2.87 23.67
CA ASN F 71 27.64 -4.01 24.56
C ASN F 71 26.15 -4.40 24.47
N GLU F 72 25.87 -5.58 23.86
CA GLU F 72 24.53 -6.15 23.67
C GLU F 72 23.80 -6.44 24.98
N GLU F 73 24.58 -6.86 26.02
CA GLU F 73 24.04 -7.16 27.35
C GLU F 73 23.57 -5.86 28.05
N HIS F 74 24.33 -4.75 27.94
CA HIS F 74 23.98 -3.43 28.50
C HIS F 74 22.67 -2.91 27.89
N LEU F 75 22.46 -3.15 26.58
CA LEU F 75 21.26 -2.73 25.86
C LEU F 75 20.03 -3.55 26.27
N ALA F 76 20.19 -4.88 26.37
CA ALA F 76 19.13 -5.82 26.75
C ALA F 76 18.60 -5.61 28.17
N SER F 77 19.44 -5.10 29.10
CA SER F 77 19.05 -4.86 30.49
C SER F 77 18.64 -3.40 30.76
N LEU F 78 18.96 -2.47 29.82
CA LEU F 78 18.71 -1.02 29.90
C LEU F 78 17.37 -0.63 30.49
N ALA F 79 16.25 -0.99 29.81
CA ALA F 79 14.88 -0.63 30.21
C ALA F 79 14.54 -0.98 31.68
N GLY F 80 14.96 -2.16 32.13
CA GLY F 80 14.76 -2.63 33.50
C GLY F 80 15.46 -1.75 34.51
N ARG F 81 16.72 -1.38 34.21
CA ARG F 81 17.57 -0.53 35.07
C ARG F 81 17.03 0.90 35.18
N VAL F 82 16.47 1.45 34.08
CA VAL F 82 15.85 2.78 34.05
C VAL F 82 14.59 2.81 34.94
N THR F 83 13.70 1.80 34.78
CA THR F 83 12.45 1.70 35.56
C THR F 83 12.71 1.57 37.07
N GLU F 84 13.77 0.85 37.47
CA GLU F 84 14.17 0.72 38.88
C GLU F 84 14.62 2.08 39.44
N ALA F 85 15.19 2.95 38.58
CA ALA F 85 15.66 4.28 38.94
C ALA F 85 14.56 5.36 39.01
N ILE F 86 13.48 5.22 38.21
CA ILE F 86 12.38 6.20 38.15
C ILE F 86 11.11 5.76 38.90
N GLY F 87 10.90 4.45 39.02
CA GLY F 87 9.73 3.88 39.69
C GLY F 87 9.00 2.90 38.79
N ALA F 88 8.61 1.73 39.37
CA ALA F 88 7.95 0.60 38.70
C ALA F 88 6.79 0.95 37.75
N GLY F 89 5.99 1.96 38.11
CA GLY F 89 4.85 2.41 37.30
C GLY F 89 5.10 3.62 36.42
N ASN F 90 6.31 4.22 36.53
CA ASN F 90 6.68 5.41 35.77
C ASN F 90 7.39 5.07 34.46
N LYS F 91 7.18 5.92 33.44
CA LYS F 91 7.77 5.78 32.11
C LYS F 91 8.52 7.05 31.71
N LEU F 92 9.39 6.92 30.70
CA LEU F 92 10.24 7.98 30.15
C LEU F 92 9.45 8.89 29.21
N ASP F 93 9.71 10.21 29.28
CA ASP F 93 9.08 11.20 28.42
C ASP F 93 10.04 11.71 27.33
N GLY F 94 11.35 11.53 27.57
CA GLY F 94 12.39 11.95 26.65
C GLY F 94 13.66 11.13 26.73
N VAL F 95 14.40 11.04 25.60
CA VAL F 95 15.67 10.33 25.44
C VAL F 95 16.60 11.26 24.65
N VAL F 96 17.82 11.43 25.14
CA VAL F 96 18.80 12.29 24.48
C VAL F 96 20.02 11.45 24.18
N HIS F 97 20.21 11.19 22.87
CA HIS F 97 21.34 10.48 22.32
C HIS F 97 22.37 11.54 21.99
N ALA F 98 23.41 11.64 22.80
CA ALA F 98 24.49 12.61 22.59
C ALA F 98 25.80 11.83 22.60
N ILE F 99 25.83 10.78 21.78
CA ILE F 99 26.95 9.85 21.62
C ILE F 99 27.46 10.00 20.20
N GLY F 100 28.77 10.22 20.06
CA GLY F 100 29.43 10.38 18.77
C GLY F 100 30.90 10.03 18.84
N PHE F 101 31.37 9.17 17.95
CA PHE F 101 32.76 8.75 17.93
C PHE F 101 33.21 8.35 16.55
N MET F 102 34.46 8.69 16.23
CA MET F 102 35.14 8.29 15.01
C MET F 102 36.65 8.25 15.31
N PRO F 103 37.32 7.10 15.11
CA PRO F 103 38.79 7.06 15.32
C PRO F 103 39.50 8.10 14.44
N GLN F 104 40.70 8.55 14.87
CA GLN F 104 41.47 9.58 14.15
C GLN F 104 41.88 9.17 12.73
N THR F 105 41.79 7.86 12.40
CA THR F 105 42.04 7.39 11.03
C THR F 105 40.91 7.86 10.10
N GLY F 106 39.71 8.03 10.66
CA GLY F 106 38.51 8.44 9.94
C GLY F 106 38.18 9.92 9.94
N MET F 107 38.89 10.71 10.76
CA MET F 107 38.66 12.17 10.84
C MET F 107 39.88 12.92 11.40
N GLY F 108 40.22 14.01 10.73
CA GLY F 108 41.34 14.86 11.11
C GLY F 108 42.29 15.11 9.96
N ILE F 109 43.55 14.66 10.13
CA ILE F 109 44.63 14.82 9.17
C ILE F 109 44.77 13.63 8.22
N ASN F 110 44.42 12.40 8.68
CA ASN F 110 44.53 11.18 7.89
C ASN F 110 43.77 11.27 6.56
N PRO F 111 44.39 10.92 5.40
CA PRO F 111 43.64 10.99 4.14
C PRO F 111 42.39 10.11 4.18
N PHE F 112 41.32 10.54 3.50
CA PHE F 112 40.01 9.88 3.44
C PHE F 112 40.11 8.40 3.02
N PHE F 113 40.91 8.10 2.01
CA PHE F 113 41.14 6.75 1.48
C PHE F 113 41.95 5.85 2.42
N ASP F 114 42.68 6.42 3.40
CA ASP F 114 43.53 5.66 4.32
C ASP F 114 42.82 5.16 5.59
N ALA F 115 41.52 5.46 5.78
CA ALA F 115 40.81 4.98 6.96
C ALA F 115 40.40 3.50 6.76
N PRO F 116 40.85 2.55 7.61
CA PRO F 116 40.43 1.15 7.41
C PRO F 116 38.96 0.97 7.79
N TYR F 117 38.27 -0.01 7.17
CA TYR F 117 36.86 -0.24 7.43
C TYR F 117 36.54 -0.52 8.89
N ALA F 118 37.39 -1.30 9.60
CA ALA F 118 37.18 -1.63 11.02
C ALA F 118 37.00 -0.37 11.87
N ASP F 119 37.75 0.69 11.56
CA ASP F 119 37.69 1.98 12.27
C ASP F 119 36.44 2.76 11.89
N VAL F 120 36.12 2.85 10.57
CA VAL F 120 34.94 3.57 10.13
C VAL F 120 33.67 2.87 10.66
N SER F 121 33.65 1.52 10.68
CA SER F 121 32.56 0.67 11.19
C SER F 121 32.33 0.93 12.67
N LYS F 122 33.41 1.05 13.47
CA LYS F 122 33.28 1.34 14.90
C LYS F 122 32.62 2.72 15.08
N GLY F 123 33.03 3.68 14.26
CA GLY F 123 32.48 5.02 14.22
C GLY F 123 31.00 5.04 13.86
N ILE F 124 30.60 4.30 12.81
CA ILE F 124 29.21 4.20 12.37
C ILE F 124 28.38 3.46 13.45
N HIS F 125 28.97 2.44 14.10
CA HIS F 125 28.30 1.68 15.17
C HIS F 125 27.90 2.61 16.30
N ILE F 126 28.86 3.41 16.80
CA ILE F 126 28.65 4.31 17.94
C ILE F 126 27.87 5.58 17.54
N SER F 127 28.21 6.19 16.40
CA SER F 127 27.57 7.44 15.99
C SER F 127 26.20 7.31 15.32
N ALA F 128 25.96 6.23 14.55
CA ALA F 128 24.69 6.08 13.82
C ALA F 128 23.79 4.92 14.31
N TYR F 129 24.27 3.65 14.21
CA TYR F 129 23.52 2.43 14.58
C TYR F 129 22.95 2.48 16.00
N SER F 130 23.75 2.99 16.96
CA SER F 130 23.37 3.12 18.37
C SER F 130 22.15 4.02 18.63
N TYR F 131 21.83 4.93 17.70
CA TYR F 131 20.62 5.77 17.80
C TYR F 131 19.41 4.84 17.71
N ALA F 132 19.45 3.83 16.79
CA ALA F 132 18.42 2.81 16.65
C ALA F 132 18.44 1.83 17.85
N SER F 133 19.65 1.45 18.35
CA SER F 133 19.83 0.54 19.50
C SER F 133 19.20 1.09 20.76
N MET F 134 19.49 2.37 21.07
CA MET F 134 18.94 3.07 22.23
C MET F 134 17.43 3.24 22.13
N ALA F 135 16.91 3.50 20.92
CA ALA F 135 15.47 3.66 20.67
C ALA F 135 14.75 2.32 20.87
N LYS F 136 15.33 1.22 20.36
CA LYS F 136 14.77 -0.13 20.50
C LYS F 136 14.63 -0.50 21.98
N ALA F 137 15.68 -0.22 22.76
CA ALA F 137 15.74 -0.52 24.20
C ALA F 137 14.81 0.37 25.04
N LEU F 138 14.59 1.64 24.65
CA LEU F 138 13.83 2.57 25.48
C LEU F 138 12.39 2.86 25.05
N LEU F 139 12.02 2.66 23.76
CA LEU F 139 10.64 2.87 23.32
C LEU F 139 9.58 2.09 24.15
N PRO F 140 9.79 0.81 24.58
CA PRO F 140 8.75 0.14 25.38
C PRO F 140 8.50 0.76 26.77
N ILE F 141 9.45 1.59 27.27
CA ILE F 141 9.29 2.28 28.54
C ILE F 141 9.17 3.81 28.33
N MET F 142 8.54 4.22 27.22
CA MET F 142 8.31 5.63 26.88
C MET F 142 6.82 5.92 26.79
N ASN F 143 6.41 7.09 27.27
CA ASN F 143 5.03 7.57 27.26
C ASN F 143 4.63 8.16 25.90
N PRO F 144 3.33 8.08 25.51
CA PRO F 144 2.90 8.75 24.27
C PRO F 144 3.10 10.25 24.42
N GLY F 145 3.51 10.89 23.34
CA GLY F 145 3.86 12.31 23.35
C GLY F 145 5.33 12.49 23.69
N GLY F 146 6.04 11.37 23.83
CA GLY F 146 7.47 11.32 24.14
C GLY F 146 8.33 11.82 22.99
N SER F 147 9.63 12.02 23.26
CA SER F 147 10.56 12.58 22.28
C SER F 147 11.97 12.01 22.39
N ILE F 148 12.51 11.55 21.25
CA ILE F 148 13.89 11.08 21.15
C ILE F 148 14.68 12.14 20.35
N VAL F 149 15.81 12.60 20.92
CA VAL F 149 16.64 13.61 20.25
C VAL F 149 18.07 13.11 20.13
N GLY F 150 18.62 13.21 18.92
CA GLY F 150 20.01 12.88 18.62
C GLY F 150 20.77 14.12 18.20
N MET F 151 22.12 14.08 18.27
CA MET F 151 22.98 15.19 17.86
C MET F 151 23.59 14.93 16.51
N ASP F 152 23.54 15.94 15.63
CA ASP F 152 24.03 15.84 14.25
C ASP F 152 24.93 17.03 13.90
N PHE F 153 25.71 16.90 12.81
CA PHE F 153 26.52 17.96 12.24
C PHE F 153 26.28 17.83 10.75
N ASP F 154 25.56 18.81 10.18
CA ASP F 154 25.15 18.89 8.78
C ASP F 154 26.12 18.21 7.80
N PRO F 155 25.75 17.01 7.30
CA PRO F 155 26.64 16.28 6.39
C PRO F 155 26.28 16.39 4.91
N SER F 156 25.31 17.28 4.56
CA SER F 156 24.81 17.48 3.20
C SER F 156 25.89 17.86 2.19
N ARG F 157 26.97 18.50 2.68
CA ARG F 157 28.11 18.93 1.84
C ARG F 157 29.40 18.45 2.42
N ALA F 158 30.33 17.98 1.56
CA ALA F 158 31.64 17.52 2.04
C ALA F 158 32.47 18.73 2.51
N MET F 159 33.39 18.49 3.45
CA MET F 159 34.22 19.52 4.05
C MET F 159 35.57 18.93 4.49
N PRO F 160 36.63 19.76 4.70
CA PRO F 160 37.90 19.20 5.17
C PRO F 160 37.81 18.62 6.58
N ALA F 161 38.71 17.67 6.89
CA ALA F 161 38.91 16.99 8.19
C ALA F 161 37.75 16.12 8.73
N TYR F 162 36.47 16.54 8.56
CA TYR F 162 35.33 15.82 9.10
C TYR F 162 35.24 14.38 8.53
N ASN F 163 35.64 14.23 7.25
CA ASN F 163 35.78 12.98 6.49
C ASN F 163 34.74 11.88 6.78
N TRP F 164 35.14 10.73 7.40
CA TRP F 164 34.22 9.61 7.66
C TRP F 164 33.19 9.91 8.74
N MET F 165 33.38 10.96 9.56
CA MET F 165 32.36 11.35 10.54
C MET F 165 31.15 11.95 9.80
N THR F 166 31.40 12.59 8.61
CA THR F 166 30.36 13.14 7.75
C THR F 166 29.53 11.98 7.22
N VAL F 167 30.19 10.86 6.86
CA VAL F 167 29.54 9.65 6.37
C VAL F 167 28.68 9.04 7.49
N ALA F 168 29.20 9.01 8.74
CA ALA F 168 28.47 8.48 9.91
C ALA F 168 27.26 9.35 10.23
N LYS F 169 27.41 10.69 10.08
CA LYS F 169 26.34 11.67 10.29
C LYS F 169 25.24 11.52 9.25
N SER F 170 25.59 11.26 7.95
CA SER F 170 24.65 11.01 6.84
C SER F 170 23.85 9.74 7.16
N ALA F 171 24.53 8.70 7.68
CA ALA F 171 23.91 7.43 8.07
C ALA F 171 22.95 7.67 9.23
N LEU F 172 23.34 8.50 10.21
CA LEU F 172 22.53 8.91 11.37
C LEU F 172 21.19 9.57 10.97
N GLU F 173 21.21 10.48 9.96
CA GLU F 173 19.99 11.16 9.49
C GLU F 173 19.02 10.18 8.87
N SER F 174 19.55 9.18 8.12
CA SER F 174 18.76 8.11 7.50
C SER F 174 18.19 7.20 8.62
N VAL F 175 19.03 6.85 9.63
CA VAL F 175 18.61 6.03 10.80
C VAL F 175 17.44 6.72 11.50
N ASN F 176 17.55 8.05 11.73
CA ASN F 176 16.53 8.90 12.37
C ASN F 176 15.16 8.82 11.67
N ARG F 177 15.13 8.82 10.30
CA ARG F 177 13.87 8.69 9.52
C ARG F 177 13.21 7.30 9.80
N PHE F 178 14.03 6.25 9.98
CA PHE F 178 13.49 4.92 10.27
C PHE F 178 13.11 4.77 11.73
N VAL F 179 13.87 5.40 12.65
CA VAL F 179 13.55 5.39 14.08
C VAL F 179 12.19 6.07 14.28
N ALA F 180 11.92 7.17 13.53
CA ALA F 180 10.64 7.91 13.56
C ALA F 180 9.45 6.97 13.23
N ARG F 181 9.60 6.07 12.22
CA ARG F 181 8.59 5.08 11.82
C ARG F 181 8.26 4.15 12.99
N GLU F 182 9.30 3.64 13.67
CA GLU F 182 9.17 2.73 14.81
C GLU F 182 8.59 3.45 16.04
N ALA F 183 9.12 4.65 16.36
CA ALA F 183 8.70 5.50 17.47
C ALA F 183 7.25 5.96 17.35
N GLY F 184 6.79 6.18 16.11
CA GLY F 184 5.43 6.62 15.79
C GLY F 184 4.35 5.71 16.34
N LYS F 185 4.64 4.38 16.36
CA LYS F 185 3.77 3.31 16.90
C LYS F 185 3.52 3.49 18.41
N TYR F 186 4.43 4.19 19.10
CA TYR F 186 4.35 4.48 20.53
C TYR F 186 3.85 5.91 20.80
N GLY F 187 3.63 6.69 19.73
CA GLY F 187 3.24 8.08 19.83
C GLY F 187 4.42 8.94 20.23
N VAL F 188 5.63 8.49 19.89
CA VAL F 188 6.89 9.15 20.23
C VAL F 188 7.53 9.78 18.98
N ARG F 189 8.08 10.98 19.12
CA ARG F 189 8.77 11.68 18.04
C ARG F 189 10.27 11.38 18.10
N SER F 190 10.95 11.44 16.95
CA SER F 190 12.38 11.20 16.84
C SER F 190 12.95 12.28 15.94
N ASN F 191 13.84 13.12 16.47
CA ASN F 191 14.45 14.21 15.71
C ASN F 191 15.93 14.34 15.99
N LEU F 192 16.64 15.02 15.09
CA LEU F 192 18.07 15.32 15.23
C LEU F 192 18.25 16.85 15.33
N VAL F 193 19.23 17.30 16.12
CA VAL F 193 19.57 18.72 16.21
C VAL F 193 20.93 18.88 15.52
N ALA F 194 20.98 19.64 14.42
CA ALA F 194 22.24 19.86 13.71
C ALA F 194 22.85 21.15 14.27
N ALA F 195 23.90 20.99 15.06
CA ALA F 195 24.56 22.09 15.73
C ALA F 195 25.65 22.70 14.87
N GLY F 196 25.95 23.97 15.08
CA GLY F 196 27.10 24.62 14.46
C GLY F 196 28.35 24.15 15.18
N PRO F 197 29.57 24.56 14.77
CA PRO F 197 30.77 24.09 15.48
C PRO F 197 30.86 24.54 16.95
N ILE F 198 31.13 23.58 17.86
CA ILE F 198 31.24 23.81 19.31
C ILE F 198 32.68 23.54 19.75
N ARG F 199 33.27 24.52 20.47
CA ARG F 199 34.64 24.44 20.97
C ARG F 199 34.80 23.46 22.15
N THR F 200 35.04 22.17 21.85
CA THR F 200 35.26 21.10 22.84
C THR F 200 36.77 21.07 23.22
N LEU F 201 37.17 20.17 24.15
CA LEU F 201 38.57 20.03 24.59
C LEU F 201 39.52 19.69 23.41
N ALA F 202 39.10 18.76 22.53
CA ALA F 202 39.86 18.35 21.35
C ALA F 202 39.90 19.48 20.31
N MET F 203 38.77 20.20 20.14
CA MET F 203 38.60 21.32 19.21
C MET F 203 39.54 22.48 19.53
N SER F 204 39.70 22.80 20.84
CA SER F 204 40.59 23.88 21.31
C SER F 204 42.03 23.49 20.98
N ALA F 205 42.39 22.20 21.21
CA ALA F 205 43.70 21.62 20.96
C ALA F 205 44.12 21.67 19.49
N ILE F 206 43.18 21.35 18.56
CA ILE F 206 43.44 21.40 17.12
C ILE F 206 43.65 22.87 16.65
N VAL F 207 42.95 23.83 17.28
CA VAL F 207 43.10 25.28 17.01
C VAL F 207 44.50 25.73 17.50
N GLY F 208 44.92 25.18 18.65
CA GLY F 208 46.23 25.40 19.25
C GLY F 208 47.33 24.77 18.44
N GLY F 209 46.98 23.76 17.64
CA GLY F 209 47.89 23.08 16.72
C GLY F 209 48.31 21.67 17.07
N ALA F 210 47.46 20.93 17.82
CA ALA F 210 47.74 19.54 18.22
C ALA F 210 47.75 18.60 17.03
N LEU F 211 47.01 18.95 15.97
CA LEU F 211 46.93 18.16 14.75
C LEU F 211 47.86 18.72 13.63
N GLY F 212 48.53 19.82 13.91
CA GLY F 212 49.44 20.45 12.95
C GLY F 212 48.94 21.78 12.42
N GLU F 213 49.79 22.47 11.66
CA GLU F 213 49.50 23.77 11.08
C GLU F 213 48.34 23.77 10.07
N GLU F 214 48.33 22.80 9.13
CA GLU F 214 47.32 22.64 8.07
C GLU F 214 45.93 22.37 8.62
N ALA F 215 45.81 21.41 9.59
CA ALA F 215 44.56 21.03 10.26
C ALA F 215 44.03 22.20 11.08
N GLY F 216 44.94 22.89 11.76
CA GLY F 216 44.62 24.07 12.56
C GLY F 216 44.04 25.19 11.73
N ALA F 217 44.61 25.41 10.52
CA ALA F 217 44.18 26.44 9.58
C ALA F 217 42.82 26.11 8.96
N GLN F 218 42.59 24.83 8.58
CA GLN F 218 41.35 24.31 7.99
C GLN F 218 40.15 24.49 8.93
N ILE F 219 40.29 24.08 10.21
CA ILE F 219 39.23 24.18 11.20
C ILE F 219 38.94 25.65 11.53
N GLN F 220 40.01 26.51 11.58
CA GLN F 220 39.86 27.96 11.81
C GLN F 220 39.03 28.56 10.68
N LEU F 221 39.29 28.15 9.42
CA LEU F 221 38.55 28.58 8.23
C LEU F 221 37.08 28.17 8.32
N LEU F 222 36.80 26.91 8.73
CA LEU F 222 35.45 26.37 8.91
C LEU F 222 34.64 27.12 9.98
N GLU F 223 35.25 27.40 11.15
CA GLU F 223 34.63 28.13 12.27
C GLU F 223 34.41 29.62 11.93
N GLU F 224 35.40 30.27 11.28
CA GLU F 224 35.29 31.69 10.90
C GLU F 224 34.20 31.87 9.84
N GLY F 225 34.13 30.94 8.90
CA GLY F 225 33.13 30.95 7.83
C GLY F 225 31.72 30.77 8.36
N TRP F 226 31.57 29.99 9.44
CA TRP F 226 30.28 29.72 10.08
C TRP F 226 29.64 30.98 10.66
N ASP F 227 30.41 31.72 11.49
CA ASP F 227 29.98 32.99 12.10
C ASP F 227 29.64 34.01 11.00
N GLN F 228 30.45 34.04 9.91
CA GLN F 228 30.27 34.92 8.75
C GLN F 228 28.99 34.60 7.97
N ARG F 229 28.67 33.29 7.79
CA ARG F 229 27.47 32.80 7.06
C ARG F 229 26.21 32.95 7.91
N ALA F 230 26.31 32.71 9.23
CA ALA F 230 25.19 32.81 10.17
C ALA F 230 24.58 34.21 10.25
N PRO F 231 23.33 34.43 9.76
CA PRO F 231 22.74 35.79 9.83
C PRO F 231 22.72 36.41 11.23
N ILE F 232 22.55 35.57 12.26
CA ILE F 232 22.54 35.99 13.67
C ILE F 232 23.89 35.72 14.36
N GLY F 233 24.90 35.35 13.56
CA GLY F 233 26.23 35.04 14.07
C GLY F 233 26.30 33.69 14.74
N TRP F 234 27.52 33.24 15.04
CA TRP F 234 27.75 31.96 15.69
C TRP F 234 28.88 32.03 16.71
N ASN F 235 28.55 31.71 17.97
CA ASN F 235 29.49 31.66 19.09
C ASN F 235 29.82 30.19 19.41
N MET F 236 31.00 29.73 18.94
CA MET F 236 31.51 28.37 19.13
C MET F 236 31.77 28.00 20.59
N LYS F 237 32.03 29.00 21.45
CA LYS F 237 32.31 28.82 22.89
C LYS F 237 31.01 28.73 23.73
N ASP F 238 29.83 28.82 23.09
CA ASP F 238 28.55 28.74 23.78
C ASP F 238 27.66 27.61 23.28
N ALA F 239 27.48 26.58 24.12
CA ALA F 239 26.67 25.40 23.82
C ALA F 239 25.21 25.53 24.26
N THR F 240 24.88 26.57 25.08
CA THR F 240 23.52 26.76 25.60
C THR F 240 22.47 27.00 24.48
N PRO F 241 22.70 27.73 23.34
CA PRO F 241 21.62 27.83 22.33
C PRO F 241 21.24 26.49 21.70
N VAL F 242 22.21 25.56 21.57
CA VAL F 242 21.93 24.23 21.03
C VAL F 242 21.24 23.37 22.12
N ALA F 243 21.60 23.56 23.41
CA ALA F 243 21.01 22.85 24.55
C ALA F 243 19.53 23.17 24.72
N LYS F 244 19.15 24.44 24.47
CA LYS F 244 17.78 24.95 24.55
C LYS F 244 16.92 24.39 23.40
N THR F 245 17.53 24.21 22.21
CA THR F 245 16.88 23.63 21.01
C THR F 245 16.51 22.17 21.30
N VAL F 246 17.42 21.42 21.93
CA VAL F 246 17.17 20.03 22.32
C VAL F 246 15.97 19.99 23.30
N CYS F 247 15.97 20.91 24.28
CA CYS F 247 14.89 21.01 25.26
C CYS F 247 13.55 21.41 24.61
N ALA F 248 13.59 22.26 23.55
CA ALA F 248 12.39 22.64 22.79
C ALA F 248 11.80 21.40 22.12
N LEU F 249 12.67 20.49 21.60
CA LEU F 249 12.24 19.24 20.99
C LEU F 249 11.73 18.23 22.04
N LEU F 250 12.27 18.28 23.26
CA LEU F 250 11.83 17.39 24.35
C LEU F 250 10.47 17.84 24.93
N SER F 251 10.11 19.11 24.71
CA SER F 251 8.85 19.69 25.18
C SER F 251 7.67 19.28 24.28
N ASP F 252 6.47 19.76 24.63
CA ASP F 252 5.24 19.49 23.87
C ASP F 252 5.00 20.62 22.85
N TRP F 253 5.98 21.51 22.65
CA TRP F 253 5.84 22.69 21.78
C TRP F 253 6.20 22.47 20.29
N LEU F 254 6.70 21.25 19.95
CA LEU F 254 6.96 20.84 18.55
C LEU F 254 6.28 19.45 18.42
N PRO F 255 4.94 19.34 18.55
CA PRO F 255 4.33 18.00 18.59
C PRO F 255 4.09 17.32 17.26
N ALA F 256 4.21 18.06 16.13
CA ALA F 256 3.99 17.48 14.81
C ALA F 256 5.30 17.33 14.02
N THR F 257 6.44 17.41 14.72
CA THR F 257 7.77 17.28 14.09
C THR F 257 8.37 15.92 14.41
N THR F 258 8.64 15.10 13.37
CA THR F 258 9.28 13.78 13.49
C THR F 258 10.11 13.47 12.27
N GLY F 259 11.11 12.59 12.46
CA GLY F 259 12.08 12.13 11.47
C GLY F 259 12.84 13.26 10.83
N ASP F 260 12.84 14.41 11.53
CA ASP F 260 13.40 15.64 11.04
C ASP F 260 14.70 16.07 11.68
N ILE F 261 15.28 17.14 11.13
CA ILE F 261 16.51 17.76 11.56
C ILE F 261 16.21 19.22 11.84
N ILE F 262 16.55 19.69 13.04
CA ILE F 262 16.38 21.09 13.44
C ILE F 262 17.78 21.68 13.47
N TYR F 263 18.00 22.77 12.75
CA TYR F 263 19.31 23.38 12.67
C TYR F 263 19.50 24.49 13.69
N ALA F 264 20.38 24.24 14.66
CA ALA F 264 20.76 25.20 15.70
C ALA F 264 22.21 25.56 15.36
N ASP F 265 22.41 26.23 14.20
CA ASP F 265 23.73 26.60 13.68
C ASP F 265 23.82 28.09 13.25
N GLY F 266 22.96 28.93 13.83
CA GLY F 266 22.90 30.36 13.56
C GLY F 266 22.33 30.76 12.21
N GLY F 267 21.82 29.80 11.46
CA GLY F 267 21.28 30.01 10.12
C GLY F 267 22.28 29.86 8.99
N ALA F 268 23.53 29.43 9.32
CA ALA F 268 24.67 29.23 8.38
C ALA F 268 24.42 28.30 7.20
N HIS F 269 23.68 27.20 7.42
CA HIS F 269 23.36 26.22 6.36
C HIS F 269 22.40 26.76 5.26
N THR F 270 21.72 27.90 5.52
CA THR F 270 20.77 28.52 4.58
C THR F 270 21.44 29.63 3.76
N GLN F 271 22.74 29.86 4.02
CA GLN F 271 23.52 30.92 3.41
C GLN F 271 24.73 30.41 2.66
N LEU F 272 24.92 30.85 1.42
CA LEU F 272 26.06 30.45 0.60
C LEU F 272 27.30 31.25 1.03
N LEU F 273 27.14 32.57 1.16
CA LEU F 273 28.18 33.53 1.56
C LEU F 273 27.60 34.58 2.52
C I4I G . -47.35 -9.20 14.19
N I4I G . -47.54 -10.10 12.10
O I4I G . -46.98 -10.23 14.77
CA I4I G . -48.31 -9.23 12.99
CB I4I G . -49.72 -9.76 13.27
CAA I4I G . -53.91 -8.13 15.76
CAB I4I G . -52.38 -9.22 17.39
CAD I4I G . -48.22 -5.89 18.35
OAE I4I G . -47.46 -8.89 10.17
OAG I4I G . -49.12 -6.14 15.16
OAH I4I G . -51.87 -8.03 13.44
OAI I4I G . -46.28 -12.48 12.06
OAJ I4I G . -46.68 -5.29 15.82
CAK I4I G . -43.95 -8.38 11.48
CAL I4I G . -44.27 -12.52 9.02
CAM I4I G . -43.41 -9.64 11.78
CAN I4I G . -44.68 -11.27 8.44
CAO I4I G . -44.33 -7.53 12.51
CAP I4I G . -44.86 -12.96 10.21
CAQ I4I G . -43.61 -9.24 14.05
CAR I4I G . -44.62 -7.11 14.98
NAS I4I G . -43.25 -10.09 13.03
NAT I4I G . -45.63 -10.50 9.04
NAV I4I G . -46.87 -7.94 14.50
OAX I4I G . -50.20 -7.51 16.59
CAY I4I G . -47.11 -9.88 10.81
CBA I4I G . -49.11 -6.75 16.22
CBB I4I G . -51.21 -8.21 14.43
CBC I4I G . -44.16 -7.96 13.83
CBD I4I G . -45.82 -12.15 10.84
CBE I4I G . -46.20 -10.91 10.23
CBF I4I G . -52.66 -7.95 16.62
CBH I4I G . -47.91 -6.85 17.18
CBI I4I G . -46.57 -6.52 16.52
CBJ I4I G . -45.94 -7.61 15.57
CBL I4I G . -51.44 -7.51 15.78
OG1 I4I G . -50.13 -9.03 14.44
CG2 I4I G . -49.80 -11.23 13.64
C I4I H . -13.08 -18.33 28.15
N I4I H . -11.85 -16.39 28.31
O I4I H . -14.07 -17.90 28.72
CA I4I H . -11.67 -17.83 28.52
CB I4I H . -11.16 -18.17 29.92
CAA I4I H . -12.17 -22.17 32.73
CAB I4I H . -11.86 -24.25 31.37
CAD I4I H . -14.41 -23.51 27.89
OAE I4I H . -10.02 -15.89 27.03
OAG I4I H . -11.63 -21.70 27.64
OAH I4I H . -9.59 -20.25 31.06
OAI I4I H . -13.46 -14.30 28.95
OAJ I4I H . -13.39 -21.86 25.61
CAK I4I H . -13.16 -15.74 24.76
CAL I4I H . -12.56 -11.63 26.63
CAM I4I H . -14.21 -14.99 25.32
CAN I4I H . -11.39 -12.21 26.07
CAO I4I H . -13.32 -17.14 24.62
CAP I4I H . -13.24 -12.33 27.63
CAQ I4I H . -15.52 -16.91 25.64
CAR I4I H . -14.61 -19.23 25.11
NAS I4I H . -15.37 -15.55 25.78
NAT I4I H . -10.91 -13.41 26.46
NAV I4I H . -13.16 -19.21 27.08
OAX I4I H . -12.52 -22.04 29.72
CAY I4I H . -11.07 -15.54 27.56
CBA I4I H . -12.62 -21.91 28.35
CBB I4I H . -10.65 -20.55 30.53
CBC I4I H . -14.50 -17.74 25.07
CBD I4I H . -12.77 -13.59 28.05
CBE I4I H . -11.59 -14.12 27.45
CBF I4I H . -11.33 -22.85 31.67
CBH I4I H . -14.09 -22.00 27.91
CBI I4I H . -14.34 -21.34 26.54
CBJ I4I H . -14.38 -19.77 26.54
CBL I4I H . -11.25 -22.01 30.39
OG1 I4I H . -11.46 -19.60 29.98
CG2 I4I H . -11.87 -17.48 31.06
PA NAD I . -20.39 -21.04 -31.32
O1A NAD I . -21.11 -21.27 -32.58
O2A NAD I . -21.39 -20.63 -30.21
O5B NAD I . -19.26 -19.86 -31.40
C5B NAD I . -19.62 -18.58 -31.96
C4B NAD I . -19.20 -17.50 -30.99
O4B NAD I . -18.43 -16.50 -31.68
C3B NAD I . -20.35 -16.77 -30.30
O3B NAD I . -20.07 -16.59 -28.92
C2B NAD I . -20.43 -15.45 -31.06
O2B NAD I . -20.91 -14.39 -30.22
C1B NAD I . -18.97 -15.23 -31.44
N9A NAD I . -18.77 -14.40 -32.63
C8A NAD I . -19.14 -14.69 -33.92
N7A NAD I . -18.82 -13.77 -34.79
C5A NAD I . -18.19 -12.79 -34.02
C6A NAD I . -17.57 -11.57 -34.35
N6A NAD I . -17.49 -11.09 -35.59
N1A NAD I . -17.01 -10.85 -33.34
C2A NAD I . -17.07 -11.34 -32.10
N3A NAD I . -17.62 -12.48 -31.67
C4A NAD I . -18.17 -13.17 -32.68
O3 NAD I . -19.67 -22.39 -30.85
PN NAD I . -18.96 -22.80 -29.48
O1N NAD I . -18.56 -24.22 -29.54
O2N NAD I . -19.77 -22.32 -28.35
O5D NAD I . -17.67 -21.85 -29.54
C5D NAD I . -16.63 -21.95 -28.55
C4D NAD I . -15.37 -22.47 -29.20
O4D NAD I . -15.26 -23.90 -29.01
C3D NAD I . -15.25 -22.21 -30.71
O3D NAD I . -14.06 -21.50 -31.01
C2D NAD I . -15.28 -23.62 -31.31
O2D NAD I . -14.52 -23.67 -32.52
C1D NAD I . -14.72 -24.44 -30.15
N1N NAD I . -14.98 -25.97 -30.16
C2N NAD I . -16.24 -26.43 -30.39
C3N NAD I . -16.48 -27.79 -30.57
C7N NAD I . -17.87 -28.32 -30.87
O7N NAD I . -18.02 -29.54 -31.15
N7N NAD I . -18.90 -27.46 -30.87
C4N NAD I . -15.41 -28.67 -30.48
C5N NAD I . -14.14 -28.19 -30.21
C6N NAD I . -13.94 -26.83 -30.05
PA NAD J . 22.34 36.80 -21.26
O1A NAD J . 22.36 38.28 -21.25
O2A NAD J . 23.07 36.25 -22.46
O5B NAD J . 20.85 36.10 -21.31
C5B NAD J . 19.66 36.76 -20.87
C4B NAD J . 18.73 36.85 -22.06
O4B NAD J . 17.41 37.21 -21.61
C3B NAD J . 19.11 37.89 -23.12
O3B NAD J . 19.55 37.26 -24.32
C2B NAD J . 17.80 38.67 -23.38
O2B NAD J . 17.53 38.85 -24.76
C1B NAD J . 16.77 37.75 -22.75
N9A NAD J . 15.51 38.38 -22.34
C8A NAD J . 15.32 39.40 -21.46
N7A NAD J . 14.10 39.85 -21.42
C5A NAD J . 13.42 39.06 -22.34
C6A NAD J . 12.09 39.06 -22.81
N6A NAD J . 11.13 39.84 -22.30
N1A NAD J . 11.75 38.17 -23.76
C2A NAD J . 12.68 37.30 -24.20
N3A NAD J . 13.96 37.21 -23.83
C4A NAD J . 14.28 38.14 -22.91
O3 NAD J . 23.08 36.24 -19.97
PN NAD J . 23.22 34.78 -19.31
O1N NAD J . 23.83 34.98 -17.97
O2N NAD J . 23.86 33.86 -20.27
O5D NAD J . 21.68 34.36 -19.17
C5D NAD J . 21.13 33.17 -19.77
C4D NAD J . 20.43 32.36 -18.71
O4D NAD J . 21.41 31.68 -17.89
C3D NAD J . 19.56 33.17 -17.73
O3D NAD J . 18.35 32.49 -17.45
C2D NAD J . 20.47 33.29 -16.50
O2D NAD J . 19.75 33.61 -15.31
C1D NAD J . 21.13 31.91 -16.54
N1N NAD J . 22.41 31.71 -15.70
C2N NAD J . 23.48 32.55 -15.87
C3N NAD J . 24.61 32.42 -15.07
C7N NAD J . 25.79 33.36 -15.18
O7N NAD J . 26.60 33.41 -14.25
N7N NAD J . 25.83 34.20 -16.22
C4N NAD J . 24.66 31.37 -14.16
C5N NAD J . 23.59 30.51 -14.04
C6N NAD J . 22.46 30.70 -14.81
PA NAD K . 22.79 -6.81 -8.61
O1A NAD K . 22.12 -7.86 -7.81
O2A NAD K . 23.38 -7.45 -9.88
O5B NAD K . 24.00 -6.02 -7.83
C5B NAD K . 24.67 -6.55 -6.67
C4B NAD K . 26.08 -6.92 -7.07
O4B NAD K . 26.96 -6.82 -5.93
C3B NAD K . 26.26 -8.32 -7.65
O3B NAD K . 26.54 -8.23 -9.03
C2B NAD K . 27.44 -8.91 -6.83
O2B NAD K . 28.41 -9.60 -7.62
C1B NAD K . 28.05 -7.67 -6.19
N9A NAD K . 28.77 -7.91 -4.94
C8A NAD K . 28.26 -8.34 -3.74
N7A NAD K . 29.16 -8.50 -2.80
C5A NAD K . 30.35 -8.15 -3.42
C6A NAD K . 31.68 -8.07 -2.96
N6A NAD K . 32.06 -8.43 -1.74
N1A NAD K . 32.62 -7.63 -3.84
C2A NAD K . 32.25 -7.28 -5.06
N3A NAD K . 31.03 -7.32 -5.62
C4A NAD K . 30.12 -7.77 -4.73
O3 NAD K . 21.72 -5.72 -9.09
PN NAD K . 21.78 -4.58 -10.21
O1N NAD K . 20.44 -4.39 -10.79
O2N NAD K . 22.92 -4.86 -11.12
O5D NAD K . 22.14 -3.30 -9.33
C5D NAD K . 23.52 -2.93 -9.08
C4D NAD K . 23.54 -1.74 -8.16
O4D NAD K . 22.49 -0.83 -8.53
C3D NAD K . 23.39 -2.04 -6.67
O3D NAD K . 24.32 -1.29 -5.89
C2D NAD K . 21.96 -1.58 -6.38
O2D NAD K . 21.81 -1.19 -5.01
C1D NAD K . 21.79 -0.43 -7.37
N1N NAD K . 20.33 -0.09 -7.78
C2N NAD K . 19.57 -1.14 -8.19
C3N NAD K . 18.19 -0.99 -8.32
C7N NAD K . 17.34 -2.20 -8.63
O7N NAD K . 16.11 -2.08 -8.65
N7N NAD K . 17.96 -3.38 -8.80
C4N NAD K . 17.64 0.26 -8.10
C5N NAD K . 18.44 1.33 -7.74
C6N NAD K . 19.80 1.13 -7.58
C I4I L . 31.41 17.21 16.18
N I4I L . 31.03 15.54 17.77
O I4I L . 30.74 16.69 15.28
CA I4I L . 32.14 16.36 17.24
CB I4I L . 33.32 15.51 16.76
CAA I4I L . 38.25 16.63 14.99
CAB I4I L . 36.47 16.33 13.23
CAD I4I L . 33.73 20.80 13.02
OAE I4I L . 31.27 15.79 20.06
OAG I4I L . 34.34 19.78 16.14
OAH I4I L . 35.93 16.53 17.40
OAI I4I L . 29.20 13.66 17.03
OAJ I4I L . 32.36 21.50 15.63
CAK I4I L . 28.35 18.01 18.97
CAL I4I L . 26.83 13.53 19.82
CAM I4I L . 27.27 17.44 18.25
CAN I4I L . 27.63 14.18 20.80
CAO I4I L . 29.16 18.96 18.32
CAP I4I L . 27.35 13.34 18.54
CAQ I4I L . 27.73 18.72 16.34
CAR I4I L . 29.76 20.27 16.19
NAS I4I L . 26.95 17.79 16.96
NAT I4I L . 28.86 14.67 20.55
NAV I4I L . 31.53 18.58 16.31
OAX I4I L . 34.94 18.41 14.48
CAY I4I L . 30.64 15.33 19.09
CBA I4I L . 34.16 19.41 15.00
CBB I4I L . 35.40 16.84 16.33
CBC I4I L . 28.86 19.33 16.97
CBD I4I L . 28.65 13.84 18.26
CBE I4I L . 29.39 14.52 19.28
CBF I4I L . 37.06 17.28 14.26
CBH I4I L . 33.07 19.86 14.02
CBI I4I L . 31.87 20.50 14.74
CBJ I4I L . 30.86 19.51 15.42
CBL I4I L . 36.00 17.81 15.24
OG1 I4I L . 34.14 16.41 15.98
CG2 I4I L . 32.94 14.33 15.89
#